data_1IVS
#
_entry.id   1IVS
#
_cell.length_a   411.810
_cell.length_b   411.810
_cell.length_c   81.970
_cell.angle_alpha   90.00
_cell.angle_beta   90.00
_cell.angle_gamma   90.00
#
_symmetry.space_group_name_H-M   'P 42 21 2'
#
loop_
_entity.id
_entity.type
_entity.pdbx_description
1 polymer 'tRNA (Val)'
2 polymer 'Valyl-tRNA synthetase'
3 non-polymer "N-[VALINYL]-N'-[ADENOSYL]-DIAMINOSUFONE"
4 water water
#
loop_
_entity_poly.entity_id
_entity_poly.type
_entity_poly.pdbx_seq_one_letter_code
_entity_poly.pdbx_strand_id
1 'polyribonucleotide' GGGCGGCUAGCUCAGCGGAAGAGCGCUCGCCUCACACGCGAGAGGUCGUAGGUUCAAGUCCUACGCCGCCCACCA C,D
2 'polypeptide(L)'
;MDLPKAYDPKSVEPKWAEKWAKNPFVANPKSGKPPFVIFMPPPNVTGSLHMGHALDNSLQDALIRYKRMRGFEAVWLPGT
DHAGIATQVVVERLLLKEGKTRHDLGREKFLERVWQWKEESGGTILKQLKRLGASADWSREAFTMDEKRSRAVRYAFSRY
YHEGLAYRAPRLVNWCPRCETTLSDLEVETEPTPGKLYTLRYEVEGGGFIEIATVRPETVFADQAIAVHPEDERYRHLLG
KRARIPLTEVWIPILADPAVEKDFGTGALKVTPAHDPLDYEIGERHGLKPVSVINLEGRMEGERVPEALRGLDRFEARRK
AVELFREAGHLVKEEDYTIALATCSRCGTPIEYAIFPQWWLRMRPLAEEVLKGLRRGDIAFVPERWKKVNMDWLENVKDW
NISRQLWWGHQIPAWYCEDCQAVNVPRPERYLEDPTSCEACGSPRLKRDEDVFDTWFSSALWPLSTLGWPEETEDLKAFY
PGDVLVTGYDILFLWVSRMEVSGYHFMGERPFKTVLLHGLVLDEKGQKMSKSKGNVIDPLEMVERYGADALRFALIYLAT
GGQDIRLDLRWLEMARNFANKLYNAARFVLLSREGFQAKEDTPTLADRFMRSRLSRGVEEITALYEALDLAQAAREVYEL
VWSEFCDWYLEAAKPALKAGNAHTLRTLEEVLAVLLKLLHPMMPFLTSELYQALTGKEELALEAWPEPGGRDEEAERAFE
ALKQAVTAVRALKAEAGLPPAQEVRVYLEGETAPVEENLEVFRFLSRADLLPERPAKALVKAMPRVTARMPLEGLLDVEE
WRRRQEKRLKELLALAERSQRKLASPGFREKAPKEVVEAEEARLKENLEQAERIREALSQIG
;
A,B
#
# COMPACT_ATOMS: atom_id res chain seq x y z
N MET C 1 42.48 38.30 21.47
CA MET C 1 41.30 37.64 22.13
C MET C 1 41.61 37.33 23.59
N ASP C 2 40.60 37.43 24.45
CA ASP C 2 40.82 37.17 25.87
C ASP C 2 39.96 36.01 26.42
N LEU C 3 39.62 35.08 25.55
CA LEU C 3 38.82 33.90 25.86
C LEU C 3 38.38 33.53 27.30
N PRO C 4 37.40 34.24 27.88
CA PRO C 4 36.96 33.90 29.24
C PRO C 4 35.88 32.82 29.05
N LYS C 5 35.10 32.55 30.08
CA LYS C 5 34.07 31.50 29.99
C LYS C 5 32.82 31.98 29.25
N ALA C 6 32.38 33.21 29.56
CA ALA C 6 31.22 33.80 28.93
C ALA C 6 31.62 35.06 28.15
N TYR C 7 30.90 35.33 27.07
CA TYR C 7 31.20 36.47 26.22
C TYR C 7 30.65 37.75 26.80
N ASP C 8 31.52 38.76 26.93
CA ASP C 8 31.08 40.06 27.41
C ASP C 8 31.15 41.02 26.22
N PRO C 9 29.99 41.40 25.67
CA PRO C 9 29.94 42.31 24.52
C PRO C 9 30.66 43.62 24.83
N LYS C 10 30.50 44.11 26.06
CA LYS C 10 31.13 45.36 26.48
C LYS C 10 32.65 45.39 26.35
N SER C 11 33.28 44.23 26.21
CA SER C 11 34.72 44.20 26.06
C SER C 11 35.07 44.15 24.57
N VAL C 12 34.05 44.12 23.74
CA VAL C 12 34.30 44.02 22.32
C VAL C 12 33.67 45.10 21.48
N GLU C 13 32.35 45.20 21.54
CA GLU C 13 31.63 46.17 20.72
C GLU C 13 32.20 47.58 20.72
N PRO C 14 32.24 48.24 21.89
CA PRO C 14 32.75 49.61 21.98
C PRO C 14 34.06 49.90 21.26
N LYS C 15 35.02 48.98 21.32
CA LYS C 15 36.28 49.25 20.64
C LYS C 15 36.10 49.21 19.13
N TRP C 16 35.28 48.28 18.64
CA TRP C 16 35.07 48.20 17.20
C TRP C 16 34.17 49.33 16.73
N ALA C 17 33.21 49.69 17.57
CA ALA C 17 32.27 50.76 17.25
C ALA C 17 33.08 51.99 16.93
N GLU C 18 34.03 52.28 17.80
CA GLU C 18 34.88 53.44 17.63
C GLU C 18 35.74 53.31 16.40
N LYS C 19 36.40 52.17 16.25
CA LYS C 19 37.26 51.95 15.10
C LYS C 19 36.50 52.23 13.79
N TRP C 20 35.24 51.82 13.72
CA TRP C 20 34.44 52.04 12.52
C TRP C 20 33.94 53.47 12.42
N ALA C 21 33.68 54.07 13.58
CA ALA C 21 33.19 55.45 13.63
C ALA C 21 34.25 56.37 13.02
N LYS C 22 35.37 56.49 13.72
CA LYS C 22 36.49 57.32 13.29
C LYS C 22 37.01 57.02 11.89
N ASN C 23 36.65 55.89 11.29
CA ASN C 23 37.13 55.57 9.96
C ASN C 23 36.09 54.90 9.08
N PRO C 24 35.10 55.67 8.66
CA PRO C 24 33.95 55.30 7.81
C PRO C 24 34.30 54.47 6.60
N PHE C 25 33.31 53.79 6.06
CA PHE C 25 33.53 52.99 4.87
C PHE C 25 33.12 53.87 3.71
N VAL C 26 33.90 54.92 3.46
CA VAL C 26 33.62 55.89 2.39
C VAL C 26 33.45 55.33 0.99
N ALA C 27 32.43 55.84 0.30
CA ALA C 27 32.10 55.40 -1.05
C ALA C 27 32.89 56.12 -2.14
N ASN C 28 33.20 55.41 -3.21
CA ASN C 28 33.94 55.98 -4.32
C ASN C 28 33.15 55.82 -5.62
N PRO C 29 32.62 56.93 -6.14
CA PRO C 29 31.84 56.95 -7.38
C PRO C 29 32.58 56.29 -8.55
N LYS C 30 33.90 56.44 -8.57
CA LYS C 30 34.73 55.86 -9.62
C LYS C 30 35.40 54.57 -9.18
N SER C 31 34.75 53.87 -8.26
CA SER C 31 35.25 52.60 -7.76
C SER C 31 35.30 51.58 -8.88
N GLY C 32 34.59 51.85 -9.97
CA GLY C 32 34.61 50.91 -11.06
C GLY C 32 34.19 49.52 -10.59
N LYS C 33 33.33 49.50 -9.56
CA LYS C 33 32.81 48.27 -8.96
C LYS C 33 31.29 48.52 -8.87
N PRO C 34 30.45 47.51 -9.23
CA PRO C 34 28.98 47.67 -9.17
C PRO C 34 28.50 48.33 -7.89
N PRO C 35 27.68 49.39 -8.01
CA PRO C 35 27.23 50.02 -6.76
C PRO C 35 25.96 49.40 -6.21
N PHE C 36 25.70 49.70 -4.95
CA PHE C 36 24.51 49.24 -4.23
C PHE C 36 24.19 50.45 -3.36
N VAL C 37 23.00 51.03 -3.55
CA VAL C 37 22.67 52.21 -2.78
C VAL C 37 21.42 52.10 -1.93
N ILE C 38 21.51 52.75 -0.78
CA ILE C 38 20.42 52.77 0.20
C ILE C 38 20.39 54.13 0.85
N PHE C 39 19.24 54.81 0.75
CA PHE C 39 19.13 56.12 1.39
C PHE C 39 18.57 55.84 2.75
N MET C 40 19.29 56.20 3.79
CA MET C 40 18.78 55.95 5.12
C MET C 40 17.68 56.93 5.41
N PRO C 41 16.55 56.45 5.92
CA PRO C 41 15.46 57.39 6.23
C PRO C 41 15.98 58.17 7.44
N PRO C 42 16.21 59.47 7.28
CA PRO C 42 16.71 60.34 8.34
C PRO C 42 15.86 60.51 9.60
N PRO C 43 16.35 60.02 10.74
CA PRO C 43 15.65 60.12 12.02
C PRO C 43 15.32 61.59 12.41
N ASN C 44 14.10 61.85 12.86
CA ASN C 44 13.73 63.21 13.25
C ASN C 44 14.55 63.69 14.45
N VAL C 45 15.01 64.93 14.37
CA VAL C 45 15.82 65.53 15.43
C VAL C 45 15.02 65.79 16.70
N THR C 46 14.18 64.83 17.06
CA THR C 46 13.37 64.95 18.26
C THR C 46 13.77 63.82 19.19
N GLY C 47 14.52 64.17 20.23
CA GLY C 47 14.98 63.17 21.19
C GLY C 47 15.91 62.10 20.63
N SER C 48 15.88 60.92 21.24
CA SER C 48 16.74 59.83 20.81
C SER C 48 16.04 58.91 19.85
N LEU C 49 16.66 57.77 19.59
CA LEU C 49 16.08 56.77 18.71
C LEU C 49 15.43 55.71 19.60
N HIS C 50 14.60 54.86 19.04
CA HIS C 50 13.96 53.83 19.84
C HIS C 50 14.07 52.54 19.07
N MET C 51 13.71 51.44 19.72
CA MET C 51 13.85 50.15 19.09
C MET C 51 13.35 50.07 17.66
N GLY C 52 12.47 50.98 17.27
CA GLY C 52 11.96 50.95 15.91
C GLY C 52 13.07 51.27 14.92
N HIS C 53 13.69 52.41 15.12
CA HIS C 53 14.79 52.85 14.29
C HIS C 53 15.78 51.70 14.19
N ALA C 54 16.07 51.09 15.34
CA ALA C 54 17.02 49.99 15.42
C ALA C 54 16.70 48.89 14.44
N LEU C 55 15.42 48.51 14.37
CA LEU C 55 15.02 47.46 13.44
C LEU C 55 15.28 47.93 12.03
N ASP C 56 14.89 49.17 11.78
CA ASP C 56 15.03 49.81 10.49
C ASP C 56 16.47 49.87 9.96
N ASN C 57 17.38 50.40 10.76
CA ASN C 57 18.78 50.50 10.35
C ASN C 57 19.51 49.16 10.39
N SER C 58 19.19 48.35 11.40
CA SER C 58 19.78 47.03 11.52
C SER C 58 19.53 46.27 10.21
N LEU C 59 18.31 46.34 9.69
CA LEU C 59 18.00 45.68 8.41
C LEU C 59 18.85 46.28 7.27
N GLN C 60 18.93 47.61 7.22
CA GLN C 60 19.71 48.29 6.20
C GLN C 60 21.17 47.86 6.27
N ASP C 61 21.77 47.99 7.45
CA ASP C 61 23.16 47.63 7.61
C ASP C 61 23.41 46.22 7.08
N ALA C 62 22.66 45.25 7.57
CA ALA C 62 22.85 43.87 7.12
C ALA C 62 22.90 43.72 5.61
N LEU C 63 22.17 44.58 4.88
CA LEU C 63 22.14 44.56 3.42
C LEU C 63 23.41 45.23 2.88
N ILE C 64 23.75 46.35 3.50
CA ILE C 64 24.93 47.06 3.10
C ILE C 64 26.12 46.10 3.24
N ARG C 65 26.32 45.56 4.45
CA ARG C 65 27.43 44.65 4.72
C ARG C 65 27.49 43.45 3.82
N TYR C 66 26.33 42.85 3.57
CA TYR C 66 26.25 41.70 2.70
C TYR C 66 26.73 42.08 1.32
N LYS C 67 26.07 43.09 0.75
CA LYS C 67 26.39 43.57 -0.59
C LYS C 67 27.87 43.95 -0.68
N ARG C 68 28.35 44.69 0.30
CA ARG C 68 29.75 45.09 0.30
C ARG C 68 30.61 43.84 0.16
N MET C 69 30.66 43.02 1.20
CA MET C 69 31.49 41.83 1.12
C MET C 69 30.98 40.87 0.05
N ARG C 70 29.98 41.30 -0.70
CA ARG C 70 29.46 40.46 -1.77
C ARG C 70 30.07 40.93 -3.09
N GLY C 71 30.81 42.05 -3.01
CA GLY C 71 31.48 42.59 -4.19
C GLY C 71 31.08 43.96 -4.74
N PHE C 72 30.13 44.64 -4.10
CA PHE C 72 29.65 45.94 -4.59
C PHE C 72 30.20 47.16 -3.84
N GLU C 73 29.83 48.33 -4.33
CA GLU C 73 30.23 49.56 -3.69
C GLU C 73 29.02 49.93 -2.83
N ALA C 74 29.10 49.48 -1.59
CA ALA C 74 28.05 49.71 -0.64
C ALA C 74 28.02 51.17 -0.26
N VAL C 75 26.95 51.84 -0.66
CA VAL C 75 26.77 53.24 -0.37
C VAL C 75 25.51 53.41 0.45
N TRP C 76 25.68 53.82 1.70
CA TRP C 76 24.55 54.02 2.60
C TRP C 76 24.64 55.46 3.08
N LEU C 77 23.75 56.30 2.57
CA LEU C 77 23.77 57.73 2.92
C LEU C 77 23.04 58.01 4.20
N PRO C 78 23.77 58.33 5.27
CA PRO C 78 23.11 58.63 6.55
C PRO C 78 22.62 60.06 6.57
N GLY C 79 21.87 60.42 7.60
CA GLY C 79 21.38 61.79 7.74
C GLY C 79 20.27 61.92 8.75
N THR C 80 20.06 63.13 9.25
CA THR C 80 18.99 63.37 10.22
C THR C 80 17.99 64.37 9.63
N ASP C 81 16.71 64.25 9.99
CA ASP C 81 15.69 65.16 9.48
C ASP C 81 15.30 66.22 10.52
N HIS C 82 15.24 67.49 10.11
CA HIS C 82 14.92 68.58 11.03
C HIS C 82 13.55 68.44 11.63
N ALA C 83 12.71 67.60 11.03
CA ALA C 83 11.36 67.31 11.53
C ALA C 83 10.32 68.41 11.44
N GLY C 84 10.76 69.64 11.22
CA GLY C 84 9.84 70.76 11.12
C GLY C 84 8.86 70.86 12.28
N ILE C 85 7.57 70.74 11.94
CA ILE C 85 6.48 70.81 12.93
C ILE C 85 6.87 70.06 14.21
N ALA C 86 7.39 68.85 14.03
CA ALA C 86 7.79 68.00 15.14
C ALA C 86 8.71 68.72 16.09
N THR C 87 9.98 68.82 15.72
CA THR C 87 10.99 69.48 16.55
C THR C 87 10.45 70.73 17.22
N GLN C 88 9.72 71.52 16.43
CA GLN C 88 9.12 72.75 16.91
C GLN C 88 8.46 72.49 18.28
N VAL C 89 7.43 71.65 18.26
CA VAL C 89 6.69 71.28 19.46
C VAL C 89 7.61 70.81 20.56
N VAL C 90 8.58 69.99 20.20
CA VAL C 90 9.51 69.45 21.16
C VAL C 90 10.26 70.51 21.96
N VAL C 91 10.86 71.45 21.25
CA VAL C 91 11.64 72.51 21.87
C VAL C 91 10.76 73.46 22.65
N GLU C 92 9.52 73.60 22.18
CA GLU C 92 8.56 74.47 22.85
C GLU C 92 8.35 73.90 24.24
N ARG C 93 8.09 72.59 24.32
CA ARG C 93 7.87 71.94 25.61
C ARG C 93 9.04 72.10 26.55
N LEU C 94 10.25 71.95 26.03
CA LEU C 94 11.42 72.09 26.88
C LEU C 94 11.44 73.49 27.45
N LEU C 95 11.04 74.46 26.63
CA LEU C 95 11.01 75.85 27.05
C LEU C 95 10.01 76.09 28.18
N LEU C 96 8.74 75.81 27.90
CA LEU C 96 7.69 75.99 28.89
C LEU C 96 8.01 75.27 30.19
N LYS C 97 8.61 74.10 30.07
CA LYS C 97 8.99 73.33 31.23
C LYS C 97 10.18 74.00 31.90
N GLU C 98 10.46 75.24 31.48
CA GLU C 98 11.54 76.04 32.03
C GLU C 98 10.94 77.34 32.56
N GLY C 99 9.95 77.87 31.85
CA GLY C 99 9.30 79.10 32.28
C GLY C 99 8.86 80.03 31.16
N LYS C 100 9.64 80.10 30.08
CA LYS C 100 9.33 80.96 28.94
C LYS C 100 8.91 80.11 27.74
N THR C 101 8.27 80.72 26.75
CA THR C 101 7.84 79.98 25.57
C THR C 101 8.05 80.73 24.27
N ARG C 102 7.88 79.99 23.17
CA ARG C 102 8.06 80.50 21.81
C ARG C 102 7.97 82.02 21.69
N HIS C 103 6.74 82.54 21.75
CA HIS C 103 6.52 83.96 21.62
C HIS C 103 7.29 84.77 22.65
N ASP C 104 7.39 84.25 23.86
CA ASP C 104 8.12 84.94 24.93
C ASP C 104 9.51 85.40 24.51
N LEU C 105 10.13 84.68 23.58
CA LEU C 105 11.47 85.03 23.10
C LEU C 105 11.60 85.10 21.58
N GLY C 106 11.37 86.29 21.03
CA GLY C 106 11.48 86.53 19.60
C GLY C 106 11.31 85.35 18.64
N ARG C 107 11.73 85.57 17.39
CA ARG C 107 11.64 84.54 16.37
C ARG C 107 13.07 84.15 16.07
N GLU C 108 13.99 84.83 16.74
CA GLU C 108 15.41 84.60 16.59
C GLU C 108 15.90 83.84 17.82
N LYS C 109 15.85 84.49 18.97
CA LYS C 109 16.27 83.88 20.22
C LYS C 109 15.77 82.44 20.32
N PHE C 110 14.58 82.22 19.78
CA PHE C 110 13.93 80.90 19.77
C PHE C 110 14.52 80.02 18.68
N LEU C 111 14.61 80.56 17.47
CA LEU C 111 15.17 79.81 16.36
C LEU C 111 16.60 79.39 16.72
N GLU C 112 17.17 80.06 17.72
CA GLU C 112 18.52 79.72 18.19
C GLU C 112 18.39 78.41 18.95
N ARG C 113 17.70 78.50 20.09
CA ARG C 113 17.46 77.35 20.96
C ARG C 113 17.12 76.08 20.21
N VAL C 114 16.44 76.19 19.08
CA VAL C 114 16.09 75.01 18.31
C VAL C 114 17.34 74.37 17.73
N TRP C 115 18.30 75.17 17.27
CA TRP C 115 19.51 74.57 16.72
C TRP C 115 20.28 73.86 17.83
N GLN C 116 20.49 74.53 18.95
CA GLN C 116 21.20 73.88 20.06
C GLN C 116 20.61 72.49 20.25
N TRP C 117 19.29 72.40 20.18
CA TRP C 117 18.63 71.12 20.31
C TRP C 117 18.99 70.24 19.12
N LYS C 118 18.97 70.82 17.92
CA LYS C 118 19.30 70.06 16.71
C LYS C 118 20.63 69.34 16.91
N GLU C 119 21.49 69.91 17.75
CA GLU C 119 22.79 69.33 18.04
C GLU C 119 22.69 68.17 19.01
N GLU C 120 22.03 68.40 20.15
CA GLU C 120 21.88 67.36 21.13
C GLU C 120 21.25 66.14 20.49
N SER C 121 20.04 66.30 19.98
CA SER C 121 19.30 65.23 19.35
C SER C 121 20.05 64.64 18.15
N GLY C 122 20.50 65.49 17.24
CA GLY C 122 21.19 65.01 16.07
C GLY C 122 22.48 64.31 16.41
N GLY C 123 23.07 64.75 17.53
CA GLY C 123 24.33 64.18 17.96
C GLY C 123 24.10 62.81 18.57
N THR C 124 23.15 62.77 19.50
CA THR C 124 22.80 61.54 20.16
C THR C 124 22.44 60.50 19.11
N ILE C 125 21.59 60.85 18.15
CA ILE C 125 21.21 59.89 17.13
C ILE C 125 22.43 59.26 16.48
N LEU C 126 23.43 60.07 16.19
CA LEU C 126 24.61 59.54 15.54
C LEU C 126 25.34 58.50 16.38
N LYS C 127 25.52 58.78 17.67
CA LYS C 127 26.19 57.81 18.54
C LYS C 127 25.42 56.50 18.44
N GLN C 128 24.16 56.55 18.85
CA GLN C 128 23.29 55.39 18.81
C GLN C 128 23.52 54.52 17.58
N LEU C 129 23.47 55.12 16.39
CA LEU C 129 23.68 54.38 15.15
C LEU C 129 25.10 53.80 15.04
N LYS C 130 26.07 54.56 15.56
CA LYS C 130 27.46 54.11 15.51
C LYS C 130 27.58 52.91 16.43
N ARG C 131 27.09 53.06 17.66
CA ARG C 131 27.16 51.99 18.63
C ARG C 131 26.41 50.71 18.15
N LEU C 132 25.41 50.84 17.29
CA LEU C 132 24.70 49.66 16.81
C LEU C 132 25.45 49.07 15.61
N GLY C 133 26.66 49.57 15.38
CA GLY C 133 27.46 49.07 14.29
C GLY C 133 27.00 49.48 12.90
N ALA C 134 26.60 50.74 12.76
CA ALA C 134 26.16 51.21 11.46
C ALA C 134 27.34 51.54 10.54
N SER C 135 27.53 50.73 9.50
CA SER C 135 28.62 50.95 8.57
C SER C 135 28.21 51.97 7.50
N ALA C 136 27.60 53.07 7.95
CA ALA C 136 27.13 54.14 7.07
C ALA C 136 28.25 55.10 6.70
N ASP C 137 28.27 55.51 5.43
CA ASP C 137 29.28 56.45 4.91
C ASP C 137 29.14 57.80 5.59
N TRP C 138 29.57 57.90 6.84
CA TRP C 138 29.45 59.12 7.59
C TRP C 138 30.15 60.29 6.93
N SER C 139 30.86 60.02 5.84
CA SER C 139 31.56 61.10 5.14
C SER C 139 30.52 61.96 4.39
N ARG C 140 29.41 61.34 4.03
CA ARG C 140 28.33 62.00 3.31
C ARG C 140 27.09 62.22 4.16
N GLU C 141 27.26 62.26 5.47
CA GLU C 141 26.11 62.46 6.35
C GLU C 141 25.45 63.73 5.86
N ALA C 142 24.13 63.68 5.73
CA ALA C 142 23.33 64.82 5.28
C ALA C 142 22.40 65.28 6.40
N PHE C 143 21.85 66.48 6.26
CA PHE C 143 20.90 67.02 7.23
C PHE C 143 19.92 67.91 6.49
N THR C 144 18.63 67.55 6.53
CA THR C 144 17.61 68.32 5.81
C THR C 144 17.80 69.83 5.76
N MET C 145 18.35 70.43 6.81
CA MET C 145 18.57 71.86 6.78
C MET C 145 20.02 72.31 6.74
N ASP C 146 20.86 71.58 6.02
CA ASP C 146 22.24 71.99 5.89
C ASP C 146 22.28 72.69 4.52
N GLU C 147 23.26 73.57 4.35
CA GLU C 147 23.39 74.29 3.11
C GLU C 147 23.14 73.42 1.86
N LYS C 148 23.89 72.34 1.68
CA LYS C 148 23.72 71.53 0.48
C LYS C 148 22.30 71.02 0.24
N ARG C 149 21.52 70.88 1.32
CA ARG C 149 20.15 70.37 1.21
C ARG C 149 19.10 71.45 1.13
N SER C 150 19.35 72.58 1.77
CA SER C 150 18.41 73.70 1.73
C SER C 150 18.37 74.17 0.27
N ARG C 151 19.45 73.93 -0.46
CA ARG C 151 19.50 74.31 -1.85
C ARG C 151 18.68 73.37 -2.70
N ALA C 152 18.59 72.12 -2.29
CA ALA C 152 17.82 71.15 -3.04
C ALA C 152 16.35 71.56 -3.08
N VAL C 153 15.83 72.03 -1.94
CA VAL C 153 14.43 72.43 -1.88
C VAL C 153 14.22 73.72 -2.67
N ARG C 154 14.97 74.77 -2.30
CA ARG C 154 14.84 76.06 -2.97
C ARG C 154 14.86 75.91 -4.48
N TYR C 155 15.73 75.07 -5.02
CA TYR C 155 15.72 74.90 -6.45
C TYR C 155 14.46 74.12 -6.85
N ALA C 156 14.21 73.04 -6.12
CA ALA C 156 13.05 72.18 -6.38
C ALA C 156 11.75 72.99 -6.50
N PHE C 157 11.59 73.94 -5.59
CA PHE C 157 10.41 74.79 -5.57
C PHE C 157 10.36 75.65 -6.82
N SER C 158 11.49 76.29 -7.11
CA SER C 158 11.62 77.15 -8.27
C SER C 158 11.18 76.42 -9.53
N ARG C 159 11.77 75.26 -9.79
CA ARG C 159 11.38 74.52 -10.98
C ARG C 159 9.90 74.21 -10.97
N TYR C 160 9.36 73.97 -9.79
CA TYR C 160 7.94 73.67 -9.66
C TYR C 160 7.12 74.88 -10.08
N TYR C 161 7.28 75.96 -9.34
CA TYR C 161 6.57 77.21 -9.61
C TYR C 161 6.62 77.59 -11.09
N HIS C 162 7.80 77.96 -11.57
CA HIS C 162 7.97 78.34 -12.97
C HIS C 162 7.59 77.24 -13.94
N GLU C 163 7.13 76.12 -13.42
CA GLU C 163 6.73 75.01 -14.28
C GLU C 163 5.22 74.97 -14.28
N GLY C 164 4.62 75.69 -13.33
CA GLY C 164 3.19 75.74 -13.20
C GLY C 164 2.70 74.93 -12.02
N LEU C 165 3.19 73.70 -11.90
CA LEU C 165 2.81 72.78 -10.85
C LEU C 165 2.74 73.34 -9.43
N ALA C 166 3.53 74.34 -9.11
CA ALA C 166 3.45 74.91 -7.77
C ALA C 166 2.80 76.28 -7.88
N TYR C 167 1.63 76.45 -7.28
CA TYR C 167 0.92 77.73 -7.33
C TYR C 167 0.54 78.31 -5.99
N ARG C 168 -0.15 79.43 -6.02
CA ARG C 168 -0.58 80.10 -4.80
C ARG C 168 -2.01 80.59 -4.97
N ALA C 169 -2.88 80.19 -4.04
CA ALA C 169 -4.30 80.56 -4.09
C ALA C 169 -4.91 80.52 -2.69
N PRO C 170 -6.25 80.39 -2.60
CA PRO C 170 -6.82 80.35 -1.26
C PRO C 170 -7.61 79.05 -0.92
N ARG C 171 -7.30 77.91 -1.57
CA ARG C 171 -7.99 76.63 -1.32
C ARG C 171 -8.21 76.53 0.24
N LEU C 172 -9.04 75.60 0.71
CA LEU C 172 -9.29 75.51 2.16
C LEU C 172 -8.16 74.76 2.90
N VAL C 173 -7.76 75.27 4.06
CA VAL C 173 -6.67 74.67 4.85
C VAL C 173 -7.01 74.27 6.29
N ASN C 174 -6.52 73.10 6.72
CA ASN C 174 -6.74 72.62 8.09
C ASN C 174 -5.80 73.43 8.98
N TRP C 175 -6.33 74.18 9.92
CA TRP C 175 -5.48 75.03 10.74
C TRP C 175 -5.50 74.79 12.25
N CYS C 176 -4.33 74.65 12.85
CA CYS C 176 -4.24 74.44 14.28
C CYS C 176 -3.90 75.73 15.00
N PRO C 177 -4.84 76.26 15.78
CA PRO C 177 -4.66 77.49 16.54
C PRO C 177 -3.74 77.35 17.75
N ARG C 178 -3.15 76.17 17.90
CA ARG C 178 -2.22 75.89 18.99
C ARG C 178 -0.82 76.29 18.53
N CYS C 179 -0.38 75.61 17.48
CA CYS C 179 0.92 75.81 16.87
C CYS C 179 0.88 76.99 15.89
N GLU C 180 -0.33 77.44 15.57
CA GLU C 180 -0.51 78.55 14.65
C GLU C 180 0.16 78.20 13.33
N THR C 181 -0.42 77.24 12.62
CA THR C 181 0.15 76.81 11.36
C THR C 181 -0.77 75.87 10.64
N THR C 182 -0.70 75.85 9.32
CA THR C 182 -1.55 74.94 8.57
C THR C 182 -0.90 73.56 8.58
N LEU C 183 -1.71 72.52 8.45
CA LEU C 183 -1.22 71.15 8.41
C LEU C 183 -1.71 70.57 7.10
N SER C 184 -1.41 69.31 6.86
CA SER C 184 -1.88 68.65 5.65
C SER C 184 -2.80 67.56 6.15
N ASP C 185 -3.52 66.90 5.23
CA ASP C 185 -4.43 65.84 5.64
C ASP C 185 -3.67 64.81 6.47
N LEU C 186 -2.68 64.18 5.83
CA LEU C 186 -1.88 63.15 6.47
C LEU C 186 -1.31 63.60 7.81
N GLU C 187 -1.41 64.89 8.09
CA GLU C 187 -0.86 65.43 9.32
C GLU C 187 -1.90 65.68 10.40
N VAL C 188 -3.16 65.33 10.12
CA VAL C 188 -4.22 65.53 11.10
C VAL C 188 -4.93 64.23 11.37
N GLU C 189 -5.31 64.00 12.62
CA GLU C 189 -6.00 62.77 12.99
C GLU C 189 -7.39 63.01 13.55
N THR C 190 -8.36 62.36 12.92
CA THR C 190 -9.76 62.46 13.30
C THR C 190 -10.10 61.34 14.26
N GLU C 191 -10.11 61.66 15.55
CA GLU C 191 -10.41 60.67 16.58
C GLU C 191 -11.80 60.85 17.20
N PRO C 192 -12.71 59.89 16.97
CA PRO C 192 -14.09 59.90 17.48
C PRO C 192 -14.22 60.41 18.91
N THR C 193 -15.07 61.42 19.08
CA THR C 193 -15.28 62.03 20.38
C THR C 193 -16.77 62.25 20.63
N PRO C 194 -17.22 62.06 21.88
CA PRO C 194 -18.63 62.25 22.22
C PRO C 194 -19.02 63.72 22.16
N GLY C 195 -20.15 64.00 21.52
CA GLY C 195 -20.60 65.36 21.42
C GLY C 195 -22.10 65.51 21.45
N LYS C 196 -22.62 66.44 20.65
CA LYS C 196 -24.04 66.71 20.57
C LYS C 196 -24.47 67.16 19.17
N LEU C 197 -25.48 66.50 18.60
CA LEU C 197 -25.99 66.86 17.28
C LEU C 197 -27.26 67.67 17.47
N TYR C 198 -27.23 68.95 17.11
CA TYR C 198 -28.41 69.80 17.26
C TYR C 198 -29.21 69.92 15.98
N THR C 199 -30.53 69.91 16.11
CA THR C 199 -31.39 70.06 14.96
C THR C 199 -31.99 71.43 15.12
N LEU C 200 -31.66 72.32 14.20
CA LEU C 200 -32.17 73.68 14.18
C LEU C 200 -33.15 73.71 13.05
N ARG C 201 -34.07 74.67 13.09
CA ARG C 201 -35.05 74.79 12.04
C ARG C 201 -35.39 76.22 11.86
N TYR C 202 -35.60 76.59 10.60
CA TYR C 202 -36.00 77.95 10.37
C TYR C 202 -36.86 78.28 9.18
N GLU C 203 -37.46 79.45 9.33
CA GLU C 203 -38.37 80.05 8.39
C GLU C 203 -37.97 79.92 6.95
N VAL C 204 -38.95 79.58 6.13
CA VAL C 204 -38.76 79.46 4.70
C VAL C 204 -39.54 80.65 4.14
N GLU C 205 -39.16 81.14 2.96
CA GLU C 205 -39.85 82.27 2.39
C GLU C 205 -41.25 81.86 1.97
N GLY C 206 -42.25 82.65 2.38
CA GLY C 206 -43.62 82.36 2.04
C GLY C 206 -44.24 81.22 2.84
N GLY C 207 -43.60 80.05 2.77
CA GLY C 207 -44.06 78.88 3.50
C GLY C 207 -43.60 78.97 4.95
N GLY C 208 -43.10 77.88 5.52
CA GLY C 208 -42.67 78.03 6.89
C GLY C 208 -41.66 77.11 7.53
N PHE C 209 -41.18 76.08 6.84
CA PHE C 209 -40.26 75.20 7.54
C PHE C 209 -39.12 74.52 6.78
N ILE C 210 -38.00 74.41 7.49
CA ILE C 210 -36.79 73.72 7.04
C ILE C 210 -36.02 73.37 8.31
N GLU C 211 -35.58 72.12 8.41
CA GLU C 211 -34.86 71.69 9.60
C GLU C 211 -33.48 71.09 9.30
N ILE C 212 -32.51 71.42 10.15
CA ILE C 212 -31.14 70.95 9.93
C ILE C 212 -30.44 70.41 11.17
N ALA C 213 -29.53 69.45 10.96
CA ALA C 213 -28.76 68.81 12.02
C ALA C 213 -27.26 69.13 11.90
N THR C 214 -26.78 70.02 12.76
CA THR C 214 -25.38 70.43 12.72
C THR C 214 -24.68 70.26 14.05
N VAL C 215 -23.42 69.82 14.01
CA VAL C 215 -22.68 69.63 15.24
C VAL C 215 -22.18 70.97 15.77
N ARG C 216 -22.02 71.93 14.87
CA ARG C 216 -21.56 73.25 15.27
C ARG C 216 -22.62 74.31 14.98
N PRO C 217 -23.32 74.76 16.03
CA PRO C 217 -24.36 75.78 15.92
C PRO C 217 -23.82 77.13 15.43
N GLU C 218 -22.66 77.54 15.97
CA GLU C 218 -22.06 78.81 15.61
C GLU C 218 -21.84 79.01 14.12
N THR C 219 -21.50 77.93 13.43
CA THR C 219 -21.27 78.04 11.99
C THR C 219 -22.54 78.26 11.15
N VAL C 220 -23.64 78.68 11.78
CA VAL C 220 -24.88 78.91 11.03
C VAL C 220 -24.84 80.29 10.40
N PHE C 221 -24.40 81.27 11.16
CA PHE C 221 -24.34 82.63 10.63
C PHE C 221 -23.56 82.70 9.32
N ALA C 222 -22.68 81.73 9.10
CA ALA C 222 -21.87 81.70 7.89
C ALA C 222 -22.45 80.79 6.84
N ASP C 223 -23.76 80.53 6.91
CA ASP C 223 -24.35 79.64 5.93
C ASP C 223 -24.58 80.35 4.62
N GLN C 224 -24.61 79.58 3.55
CA GLN C 224 -24.83 80.12 2.20
C GLN C 224 -25.79 79.24 1.44
N ALA C 225 -26.35 78.26 2.13
CA ALA C 225 -27.31 77.36 1.49
C ALA C 225 -27.73 76.23 2.41
N ILE C 226 -28.75 75.52 1.97
CA ILE C 226 -29.26 74.36 2.67
C ILE C 226 -29.20 73.36 1.53
N ALA C 227 -28.59 72.22 1.81
CA ALA C 227 -28.45 71.22 0.78
C ALA C 227 -29.37 70.05 1.00
N VAL C 228 -29.95 69.59 -0.09
CA VAL C 228 -30.87 68.48 -0.06
C VAL C 228 -30.53 67.51 -1.16
N HIS C 229 -30.57 66.21 -0.87
CA HIS C 229 -30.28 65.23 -1.89
C HIS C 229 -31.09 65.58 -3.15
N PRO C 230 -30.59 65.19 -4.33
CA PRO C 230 -31.27 65.44 -5.61
C PRO C 230 -32.60 64.72 -5.78
N GLU C 231 -32.66 63.48 -5.30
CA GLU C 231 -33.87 62.69 -5.44
C GLU C 231 -34.79 62.62 -4.24
N ASP C 232 -34.38 63.22 -3.12
CA ASP C 232 -35.21 63.18 -1.92
C ASP C 232 -36.41 64.13 -2.07
N GLU C 233 -37.48 63.62 -2.68
CA GLU C 233 -38.68 64.40 -2.93
C GLU C 233 -39.47 64.75 -1.69
N ARG C 234 -38.91 64.48 -0.53
CA ARG C 234 -39.59 64.83 0.69
C ARG C 234 -39.44 66.33 0.82
N TYR C 235 -38.51 66.89 0.06
CA TYR C 235 -38.27 68.34 0.08
C TYR C 235 -38.74 69.04 -1.19
N ARG C 236 -39.29 68.26 -2.11
CA ARG C 236 -39.79 68.78 -3.38
C ARG C 236 -40.54 70.11 -3.26
N HIS C 237 -41.17 70.39 -2.12
CA HIS C 237 -41.89 71.67 -1.96
C HIS C 237 -41.00 72.72 -1.27
N LEU C 238 -39.78 72.31 -0.93
CA LEU C 238 -38.83 73.18 -0.26
C LEU C 238 -37.65 73.46 -1.19
N LEU C 239 -37.53 72.64 -2.23
CA LEU C 239 -36.44 72.79 -3.18
C LEU C 239 -36.50 74.11 -3.93
N GLY C 240 -35.48 74.92 -3.76
CA GLY C 240 -35.42 76.18 -4.47
C GLY C 240 -36.06 77.34 -3.76
N LYS C 241 -36.41 77.16 -2.50
CA LYS C 241 -37.02 78.27 -1.81
C LYS C 241 -36.01 79.14 -1.10
N ARG C 242 -36.20 79.41 0.19
CA ARG C 242 -35.26 80.24 0.90
C ARG C 242 -35.01 79.77 2.32
N ALA C 243 -34.80 80.73 3.23
CA ALA C 243 -34.56 80.39 4.62
C ALA C 243 -33.89 81.51 5.39
N ARG C 244 -34.67 82.22 6.18
CA ARG C 244 -34.12 83.26 7.02
C ARG C 244 -33.27 82.36 7.90
N ILE C 245 -32.08 82.79 8.30
CA ILE C 245 -31.33 81.89 9.15
C ILE C 245 -31.56 82.39 10.56
N PRO C 246 -31.64 81.47 11.52
CA PRO C 246 -31.87 81.86 12.91
C PRO C 246 -31.16 83.14 13.33
N LEU C 247 -31.90 84.05 13.92
CA LEU C 247 -31.37 85.33 14.39
C LEU C 247 -31.03 86.31 13.29
N THR C 248 -30.93 85.81 12.06
CA THR C 248 -30.59 86.69 10.96
C THR C 248 -31.78 87.21 10.20
N GLU C 249 -31.47 87.88 9.11
CA GLU C 249 -32.44 88.44 8.19
C GLU C 249 -31.87 88.07 6.82
N VAL C 250 -30.90 87.16 6.87
CA VAL C 250 -30.20 86.65 5.69
C VAL C 250 -30.97 85.49 5.08
N TRP C 251 -31.22 85.56 3.79
CA TRP C 251 -31.96 84.50 3.15
C TRP C 251 -31.17 83.62 2.20
N ILE C 252 -30.87 82.44 2.72
CA ILE C 252 -30.12 81.37 2.07
C ILE C 252 -31.01 80.59 1.11
N PRO C 253 -30.46 80.05 0.03
CA PRO C 253 -31.23 79.27 -0.95
C PRO C 253 -31.22 77.76 -0.64
N ILE C 254 -32.25 77.06 -1.10
CA ILE C 254 -32.33 75.62 -0.86
C ILE C 254 -32.05 74.84 -2.15
N LEU C 255 -30.83 74.35 -2.27
CA LEU C 255 -30.38 73.65 -3.47
C LEU C 255 -30.21 72.14 -3.32
N ALA C 256 -30.10 71.46 -4.46
CA ALA C 256 -29.87 70.02 -4.46
C ALA C 256 -28.34 69.81 -4.40
N ASP C 257 -27.89 68.55 -4.39
CA ASP C 257 -26.45 68.22 -4.31
C ASP C 257 -26.21 66.77 -3.87
N PRO C 258 -25.65 65.92 -4.74
CA PRO C 258 -25.38 64.51 -4.44
C PRO C 258 -24.67 64.16 -3.14
N ALA C 259 -24.00 65.13 -2.53
CA ALA C 259 -23.29 64.86 -1.29
C ALA C 259 -24.15 64.87 -0.03
N VAL C 260 -25.43 65.18 -0.18
CA VAL C 260 -26.35 65.21 0.96
C VAL C 260 -26.82 63.79 1.24
N GLU C 261 -26.64 63.32 2.48
CA GLU C 261 -27.12 61.98 2.75
C GLU C 261 -28.52 62.10 3.35
N LYS C 262 -29.52 61.77 2.53
CA LYS C 262 -30.93 61.86 2.92
C LYS C 262 -31.31 61.20 4.23
N ASP C 263 -30.71 60.05 4.49
CA ASP C 263 -31.01 59.29 5.69
C ASP C 263 -30.38 59.78 6.98
N PHE C 264 -29.38 60.64 6.88
CA PHE C 264 -28.78 61.18 8.08
C PHE C 264 -29.74 62.30 8.50
N GLY C 265 -29.78 62.62 9.79
CA GLY C 265 -30.65 63.65 10.33
C GLY C 265 -31.93 63.87 9.55
N THR C 266 -32.15 65.11 9.13
CA THR C 266 -33.29 65.50 8.33
C THR C 266 -32.67 65.31 6.95
N GLY C 267 -33.45 65.07 5.91
CA GLY C 267 -32.80 64.89 4.60
C GLY C 267 -31.98 66.06 4.06
N ALA C 268 -31.69 67.05 4.91
CA ALA C 268 -30.97 68.24 4.48
C ALA C 268 -29.93 68.78 5.45
N LEU C 269 -28.84 69.32 4.90
CA LEU C 269 -27.75 69.91 5.71
C LEU C 269 -27.44 71.37 5.40
N LYS C 270 -26.87 72.04 6.39
CA LYS C 270 -26.46 73.43 6.27
C LYS C 270 -25.19 73.43 5.41
N VAL C 271 -24.87 74.54 4.74
CA VAL C 271 -23.67 74.63 3.91
C VAL C 271 -22.84 75.84 4.30
N THR C 272 -21.64 75.61 4.82
CA THR C 272 -20.75 76.68 5.28
C THR C 272 -19.34 76.55 4.70
N PRO C 273 -19.15 76.85 3.40
CA PRO C 273 -17.84 76.77 2.72
C PRO C 273 -16.64 77.33 3.48
N ALA C 274 -16.83 78.46 4.15
CA ALA C 274 -15.73 79.07 4.89
C ALA C 274 -15.36 78.37 6.19
N HIS C 275 -16.00 77.25 6.50
CA HIS C 275 -15.67 76.55 7.75
C HIS C 275 -15.65 75.02 7.73
N ASP C 276 -15.79 74.42 6.56
CA ASP C 276 -15.75 72.97 6.46
C ASP C 276 -15.55 72.49 5.03
N PRO C 277 -14.70 71.48 4.85
CA PRO C 277 -14.34 70.87 3.57
C PRO C 277 -15.49 70.24 2.78
N LEU C 278 -16.51 69.76 3.48
CA LEU C 278 -17.64 69.18 2.76
C LEU C 278 -18.46 70.33 2.19
N ASP C 279 -18.70 71.34 3.02
CA ASP C 279 -19.48 72.52 2.61
C ASP C 279 -18.73 73.32 1.55
N TYR C 280 -17.42 73.44 1.71
CA TYR C 280 -16.62 74.18 0.76
C TYR C 280 -16.81 73.48 -0.57
N GLU C 281 -16.65 72.16 -0.56
CA GLU C 281 -16.79 71.36 -1.77
C GLU C 281 -18.15 71.63 -2.38
N ILE C 282 -19.22 71.19 -1.70
CA ILE C 282 -20.57 71.41 -2.21
C ILE C 282 -20.75 72.90 -2.52
N GLY C 283 -20.22 73.75 -1.65
CA GLY C 283 -20.31 75.19 -1.82
C GLY C 283 -19.84 75.61 -3.20
N GLU C 284 -18.58 75.33 -3.50
CA GLU C 284 -18.02 75.70 -4.79
C GLU C 284 -18.49 74.77 -5.91
N ARG C 285 -19.64 74.13 -5.74
CA ARG C 285 -20.17 73.24 -6.78
C ARG C 285 -21.43 73.88 -7.32
N HIS C 286 -21.87 74.90 -6.59
CA HIS C 286 -23.06 75.69 -6.91
C HIS C 286 -22.58 77.11 -6.67
N GLY C 287 -21.29 77.31 -6.85
CA GLY C 287 -20.69 78.62 -6.66
C GLY C 287 -21.29 79.39 -5.52
N LEU C 288 -20.87 79.09 -4.31
CA LEU C 288 -21.39 79.81 -3.17
C LEU C 288 -20.19 80.56 -2.64
N LYS C 289 -20.34 81.85 -2.44
CA LYS C 289 -19.21 82.61 -1.96
C LYS C 289 -18.95 82.34 -0.49
N PRO C 290 -17.70 82.02 -0.17
CA PRO C 290 -17.29 81.74 1.21
C PRO C 290 -17.57 82.94 2.11
N VAL C 291 -17.71 82.68 3.41
CA VAL C 291 -17.97 83.74 4.37
C VAL C 291 -17.71 83.20 5.78
N SER C 292 -16.80 83.83 6.50
CA SER C 292 -16.44 83.36 7.83
C SER C 292 -17.11 84.07 8.98
N VAL C 293 -17.22 83.34 10.09
CA VAL C 293 -17.81 83.87 11.32
C VAL C 293 -16.81 83.73 12.46
N ILE C 294 -15.75 82.96 12.22
CA ILE C 294 -14.71 82.80 13.23
C ILE C 294 -13.29 82.92 12.63
N ASN C 295 -12.44 83.67 13.32
CA ASN C 295 -11.07 83.93 12.89
C ASN C 295 -10.05 82.88 13.34
N LEU C 296 -8.82 83.01 12.84
CA LEU C 296 -7.73 82.08 13.14
C LEU C 296 -7.40 81.93 14.62
N GLU C 297 -7.85 82.87 15.43
CA GLU C 297 -7.60 82.79 16.87
C GLU C 297 -8.69 81.92 17.46
N GLY C 298 -9.60 81.50 16.58
CA GLY C 298 -10.72 80.67 16.99
C GLY C 298 -11.68 81.49 17.82
N ARG C 299 -12.17 82.59 17.25
CA ARG C 299 -13.09 83.47 17.96
C ARG C 299 -14.13 84.06 17.02
N MET C 300 -15.23 84.53 17.57
CA MET C 300 -16.31 85.08 16.76
C MET C 300 -16.04 86.45 16.16
N GLU C 301 -16.44 86.61 14.91
CA GLU C 301 -16.25 87.84 14.16
C GLU C 301 -16.90 87.66 12.79
N GLY C 302 -17.56 88.69 12.29
CA GLY C 302 -18.17 88.55 10.99
C GLY C 302 -19.38 89.42 10.80
N GLU C 303 -19.79 89.55 9.54
CA GLU C 303 -20.95 90.35 9.16
C GLU C 303 -22.22 89.73 9.77
N ARG C 304 -22.47 88.48 9.41
CA ARG C 304 -23.62 87.73 9.90
C ARG C 304 -23.63 87.60 11.41
N VAL C 305 -22.53 87.13 12.00
CA VAL C 305 -22.46 86.95 13.45
C VAL C 305 -23.26 88.03 14.15
N PRO C 306 -24.15 87.62 15.05
CA PRO C 306 -25.01 88.54 15.80
C PRO C 306 -24.31 89.25 16.93
N GLU C 307 -24.79 90.45 17.22
CA GLU C 307 -24.26 91.28 18.29
C GLU C 307 -24.19 90.43 19.56
N ALA C 308 -23.34 90.83 20.50
CA ALA C 308 -23.20 90.12 21.77
C ALA C 308 -22.73 88.68 21.62
N LEU C 309 -22.89 88.12 20.43
CA LEU C 309 -22.45 86.76 20.18
C LEU C 309 -21.08 86.78 19.52
N ARG C 310 -20.67 87.96 19.04
CA ARG C 310 -19.37 88.09 18.42
C ARG C 310 -18.32 88.45 19.46
N GLY C 311 -17.22 87.70 19.46
CA GLY C 311 -16.16 87.97 20.41
C GLY C 311 -15.56 86.69 20.96
N LEU C 312 -15.97 86.33 22.18
CA LEU C 312 -15.47 85.17 22.87
C LEU C 312 -15.28 83.87 22.06
N ASP C 313 -14.59 82.93 22.69
CA ASP C 313 -14.23 81.60 22.19
C ASP C 313 -15.12 81.00 21.08
N ARG C 314 -14.59 79.96 20.44
CA ARG C 314 -15.29 79.27 19.36
C ARG C 314 -16.36 78.32 19.93
N PHE C 315 -16.06 77.72 21.08
CA PHE C 315 -16.98 76.79 21.74
C PHE C 315 -17.88 77.55 22.72
N GLU C 316 -17.29 78.46 23.48
CA GLU C 316 -18.04 79.28 24.44
C GLU C 316 -18.89 80.21 23.60
N ALA C 317 -18.93 79.92 22.32
CA ALA C 317 -19.70 80.69 21.35
C ALA C 317 -20.92 79.88 20.97
N ARG C 318 -20.79 78.55 21.00
CA ARG C 318 -21.92 77.69 20.67
C ARG C 318 -22.81 77.47 21.88
N ARG C 319 -22.22 77.52 23.08
CA ARG C 319 -23.02 77.36 24.29
C ARG C 319 -24.08 78.46 24.23
N LYS C 320 -23.64 79.71 24.37
CA LYS C 320 -24.54 80.85 24.33
C LYS C 320 -25.30 80.96 23.00
N ALA C 321 -24.80 80.26 21.98
CA ALA C 321 -25.46 80.29 20.67
C ALA C 321 -26.73 79.48 20.69
N VAL C 322 -26.69 78.33 21.36
CA VAL C 322 -27.84 77.45 21.46
C VAL C 322 -28.96 78.11 22.26
N GLU C 323 -28.62 78.62 23.44
CA GLU C 323 -29.60 79.27 24.30
C GLU C 323 -30.34 80.38 23.56
N LEU C 324 -29.65 81.02 22.63
CA LEU C 324 -30.26 82.09 21.85
C LEU C 324 -31.10 81.51 20.72
N PHE C 325 -31.10 80.18 20.59
CA PHE C 325 -31.87 79.50 19.55
C PHE C 325 -33.17 78.93 20.11
N ARG C 326 -33.05 78.04 21.10
CA ARG C 326 -34.20 77.41 21.71
C ARG C 326 -35.08 78.49 22.34
N GLU C 327 -34.47 79.29 23.20
CA GLU C 327 -35.16 80.37 23.90
C GLU C 327 -35.68 81.40 22.90
N ALA C 328 -35.29 81.24 21.63
CA ALA C 328 -35.73 82.13 20.58
C ALA C 328 -36.70 81.31 19.77
N GLY C 329 -36.69 80.02 20.04
CA GLY C 329 -37.58 79.08 19.39
C GLY C 329 -37.20 78.49 18.03
N HIS C 330 -35.96 78.03 17.88
CA HIS C 330 -35.57 77.44 16.60
C HIS C 330 -34.87 76.10 16.85
N LEU C 331 -34.62 75.81 18.13
CA LEU C 331 -33.96 74.56 18.52
C LEU C 331 -34.92 73.42 18.78
N VAL C 332 -35.13 72.58 17.77
CA VAL C 332 -36.04 71.46 17.92
C VAL C 332 -35.51 70.35 18.84
N LYS C 333 -34.72 69.42 18.30
CA LYS C 333 -34.20 68.32 19.12
C LYS C 333 -32.70 68.21 19.15
N GLU C 334 -32.13 68.21 20.35
CA GLU C 334 -30.68 68.06 20.51
C GLU C 334 -30.47 66.63 20.97
N GLU C 335 -29.30 66.06 20.74
CA GLU C 335 -29.06 64.68 21.14
C GLU C 335 -27.61 64.27 21.09
N ASP C 336 -27.22 63.33 21.96
CA ASP C 336 -25.85 62.86 21.99
C ASP C 336 -25.42 62.41 20.61
N TYR C 337 -24.12 62.27 20.41
CA TYR C 337 -23.59 61.88 19.12
C TYR C 337 -22.07 61.70 19.16
N THR C 338 -21.56 60.65 18.52
CA THR C 338 -20.12 60.44 18.48
C THR C 338 -19.61 60.99 17.16
N ILE C 339 -18.98 62.17 17.25
CA ILE C 339 -18.46 62.87 16.08
C ILE C 339 -17.02 62.53 15.75
N ALA C 340 -16.72 62.55 14.45
CA ALA C 340 -15.36 62.26 13.98
C ALA C 340 -14.55 63.55 14.07
N LEU C 341 -14.30 64.03 15.29
CA LEU C 341 -13.56 65.26 15.55
C LEU C 341 -12.09 65.22 15.13
N ALA C 342 -11.73 66.15 14.23
CA ALA C 342 -10.36 66.27 13.71
C ALA C 342 -9.45 67.08 14.62
N THR C 343 -8.32 66.48 14.97
CA THR C 343 -7.36 67.12 15.86
C THR C 343 -5.97 67.18 15.23
N CYS C 344 -5.12 68.04 15.79
CA CYS C 344 -3.77 68.19 15.28
C CYS C 344 -2.95 66.96 15.68
N SER C 345 -2.50 66.20 14.68
CA SER C 345 -1.74 64.99 14.94
C SER C 345 -0.56 65.21 15.89
N ARG C 346 -0.01 66.41 15.94
CA ARG C 346 1.14 66.65 16.78
C ARG C 346 1.00 67.54 18.02
N CYS C 347 -0.21 67.93 18.38
CA CYS C 347 -0.40 68.74 19.58
C CYS C 347 -1.70 68.38 20.27
N GLY C 348 -2.60 67.76 19.52
CA GLY C 348 -3.87 67.35 20.10
C GLY C 348 -5.09 68.21 19.80
N THR C 349 -4.97 69.51 20.06
CA THR C 349 -6.06 70.47 19.82
C THR C 349 -6.81 70.19 18.51
N PRO C 350 -8.15 70.36 18.53
CA PRO C 350 -8.97 70.12 17.34
C PRO C 350 -8.74 71.22 16.29
N ILE C 351 -8.41 70.79 15.09
CA ILE C 351 -8.14 71.70 13.99
C ILE C 351 -9.38 72.49 13.59
N GLU C 352 -9.16 73.67 13.02
CA GLU C 352 -10.22 74.54 12.55
C GLU C 352 -10.07 74.58 11.03
N TYR C 353 -10.82 75.45 10.36
CA TYR C 353 -10.71 75.56 8.92
C TYR C 353 -10.68 77.03 8.53
N ALA C 354 -10.13 77.33 7.36
CA ALA C 354 -10.04 78.71 6.91
C ALA C 354 -9.53 78.83 5.49
N ILE C 355 -9.99 79.87 4.81
CA ILE C 355 -9.56 80.14 3.46
C ILE C 355 -8.38 81.08 3.68
N PHE C 356 -7.25 80.71 3.11
CA PHE C 356 -6.00 81.44 3.30
C PHE C 356 -5.22 81.35 2.00
N PRO C 357 -4.37 82.34 1.72
CA PRO C 357 -3.60 82.26 0.48
C PRO C 357 -2.36 81.41 0.85
N GLN C 358 -2.25 80.22 0.28
CA GLN C 358 -1.13 79.32 0.57
C GLN C 358 -0.46 78.77 -0.68
N TRP C 359 0.61 78.00 -0.47
CA TRP C 359 1.33 77.41 -1.58
C TRP C 359 0.85 75.98 -1.73
N TRP C 360 0.37 75.67 -2.92
CA TRP C 360 -0.19 74.36 -3.24
C TRP C 360 0.57 73.73 -4.35
N LEU C 361 0.43 72.42 -4.50
CA LEU C 361 1.15 71.73 -5.55
C LEU C 361 0.28 70.80 -6.35
N ARG C 362 0.04 71.15 -7.61
CA ARG C 362 -0.77 70.33 -8.49
C ARG C 362 -0.28 68.90 -8.46
N MET C 363 -0.80 68.13 -7.51
CA MET C 363 -0.43 66.73 -7.33
C MET C 363 -1.02 65.83 -8.41
N ARG C 364 -2.22 66.20 -8.84
CA ARG C 364 -2.93 65.45 -9.84
C ARG C 364 -2.00 65.10 -11.01
N PRO C 365 -1.28 66.09 -11.54
CA PRO C 365 -0.35 65.84 -12.66
C PRO C 365 0.87 64.98 -12.34
N LEU C 366 1.56 65.38 -11.26
CA LEU C 366 2.76 64.70 -10.77
C LEU C 366 2.45 63.24 -10.50
N ALA C 367 1.45 63.03 -9.64
CA ALA C 367 1.01 61.68 -9.28
C ALA C 367 0.95 60.72 -10.47
N GLU C 368 0.49 61.23 -11.60
CA GLU C 368 0.37 60.39 -12.77
C GLU C 368 1.75 60.14 -13.37
N GLU C 369 2.64 61.13 -13.27
CA GLU C 369 3.98 60.99 -13.82
C GLU C 369 4.58 59.72 -13.20
N VAL C 370 4.23 59.47 -11.94
CA VAL C 370 4.71 58.31 -11.20
C VAL C 370 3.98 57.02 -11.57
N LEU C 371 2.65 57.07 -11.55
CA LEU C 371 1.84 55.92 -11.90
C LEU C 371 2.30 55.33 -13.22
N LYS C 372 2.84 56.20 -14.07
CA LYS C 372 3.32 55.77 -15.37
C LYS C 372 4.35 54.66 -15.14
N GLY C 373 5.30 54.95 -14.25
CA GLY C 373 6.33 53.97 -13.95
C GLY C 373 5.81 52.71 -13.30
N LEU C 374 5.31 52.83 -12.07
CA LEU C 374 4.79 51.70 -11.32
C LEU C 374 4.08 50.78 -12.27
N ARG C 375 3.12 51.35 -12.99
CA ARG C 375 2.33 50.62 -13.97
C ARG C 375 3.24 49.78 -14.86
N ARG C 376 4.31 50.40 -15.33
CA ARG C 376 5.27 49.73 -16.22
C ARG C 376 6.05 48.60 -15.55
N GLY C 377 6.23 48.70 -14.23
CA GLY C 377 6.96 47.68 -13.49
C GLY C 377 8.30 48.20 -12.97
N ASP C 378 8.46 49.51 -13.03
CA ASP C 378 9.67 50.17 -12.59
C ASP C 378 10.08 49.87 -11.16
N ILE C 379 9.14 49.92 -10.24
CA ILE C 379 9.48 49.65 -8.86
C ILE C 379 8.93 48.33 -8.33
N ALA C 380 9.71 47.69 -7.45
CA ALA C 380 9.34 46.42 -6.85
C ALA C 380 9.05 46.61 -5.38
N PHE C 381 8.03 45.91 -4.89
CA PHE C 381 7.68 45.99 -3.47
C PHE C 381 7.85 44.62 -2.80
N VAL C 382 8.56 44.58 -1.68
CA VAL C 382 8.80 43.32 -0.99
C VAL C 382 7.54 42.68 -0.45
N PRO C 383 6.87 43.28 0.56
CA PRO C 383 5.67 42.52 0.91
C PRO C 383 4.84 42.32 -0.37
N GLU C 384 5.02 43.25 -1.31
CA GLU C 384 4.36 43.23 -2.62
C GLU C 384 2.90 43.62 -2.61
N ARG C 385 2.29 43.51 -1.44
CA ARG C 385 0.89 43.87 -1.33
C ARG C 385 0.79 45.37 -1.22
N TRP C 386 1.95 46.03 -1.15
CA TRP C 386 1.93 47.47 -1.02
C TRP C 386 1.96 48.20 -2.34
N LYS C 387 2.17 47.46 -3.43
CA LYS C 387 2.19 48.10 -4.74
C LYS C 387 0.83 48.81 -4.88
N LYS C 388 -0.22 48.03 -4.72
CA LYS C 388 -1.57 48.53 -4.81
C LYS C 388 -1.85 49.61 -3.79
N VAL C 389 -1.45 49.39 -2.55
CA VAL C 389 -1.67 50.39 -1.50
C VAL C 389 -1.03 51.73 -1.85
N ASN C 390 0.02 51.67 -2.65
CA ASN C 390 0.76 52.86 -3.09
C ASN C 390 -0.01 53.51 -4.23
N MET C 391 -0.06 52.80 -5.36
CA MET C 391 -0.78 53.25 -6.54
C MET C 391 -2.15 53.81 -6.20
N ASP C 392 -2.95 53.03 -5.46
CA ASP C 392 -4.27 53.50 -5.08
C ASP C 392 -4.19 54.81 -4.31
N TRP C 393 -3.06 55.09 -3.67
CA TRP C 393 -2.96 56.34 -2.94
C TRP C 393 -2.81 57.45 -3.95
N LEU C 394 -1.87 57.26 -4.87
CA LEU C 394 -1.61 58.21 -5.94
C LEU C 394 -2.87 58.37 -6.78
N GLU C 395 -3.63 57.29 -6.93
CA GLU C 395 -4.86 57.34 -7.72
C GLU C 395 -5.79 58.46 -7.33
N ASN C 396 -5.93 58.74 -6.05
CA ASN C 396 -6.83 59.80 -5.62
C ASN C 396 -6.14 60.86 -4.79
N VAL C 397 -5.18 61.57 -5.39
CA VAL C 397 -4.47 62.61 -4.63
C VAL C 397 -5.13 63.97 -4.68
N LYS C 398 -4.75 64.83 -3.74
CA LYS C 398 -5.29 66.18 -3.68
C LYS C 398 -4.19 67.21 -3.48
N ASP C 399 -4.14 68.19 -4.38
CA ASP C 399 -3.17 69.27 -4.32
C ASP C 399 -2.73 69.48 -2.86
N TRP C 400 -1.43 69.31 -2.64
CA TRP C 400 -0.87 69.39 -1.31
C TRP C 400 -0.41 70.77 -0.84
N ASN C 401 -0.98 71.25 0.25
CA ASN C 401 -0.58 72.54 0.79
C ASN C 401 0.86 72.36 1.29
N ILE C 402 1.75 73.13 0.68
CA ILE C 402 3.18 73.13 0.98
C ILE C 402 3.58 74.17 2.04
N SER C 403 2.80 75.24 2.13
CA SER C 403 3.10 76.31 3.07
C SER C 403 2.93 75.89 4.50
N ARG C 404 3.60 76.60 5.41
CA ARG C 404 3.50 76.34 6.84
C ARG C 404 3.91 77.61 7.58
N GLN C 405 3.16 77.97 8.61
CA GLN C 405 3.45 79.19 9.36
C GLN C 405 4.37 78.94 10.54
N LEU C 406 5.15 77.86 10.43
CA LEU C 406 6.11 77.46 11.46
C LEU C 406 7.40 78.29 11.42
N TRP C 407 8.15 78.26 12.52
CA TRP C 407 9.41 78.99 12.56
C TRP C 407 10.61 78.07 12.34
N TRP C 408 10.37 76.81 12.02
CA TRP C 408 11.49 75.89 11.83
C TRP C 408 11.96 75.84 10.38
N GLY C 409 11.40 74.91 9.61
CA GLY C 409 11.76 74.71 8.20
C GLY C 409 12.49 75.73 7.31
N HIS C 410 12.42 75.46 6.02
CA HIS C 410 13.04 76.29 5.00
C HIS C 410 12.18 77.50 4.61
N GLN C 411 12.66 78.72 4.87
CA GLN C 411 11.90 79.92 4.48
C GLN C 411 11.71 79.87 2.99
N ILE C 412 10.48 79.68 2.54
CA ILE C 412 10.24 79.60 1.12
C ILE C 412 10.84 80.78 0.35
N PRO C 413 11.25 80.54 -0.92
CA PRO C 413 11.86 81.50 -1.83
C PRO C 413 10.87 82.25 -2.72
N ALA C 414 10.05 83.09 -2.11
CA ALA C 414 9.08 83.86 -2.87
C ALA C 414 9.08 85.28 -2.31
N TRP C 415 9.06 86.25 -3.23
CA TRP C 415 9.08 87.67 -2.88
C TRP C 415 7.83 88.40 -3.43
N TYR C 416 7.20 89.19 -2.57
CA TYR C 416 5.97 89.93 -2.87
C TYR C 416 6.14 91.44 -2.99
N CYS C 417 5.75 92.00 -4.15
CA CYS C 417 5.89 93.44 -4.38
C CYS C 417 4.93 94.24 -3.51
N GLU C 418 5.48 95.11 -2.67
CA GLU C 418 4.65 95.93 -1.80
C GLU C 418 3.97 97.04 -2.59
N ASP C 419 3.75 96.79 -3.88
CA ASP C 419 3.16 97.78 -4.77
C ASP C 419 2.19 97.15 -5.75
N CYS C 420 2.67 96.23 -6.58
CA CYS C 420 1.75 95.63 -7.52
C CYS C 420 1.23 94.31 -6.97
N GLN C 421 1.60 94.04 -5.72
CA GLN C 421 1.16 92.84 -5.02
C GLN C 421 1.60 91.54 -5.69
N ALA C 422 2.66 91.58 -6.49
CA ALA C 422 3.09 90.37 -7.20
C ALA C 422 4.15 89.51 -6.53
N VAL C 423 4.13 88.23 -6.90
CA VAL C 423 5.08 87.25 -6.37
C VAL C 423 6.28 87.17 -7.30
N ASN C 424 7.46 87.17 -6.71
CA ASN C 424 8.70 87.07 -7.45
C ASN C 424 9.41 85.80 -6.99
N VAL C 425 9.49 84.82 -7.89
CA VAL C 425 10.11 83.54 -7.60
C VAL C 425 11.35 83.24 -8.45
N PRO C 426 12.56 83.28 -7.86
CA PRO C 426 13.79 83.01 -8.60
C PRO C 426 13.59 81.89 -9.63
N ARG C 427 14.22 82.04 -10.80
CA ARG C 427 14.07 81.04 -11.85
C ARG C 427 15.04 79.90 -11.62
N PRO C 428 14.87 78.78 -12.35
CA PRO C 428 15.80 77.67 -12.14
C PRO C 428 17.25 78.14 -12.32
N GLU C 429 17.58 78.48 -13.57
CA GLU C 429 18.90 78.96 -13.98
C GLU C 429 19.65 79.81 -12.99
N ARG C 430 18.93 80.59 -12.19
CA ARG C 430 19.61 81.44 -11.20
C ARG C 430 18.91 81.24 -9.86
N TYR C 431 18.35 80.05 -9.68
CA TYR C 431 17.62 79.72 -8.48
C TYR C 431 18.22 80.30 -7.21
N LEU C 432 19.53 80.45 -7.18
CA LEU C 432 20.16 80.97 -5.97
C LEU C 432 20.05 82.48 -5.83
N GLU C 433 19.56 83.16 -6.86
CA GLU C 433 19.46 84.61 -6.85
C GLU C 433 18.23 85.22 -6.17
N ASP C 434 18.46 86.22 -5.32
CA ASP C 434 17.38 86.89 -4.61
C ASP C 434 16.88 88.10 -5.41
N PRO C 435 15.72 87.99 -6.08
CA PRO C 435 15.23 89.14 -6.84
C PRO C 435 15.32 90.43 -6.03
N THR C 436 15.63 91.53 -6.73
CA THR C 436 15.78 92.84 -6.11
C THR C 436 14.78 93.88 -6.63
N SER C 437 14.09 93.54 -7.71
CA SER C 437 13.08 94.41 -8.31
C SER C 437 11.96 93.53 -8.88
N CYS C 438 10.70 93.93 -8.68
CA CYS C 438 9.54 93.19 -9.16
C CYS C 438 9.47 93.08 -10.67
N GLU C 439 9.45 91.87 -11.20
CA GLU C 439 9.39 91.69 -12.64
C GLU C 439 8.01 92.00 -13.21
N ALA C 440 7.21 92.72 -12.44
CA ALA C 440 5.85 93.11 -12.85
C ALA C 440 5.76 94.63 -12.96
N CYS C 441 6.00 95.31 -11.83
CA CYS C 441 5.97 96.75 -11.79
C CYS C 441 7.39 97.34 -11.77
N GLY C 442 8.40 96.47 -11.79
CA GLY C 442 9.76 96.95 -11.75
C GLY C 442 10.16 97.64 -10.45
N SER C 443 9.33 97.53 -9.41
CA SER C 443 9.65 98.18 -8.14
C SER C 443 10.72 97.47 -7.34
N PRO C 444 11.52 98.25 -6.60
CA PRO C 444 12.62 97.80 -5.74
C PRO C 444 12.11 97.24 -4.42
N ARG C 445 11.01 97.82 -3.93
CA ARG C 445 10.39 97.37 -2.68
C ARG C 445 9.88 95.94 -2.82
N LEU C 446 10.42 95.03 -2.02
CA LEU C 446 10.01 93.63 -2.08
C LEU C 446 9.96 93.03 -0.69
N LYS C 447 9.12 92.02 -0.51
CA LYS C 447 9.01 91.34 0.78
C LYS C 447 8.91 89.85 0.48
N ARG C 448 9.75 89.07 1.14
CA ARG C 448 9.81 87.62 0.97
C ARG C 448 8.85 86.86 1.88
N ASP C 449 8.23 85.82 1.33
CA ASP C 449 7.29 85.00 2.09
C ASP C 449 7.94 84.60 3.41
N GLU C 450 7.27 84.84 4.53
CA GLU C 450 7.84 84.48 5.82
C GLU C 450 7.45 83.07 6.21
N ASP C 451 6.74 82.41 5.31
CA ASP C 451 6.31 81.07 5.60
C ASP C 451 7.52 80.15 5.76
N VAL C 452 7.29 78.85 5.58
CA VAL C 452 8.29 77.80 5.73
C VAL C 452 7.75 76.62 4.91
N PHE C 453 8.59 75.63 4.63
CA PHE C 453 8.09 74.47 3.90
C PHE C 453 7.72 73.31 4.83
N ASP C 454 6.97 72.36 4.28
CA ASP C 454 6.54 71.19 5.00
C ASP C 454 7.71 70.24 5.09
N THR C 455 8.05 69.80 6.30
CA THR C 455 9.17 68.89 6.46
C THR C 455 9.08 67.77 5.45
N TRP C 456 7.86 67.38 5.15
CA TRP C 456 7.63 66.30 4.22
C TRP C 456 7.96 66.70 2.78
N PHE C 457 7.99 68.01 2.52
CA PHE C 457 8.31 68.54 1.20
C PHE C 457 9.80 68.33 0.86
N SER C 458 10.67 68.56 1.86
CA SER C 458 12.14 68.40 1.72
C SER C 458 12.52 66.93 1.74
N SER C 459 11.90 66.19 2.64
CA SER C 459 12.13 64.76 2.79
C SER C 459 11.83 63.98 1.52
N ALA C 460 10.94 64.51 0.69
CA ALA C 460 10.57 63.84 -0.57
C ALA C 460 11.71 64.05 -1.54
N LEU C 461 12.62 64.93 -1.13
CA LEU C 461 13.82 65.32 -1.88
C LEU C 461 15.04 64.73 -1.17
N TRP C 462 15.19 63.40 -1.20
CA TRP C 462 16.30 62.79 -0.50
C TRP C 462 17.13 61.98 -1.46
N PRO C 463 16.49 61.10 -2.24
CA PRO C 463 17.34 60.34 -3.16
C PRO C 463 18.06 61.33 -4.10
N LEU C 464 17.78 62.62 -3.93
CA LEU C 464 18.42 63.64 -4.75
C LEU C 464 19.33 64.54 -3.94
N SER C 465 18.82 65.12 -2.85
CA SER C 465 19.67 66.02 -2.06
C SER C 465 20.86 65.36 -1.34
N THR C 466 20.91 64.04 -1.31
CA THR C 466 22.04 63.38 -0.66
C THR C 466 23.14 63.16 -1.68
N LEU C 467 22.75 63.26 -2.95
CA LEU C 467 23.68 63.11 -4.06
C LEU C 467 23.97 64.49 -4.69
N GLY C 468 23.69 65.56 -3.95
CA GLY C 468 23.93 66.92 -4.44
C GLY C 468 23.15 67.35 -5.69
N TRP C 469 21.93 66.83 -5.88
CA TRP C 469 21.10 67.16 -7.04
C TRP C 469 20.70 68.61 -7.12
N PRO C 470 20.90 69.38 -6.05
CA PRO C 470 20.49 70.76 -6.31
C PRO C 470 21.20 71.14 -7.62
N GLU C 471 22.40 70.54 -7.79
CA GLU C 471 23.35 70.66 -8.92
C GLU C 471 23.28 69.49 -9.90
N GLU C 472 24.43 68.85 -10.13
CA GLU C 472 24.52 67.71 -11.05
C GLU C 472 25.81 66.87 -10.88
N THR C 473 26.14 66.57 -9.63
CA THR C 473 27.34 65.81 -9.25
C THR C 473 27.63 64.48 -9.94
N GLU C 474 28.72 63.87 -9.48
CA GLU C 474 29.19 62.60 -9.98
C GLU C 474 28.58 61.49 -9.16
N ASP C 475 28.34 61.76 -7.87
CA ASP C 475 27.69 60.77 -7.03
C ASP C 475 26.34 60.50 -7.68
N LEU C 476 25.56 61.57 -7.87
CA LEU C 476 24.25 61.46 -8.48
C LEU C 476 24.32 60.72 -9.81
N LYS C 477 25.45 60.79 -10.47
CA LYS C 477 25.57 60.11 -11.75
C LYS C 477 25.90 58.64 -11.56
N ALA C 478 26.79 58.37 -10.60
CA ALA C 478 27.24 57.01 -10.31
C ALA C 478 26.16 56.13 -9.68
N PHE C 479 25.46 56.68 -8.70
CA PHE C 479 24.43 55.92 -8.03
C PHE C 479 23.18 56.68 -7.63
N TYR C 480 22.29 56.89 -8.62
CA TYR C 480 21.05 57.59 -8.34
C TYR C 480 19.94 56.58 -8.13
N PRO C 481 19.64 55.77 -9.16
CA PRO C 481 18.56 54.84 -8.86
C PRO C 481 18.99 53.99 -7.65
N GLY C 482 18.44 54.31 -6.47
CA GLY C 482 18.78 53.57 -5.27
C GLY C 482 18.43 52.11 -5.52
N ASP C 483 19.06 51.18 -4.82
CA ASP C 483 18.75 49.78 -5.08
C ASP C 483 17.64 49.18 -4.20
N VAL C 484 17.55 49.64 -2.95
CA VAL C 484 16.51 49.13 -2.07
C VAL C 484 16.16 50.19 -1.05
N LEU C 485 14.88 50.56 -0.98
CA LEU C 485 14.46 51.56 0.00
C LEU C 485 13.85 50.84 1.21
N VAL C 486 14.55 50.92 2.32
CA VAL C 486 14.11 50.29 3.55
C VAL C 486 13.39 51.30 4.43
N THR C 487 12.18 50.94 4.85
CA THR C 487 11.38 51.79 5.71
C THR C 487 10.10 51.06 6.10
N GLY C 488 9.54 51.49 7.22
CA GLY C 488 8.32 50.88 7.69
C GLY C 488 7.11 51.57 7.12
N TYR C 489 6.16 50.77 6.62
CA TYR C 489 4.95 51.28 6.01
C TYR C 489 4.35 52.52 6.65
N ASP C 490 4.68 52.82 7.89
CA ASP C 490 4.08 53.99 8.51
C ASP C 490 4.24 55.27 7.69
N ILE C 491 5.29 55.37 6.86
CA ILE C 491 5.43 56.58 6.05
C ILE C 491 5.42 56.30 4.55
N LEU C 492 4.73 55.23 4.14
CA LEU C 492 4.66 54.89 2.73
C LEU C 492 3.95 55.99 1.95
N PHE C 493 3.25 56.86 2.65
CA PHE C 493 2.51 57.92 1.97
C PHE C 493 3.21 59.26 2.06
N LEU C 494 3.54 59.69 3.27
CA LEU C 494 4.20 60.97 3.42
C LEU C 494 5.69 61.00 3.14
N TRP C 495 6.24 59.88 2.66
CA TRP C 495 7.64 59.82 2.31
C TRP C 495 7.85 59.04 1.02
N VAL C 496 7.69 57.72 1.07
CA VAL C 496 7.90 56.91 -0.12
C VAL C 496 7.22 57.43 -1.39
N SER C 497 5.95 57.80 -1.30
CA SER C 497 5.24 58.33 -2.47
C SER C 497 5.81 59.70 -2.82
N ARG C 498 5.80 60.61 -1.84
CA ARG C 498 6.34 61.94 -2.01
C ARG C 498 7.70 61.90 -2.75
N MET C 499 8.56 60.95 -2.37
CA MET C 499 9.88 60.80 -2.98
C MET C 499 9.76 60.22 -4.40
N GLU C 500 8.80 59.32 -4.62
CA GLU C 500 8.63 58.74 -5.94
C GLU C 500 8.27 59.83 -6.95
N VAL C 501 7.68 60.91 -6.45
CA VAL C 501 7.29 62.03 -7.28
C VAL C 501 8.56 62.76 -7.67
N SER C 502 9.24 63.34 -6.69
CA SER C 502 10.49 64.05 -6.98
C SER C 502 11.32 63.27 -8.00
N GLY C 503 11.43 61.97 -7.79
CA GLY C 503 12.24 61.16 -8.68
C GLY C 503 11.78 61.00 -10.09
N TYR C 504 10.47 60.83 -10.29
CA TYR C 504 9.95 60.67 -11.64
C TYR C 504 9.75 62.00 -12.34
N HIS C 505 9.65 63.08 -11.56
CA HIS C 505 9.42 64.40 -12.11
C HIS C 505 10.67 65.22 -12.36
N PHE C 506 11.64 65.12 -11.45
CA PHE C 506 12.88 65.87 -11.57
C PHE C 506 14.01 65.10 -12.23
N MET C 507 13.80 63.81 -12.51
CA MET C 507 14.82 62.97 -13.11
C MET C 507 14.24 62.02 -14.14
N GLY C 508 12.92 61.88 -14.12
CA GLY C 508 12.26 61.01 -15.07
C GLY C 508 12.69 59.57 -14.91
N GLU C 509 12.87 59.14 -13.67
CA GLU C 509 13.27 57.77 -13.39
C GLU C 509 13.08 57.42 -11.93
N ARG C 510 12.79 56.15 -11.69
CA ARG C 510 12.58 55.61 -10.36
C ARG C 510 13.65 56.10 -9.40
N PRO C 511 13.26 56.60 -8.22
CA PRO C 511 14.26 57.07 -7.25
C PRO C 511 14.96 55.86 -6.63
N PHE C 512 14.34 54.70 -6.80
CA PHE C 512 14.86 53.43 -6.29
C PHE C 512 14.21 52.24 -7.00
N LYS C 513 14.95 51.15 -7.12
CA LYS C 513 14.48 49.95 -7.81
C LYS C 513 13.59 49.03 -6.99
N THR C 514 13.81 49.01 -5.67
CA THR C 514 13.00 48.16 -4.81
C THR C 514 12.67 48.83 -3.48
N VAL C 515 11.39 48.79 -3.12
CA VAL C 515 10.95 49.36 -1.87
C VAL C 515 10.69 48.21 -0.92
N LEU C 516 11.48 48.20 0.17
CA LEU C 516 11.43 47.19 1.21
C LEU C 516 10.67 47.71 2.42
N LEU C 517 9.46 47.20 2.62
CA LEU C 517 8.66 47.65 3.76
C LEU C 517 8.65 46.63 4.89
N HIS C 518 9.16 47.05 6.04
CA HIS C 518 9.20 46.19 7.21
C HIS C 518 8.14 46.67 8.17
N GLY C 519 7.67 45.79 9.06
CA GLY C 519 6.63 46.16 10.01
C GLY C 519 7.08 47.15 11.08
N LEU C 520 6.33 47.24 12.16
CA LEU C 520 6.72 48.16 13.21
C LEU C 520 6.88 47.44 14.55
N VAL C 521 7.83 47.90 15.35
CA VAL C 521 8.02 47.29 16.65
C VAL C 521 7.01 48.04 17.50
N LEU C 522 6.45 47.36 18.50
CA LEU C 522 5.46 47.96 19.36
C LEU C 522 5.48 47.36 20.75
N ASP C 523 5.21 48.18 21.77
CA ASP C 523 5.21 47.72 23.15
C ASP C 523 4.51 46.39 23.26
N GLU C 524 4.80 45.65 24.33
CA GLU C 524 4.19 44.34 24.55
C GLU C 524 2.67 44.39 24.37
N LYS C 525 2.09 45.54 24.70
CA LYS C 525 0.65 45.74 24.59
C LYS C 525 0.07 45.66 23.16
N GLY C 526 0.95 45.53 22.17
CA GLY C 526 0.50 45.42 20.80
C GLY C 526 0.41 46.73 20.03
N GLN C 527 0.59 47.85 20.72
CA GLN C 527 0.50 49.14 20.05
C GLN C 527 1.85 49.77 19.70
N LYS C 528 1.91 50.36 18.50
CA LYS C 528 3.12 51.00 17.96
C LYS C 528 3.99 51.79 18.90
N MET C 529 5.31 51.64 18.72
CA MET C 529 6.30 52.32 19.53
C MET C 529 6.55 53.69 18.92
N SER C 530 6.41 54.73 19.73
CA SER C 530 6.62 56.07 19.23
C SER C 530 6.64 57.13 20.33
N LYS C 531 7.49 58.14 20.14
CA LYS C 531 7.63 59.24 21.08
C LYS C 531 6.26 59.71 21.56
N SER C 532 5.27 59.71 20.66
CA SER C 532 3.91 60.17 20.97
C SER C 532 3.19 59.33 22.02
N LYS C 533 3.13 58.03 21.82
CA LYS C 533 2.47 57.14 22.77
C LYS C 533 3.21 57.13 24.11
N GLY C 534 4.47 57.52 24.10
CA GLY C 534 5.23 57.54 25.34
C GLY C 534 5.73 56.14 25.65
N ASN C 535 5.55 55.26 24.67
CA ASN C 535 5.96 53.88 24.81
C ASN C 535 7.23 53.63 24.00
N VAL C 536 8.38 54.06 24.52
CA VAL C 536 9.61 53.84 23.78
C VAL C 536 10.73 53.31 24.63
N ILE C 537 11.53 52.44 24.03
CA ILE C 537 12.67 51.86 24.71
C ILE C 537 13.91 52.21 23.89
N ASP C 538 14.88 52.80 24.55
CA ASP C 538 16.12 53.19 23.92
C ASP C 538 16.85 51.93 23.44
N PRO C 539 17.31 51.91 22.19
CA PRO C 539 17.99 50.70 21.73
C PRO C 539 19.24 50.42 22.58
N LEU C 540 19.82 51.50 23.09
CA LEU C 540 21.03 51.42 23.90
C LEU C 540 20.78 50.87 25.30
N GLU C 541 19.52 50.81 25.70
CA GLU C 541 19.19 50.28 27.01
C GLU C 541 19.30 48.78 26.84
N MET C 542 18.88 48.32 25.67
CA MET C 542 18.93 46.91 25.33
C MET C 542 20.35 46.48 25.02
N VAL C 543 21.07 47.27 24.23
CA VAL C 543 22.43 46.88 23.88
C VAL C 543 23.27 46.71 25.15
N GLU C 544 23.08 47.60 26.11
CA GLU C 544 23.85 47.53 27.34
C GLU C 544 23.40 46.33 28.17
N ARG C 545 22.21 45.84 27.93
CA ARG C 545 21.71 44.69 28.68
C ARG C 545 21.89 43.33 28.02
N TYR C 546 21.95 43.31 26.69
CA TYR C 546 22.13 42.05 25.98
C TYR C 546 23.25 42.15 24.95
N GLY C 547 23.52 43.37 24.50
CA GLY C 547 24.56 43.57 23.49
C GLY C 547 24.01 43.91 22.11
N ALA C 548 24.73 44.77 21.39
CA ALA C 548 24.29 45.17 20.06
C ALA C 548 24.09 44.04 19.08
N ASP C 549 24.98 43.04 19.07
CA ASP C 549 24.81 41.93 18.15
C ASP C 549 23.53 41.21 18.50
N ALA C 550 23.16 41.23 19.77
CA ALA C 550 21.95 40.56 20.18
C ALA C 550 20.76 41.35 19.62
N LEU C 551 20.61 42.59 20.07
CA LEU C 551 19.54 43.48 19.63
C LEU C 551 19.35 43.43 18.12
N ARG C 552 20.45 43.47 17.38
CA ARG C 552 20.42 43.39 15.92
C ARG C 552 19.80 42.07 15.46
N PHE C 553 20.23 40.99 16.09
CA PHE C 553 19.76 39.65 15.75
C PHE C 553 18.31 39.41 16.11
N ALA C 554 17.90 39.88 17.28
CA ALA C 554 16.51 39.70 17.66
C ALA C 554 15.71 40.34 16.53
N LEU C 555 15.78 41.67 16.49
CA LEU C 555 15.08 42.48 15.50
C LEU C 555 15.05 41.93 14.08
N ILE C 556 16.15 41.41 13.58
CA ILE C 556 16.13 40.87 12.22
C ILE C 556 15.35 39.55 12.22
N TYR C 557 15.74 38.64 13.11
CA TYR C 557 15.08 37.35 13.25
C TYR C 557 13.56 37.52 13.20
N LEU C 558 13.05 38.49 13.97
CA LEU C 558 11.62 38.75 14.05
C LEU C 558 10.99 39.50 12.87
N ALA C 559 11.76 40.25 12.10
CA ALA C 559 11.20 41.00 10.96
C ALA C 559 10.89 40.04 9.80
N THR C 560 9.84 39.26 9.99
CA THR C 560 9.42 38.28 9.01
C THR C 560 8.28 38.78 8.14
N GLY C 561 8.46 38.68 6.83
CA GLY C 561 7.42 39.11 5.88
C GLY C 561 6.76 40.46 6.07
N GLY C 562 7.53 41.44 6.53
CA GLY C 562 6.98 42.79 6.71
C GLY C 562 5.93 42.84 7.78
N GLN C 563 5.94 41.84 8.66
CA GLN C 563 5.02 41.74 9.78
C GLN C 563 5.51 42.64 10.89
N ASP C 564 4.64 42.99 11.82
CA ASP C 564 5.10 43.84 12.90
C ASP C 564 5.93 43.03 13.88
N ILE C 565 6.41 43.70 14.90
CA ILE C 565 7.23 43.01 15.86
C ILE C 565 6.82 43.45 17.23
N ARG C 566 6.24 42.51 17.99
CA ARG C 566 5.81 42.80 19.35
C ARG C 566 6.99 42.58 20.28
N LEU C 567 7.21 43.57 21.14
CA LEU C 567 8.30 43.53 22.09
C LEU C 567 8.19 42.32 22.98
N ASP C 568 9.22 41.46 22.98
CA ASP C 568 9.21 40.26 23.81
C ASP C 568 10.65 40.01 24.25
N LEU C 569 11.04 40.52 25.42
CA LEU C 569 12.42 40.38 25.87
C LEU C 569 13.01 38.99 25.68
N ARG C 570 12.16 37.96 25.70
CA ARG C 570 12.58 36.58 25.53
C ARG C 570 13.39 36.42 24.25
N TRP C 571 13.04 37.21 23.24
CA TRP C 571 13.75 37.15 21.97
C TRP C 571 15.11 37.79 22.08
N LEU C 572 15.24 38.73 23.02
CA LEU C 572 16.54 39.37 23.22
C LEU C 572 17.47 38.37 23.89
N GLU C 573 16.93 37.51 24.76
CA GLU C 573 17.75 36.49 25.42
C GLU C 573 18.15 35.53 24.31
N MET C 574 17.13 35.06 23.59
CA MET C 574 17.32 34.14 22.48
C MET C 574 18.61 34.51 21.76
N ALA C 575 18.69 35.79 21.37
CA ALA C 575 19.83 36.36 20.65
C ALA C 575 21.11 36.35 21.44
N ARG C 576 21.09 36.94 22.64
CA ARG C 576 22.27 36.98 23.48
C ARG C 576 22.83 35.57 23.63
N ASN C 577 21.97 34.65 24.08
CA ASN C 577 22.36 33.26 24.28
C ASN C 577 23.04 32.67 23.05
N PHE C 578 22.59 33.07 21.87
CA PHE C 578 23.15 32.56 20.63
C PHE C 578 24.50 33.19 20.33
N ALA C 579 24.64 34.46 20.65
CA ALA C 579 25.92 35.13 20.44
C ALA C 579 26.92 34.32 21.25
N ASN C 580 26.59 34.15 22.54
CA ASN C 580 27.43 33.39 23.46
C ASN C 580 27.77 32.00 22.97
N LYS C 581 26.81 31.32 22.36
CA LYS C 581 27.09 29.98 21.85
C LYS C 581 28.10 30.12 20.72
N LEU C 582 27.83 31.02 19.79
CA LEU C 582 28.76 31.24 18.67
C LEU C 582 30.13 31.48 19.26
N TYR C 583 30.18 32.38 20.22
CA TYR C 583 31.41 32.72 20.90
C TYR C 583 32.13 31.47 21.41
N ASN C 584 31.46 30.71 22.28
CA ASN C 584 32.05 29.49 22.81
C ASN C 584 32.58 28.57 21.74
N ALA C 585 31.79 28.36 20.69
CA ALA C 585 32.22 27.51 19.61
C ALA C 585 33.60 27.99 19.16
N ALA C 586 33.76 29.30 19.08
CA ALA C 586 35.02 29.89 18.68
C ALA C 586 36.08 29.65 19.73
N ARG C 587 35.71 29.86 20.99
CA ARG C 587 36.66 29.66 22.08
C ARG C 587 37.21 28.24 21.99
N PHE C 588 36.34 27.28 21.79
CA PHE C 588 36.78 25.91 21.69
C PHE C 588 37.85 25.77 20.61
N VAL C 589 37.55 26.20 19.39
CA VAL C 589 38.53 26.09 18.32
C VAL C 589 39.83 26.84 18.60
N LEU C 590 39.74 28.02 19.22
CA LEU C 590 40.94 28.79 19.53
C LEU C 590 41.79 28.06 20.57
N LEU C 591 41.15 27.66 21.66
CA LEU C 591 41.83 26.93 22.73
C LEU C 591 42.30 25.56 22.24
N SER C 592 41.66 25.07 21.20
CA SER C 592 42.04 23.78 20.65
C SER C 592 43.34 23.92 19.88
N ARG C 593 43.36 24.77 18.86
CA ARG C 593 44.57 24.96 18.06
C ARG C 593 45.69 25.53 18.94
N GLU C 594 45.43 25.60 20.23
CA GLU C 594 46.37 26.07 21.24
C GLU C 594 47.74 25.42 21.04
N GLY C 595 48.07 24.48 21.93
CA GLY C 595 49.35 23.80 21.83
C GLY C 595 49.20 22.49 21.09
N PHE C 596 48.24 22.44 20.17
CA PHE C 596 47.98 21.25 19.37
C PHE C 596 49.26 20.55 18.93
N GLN C 597 49.21 19.24 18.90
CA GLN C 597 50.35 18.41 18.52
C GLN C 597 49.94 17.54 17.33
N ALA C 598 50.22 18.00 16.12
CA ALA C 598 49.86 17.23 14.94
C ALA C 598 50.45 15.82 15.04
N LYS C 599 49.68 14.82 14.64
CA LYS C 599 50.17 13.45 14.68
C LYS C 599 49.69 12.67 13.49
N GLU C 600 48.82 13.30 12.70
CA GLU C 600 48.28 12.69 11.48
C GLU C 600 47.42 13.71 10.76
N ASP C 601 47.19 13.46 9.49
CA ASP C 601 46.34 14.35 8.72
C ASP C 601 45.46 13.42 7.93
N THR C 602 44.48 12.87 8.65
CA THR C 602 43.54 11.91 8.08
C THR C 602 42.14 12.44 7.93
N PRO C 603 41.57 12.34 6.72
CA PRO C 603 40.21 12.83 6.51
C PRO C 603 39.27 12.05 7.41
N THR C 604 38.35 12.75 8.06
CA THR C 604 37.39 12.10 8.96
C THR C 604 35.98 12.30 8.42
N LEU C 605 35.14 11.29 8.60
CA LEU C 605 33.75 11.36 8.15
C LEU C 605 33.11 12.64 8.67
N ALA C 606 33.27 12.90 9.96
CA ALA C 606 32.71 14.11 10.58
C ALA C 606 33.12 15.35 9.80
N ASP C 607 34.38 15.41 9.40
CA ASP C 607 34.89 16.55 8.65
C ASP C 607 34.17 16.65 7.32
N ARG C 608 34.36 15.63 6.48
CA ARG C 608 33.72 15.59 5.18
C ARG C 608 32.24 15.91 5.28
N PHE C 609 31.65 15.63 6.43
CA PHE C 609 30.24 15.90 6.66
C PHE C 609 29.96 17.38 6.89
N MET C 610 30.70 18.00 7.81
CA MET C 610 30.44 19.40 8.09
C MET C 610 30.78 20.28 6.90
N ARG C 611 31.78 19.88 6.13
CA ARG C 611 32.14 20.67 4.96
C ARG C 611 30.93 20.69 4.01
N SER C 612 30.36 19.52 3.77
CA SER C 612 29.21 19.39 2.89
C SER C 612 28.02 20.16 3.43
N ARG C 613 27.74 19.94 4.71
CA ARG C 613 26.61 20.60 5.35
C ARG C 613 26.80 22.09 5.37
N LEU C 614 28.00 22.55 5.03
CA LEU C 614 28.29 23.97 5.02
C LEU C 614 27.93 24.59 3.68
N SER C 615 28.27 23.90 2.59
CA SER C 615 27.95 24.40 1.25
C SER C 615 26.45 24.54 1.22
N ARG C 616 25.78 23.53 1.76
CA ARG C 616 24.34 23.50 1.83
C ARG C 616 23.92 24.79 2.50
N GLY C 617 24.64 25.14 3.56
CA GLY C 617 24.35 26.36 4.30
C GLY C 617 24.62 27.64 3.51
N VAL C 618 25.82 27.75 2.96
CA VAL C 618 26.17 28.94 2.18
C VAL C 618 25.18 29.17 1.05
N GLU C 619 24.88 28.12 0.31
CA GLU C 619 23.93 28.25 -0.77
C GLU C 619 22.63 28.81 -0.21
N GLU C 620 21.94 28.03 0.61
CA GLU C 620 20.68 28.45 1.21
C GLU C 620 20.67 29.87 1.73
N ILE C 621 21.61 30.20 2.61
CA ILE C 621 21.65 31.54 3.19
C ILE C 621 21.84 32.67 2.20
N THR C 622 22.69 32.45 1.18
CA THR C 622 22.92 33.51 0.20
C THR C 622 21.62 33.83 -0.49
N ALA C 623 21.03 32.81 -1.12
CA ALA C 623 19.76 32.95 -1.82
C ALA C 623 18.76 33.69 -0.93
N LEU C 624 18.82 33.43 0.37
CA LEU C 624 17.91 34.07 1.31
C LEU C 624 18.21 35.54 1.38
N TYR C 625 19.49 35.90 1.32
CA TYR C 625 19.85 37.30 1.35
C TYR C 625 19.42 37.89 0.02
N GLU C 626 19.59 37.09 -1.03
CA GLU C 626 19.21 37.51 -2.36
C GLU C 626 17.72 37.80 -2.47
N ALA C 627 16.91 37.18 -1.62
CA ALA C 627 15.47 37.42 -1.65
C ALA C 627 15.10 38.44 -0.59
N LEU C 628 16.09 39.13 -0.06
CA LEU C 628 15.85 40.12 0.96
C LEU C 628 15.09 39.52 2.15
N ASP C 629 15.27 38.22 2.38
CA ASP C 629 14.60 37.53 3.49
C ASP C 629 15.54 37.33 4.67
N LEU C 630 16.06 38.41 5.21
CA LEU C 630 17.00 38.33 6.32
C LEU C 630 16.47 37.57 7.51
N ALA C 631 15.22 37.85 7.90
CA ALA C 631 14.62 37.17 9.05
C ALA C 631 14.72 35.65 8.92
N GLN C 632 14.61 35.15 7.69
CA GLN C 632 14.71 33.73 7.49
C GLN C 632 16.18 33.35 7.63
N ALA C 633 17.03 33.97 6.84
CA ALA C 633 18.44 33.68 6.94
C ALA C 633 18.84 33.64 8.41
N ALA C 634 18.36 34.61 9.19
CA ALA C 634 18.69 34.66 10.62
C ALA C 634 18.47 33.34 11.34
N ARG C 635 17.33 32.69 11.10
CA ARG C 635 17.09 31.45 11.80
C ARG C 635 17.70 30.28 11.06
N GLU C 636 18.07 30.49 9.81
CA GLU C 636 18.70 29.41 9.06
C GLU C 636 20.18 29.28 9.43
N VAL C 637 20.78 30.38 9.86
CA VAL C 637 22.19 30.37 10.26
C VAL C 637 22.27 29.97 11.73
N TYR C 638 21.21 30.26 12.48
CA TYR C 638 21.14 29.90 13.90
C TYR C 638 21.23 28.39 13.86
N GLU C 639 20.38 27.81 13.02
CA GLU C 639 20.33 26.39 12.80
C GLU C 639 21.72 25.85 12.52
N LEU C 640 22.30 26.25 11.41
CA LEU C 640 23.62 25.78 11.01
C LEU C 640 24.63 25.71 12.15
N VAL C 641 24.94 26.88 12.71
CA VAL C 641 25.89 27.03 13.81
C VAL C 641 25.59 26.17 15.05
N TRP C 642 24.39 26.31 15.58
CA TRP C 642 23.99 25.59 16.78
C TRP C 642 23.70 24.11 16.67
N SER C 643 22.83 23.72 15.76
CA SER C 643 22.44 22.32 15.60
C SER C 643 23.34 21.44 14.75
N GLU C 644 24.15 22.04 13.89
CA GLU C 644 25.00 21.25 13.01
C GLU C 644 26.49 21.35 13.31
N PHE C 645 26.92 22.51 13.81
CA PHE C 645 28.32 22.74 14.11
C PHE C 645 28.64 22.43 15.56
N CYS C 646 27.92 23.07 16.47
CA CYS C 646 28.16 22.86 17.89
C CYS C 646 27.64 21.52 18.41
N ASP C 647 26.36 21.26 18.20
CA ASP C 647 25.75 20.03 18.66
C ASP C 647 26.38 18.76 18.09
N TRP C 648 26.71 18.76 16.80
CA TRP C 648 27.29 17.57 16.19
C TRP C 648 28.73 17.62 15.73
N TYR C 649 29.08 18.60 14.90
CA TYR C 649 30.45 18.64 14.40
C TYR C 649 31.54 18.81 15.45
N LEU C 650 31.48 19.87 16.24
CA LEU C 650 32.49 20.06 17.25
C LEU C 650 32.68 18.79 18.06
N GLU C 651 31.59 18.29 18.64
CA GLU C 651 31.65 17.08 19.46
C GLU C 651 32.31 15.92 18.72
N ALA C 652 31.82 15.63 17.52
CA ALA C 652 32.35 14.55 16.70
C ALA C 652 33.81 14.73 16.40
N ALA C 653 34.31 15.94 16.67
CA ALA C 653 35.69 16.24 16.39
C ALA C 653 36.63 16.11 17.58
N LYS C 654 36.10 16.26 18.80
CA LYS C 654 36.95 16.19 19.99
C LYS C 654 37.87 14.97 20.07
N PRO C 655 37.35 13.76 19.77
CA PRO C 655 38.24 12.59 19.84
C PRO C 655 39.38 12.77 18.85
N ALA C 656 39.04 13.02 17.59
CA ALA C 656 40.06 13.20 16.55
C ALA C 656 41.13 14.23 16.95
N LEU C 657 40.72 15.22 17.74
CA LEU C 657 41.67 16.25 18.17
C LEU C 657 42.57 15.71 19.25
N LYS C 658 42.02 14.89 20.14
CA LYS C 658 42.81 14.29 21.20
C LYS C 658 43.83 13.41 20.51
N ALA C 659 43.38 12.76 19.45
CA ALA C 659 44.21 11.87 18.65
C ALA C 659 45.21 12.67 17.82
N GLY C 660 45.20 13.98 18.00
CA GLY C 660 46.11 14.85 17.28
C GLY C 660 45.96 14.79 15.77
N ASN C 661 44.74 14.99 15.28
CA ASN C 661 44.48 14.97 13.84
C ASN C 661 44.44 16.40 13.29
N ALA C 662 45.31 16.69 12.32
CA ALA C 662 45.39 18.02 11.74
C ALA C 662 44.26 18.35 10.77
N HIS C 663 43.84 17.36 10.00
CA HIS C 663 42.77 17.54 9.03
C HIS C 663 41.52 18.06 9.73
N THR C 664 41.32 17.60 10.97
CA THR C 664 40.17 18.03 11.75
C THR C 664 40.41 19.45 12.25
N LEU C 665 41.43 19.66 13.08
CA LEU C 665 41.69 21.01 13.57
C LEU C 665 41.64 21.99 12.41
N ARG C 666 42.05 21.55 11.23
CA ARG C 666 42.01 22.45 10.09
C ARG C 666 40.54 22.76 9.80
N THR C 667 39.83 21.76 9.30
CA THR C 667 38.41 21.89 8.96
C THR C 667 37.64 22.73 9.97
N LEU C 668 37.90 22.57 11.26
CA LEU C 668 37.20 23.37 12.26
C LEU C 668 37.48 24.84 11.99
N GLU C 669 38.76 25.19 11.84
CA GLU C 669 39.18 26.57 11.60
C GLU C 669 38.60 27.16 10.30
N GLU C 670 38.60 26.36 9.23
CA GLU C 670 38.08 26.81 7.96
C GLU C 670 36.56 27.02 8.01
N VAL C 671 35.85 26.06 8.57
CA VAL C 671 34.40 26.14 8.67
C VAL C 671 34.00 27.31 9.55
N LEU C 672 34.74 27.52 10.63
CA LEU C 672 34.41 28.61 11.53
C LEU C 672 34.56 29.95 10.82
N ALA C 673 35.49 30.03 9.87
CA ALA C 673 35.71 31.28 9.13
C ALA C 673 34.42 31.61 8.39
N VAL C 674 34.11 30.76 7.41
CA VAL C 674 32.90 30.92 6.63
C VAL C 674 31.72 31.26 7.54
N LEU C 675 31.54 30.52 8.62
CA LEU C 675 30.42 30.80 9.52
C LEU C 675 30.45 32.24 10.01
N LEU C 676 31.63 32.71 10.44
CA LEU C 676 31.76 34.08 10.93
C LEU C 676 31.41 35.05 9.81
N LYS C 677 31.73 34.66 8.58
CA LYS C 677 31.39 35.48 7.41
C LYS C 677 29.87 35.61 7.42
N LEU C 678 29.21 34.49 7.15
CA LEU C 678 27.77 34.44 7.10
C LEU C 678 27.08 35.25 8.20
N LEU C 679 27.47 35.02 9.45
CA LEU C 679 26.86 35.73 10.57
C LEU C 679 27.12 37.22 10.61
N HIS C 680 28.25 37.65 10.06
CA HIS C 680 28.65 39.07 10.12
C HIS C 680 27.61 40.15 9.83
N PRO C 681 26.91 40.07 8.69
CA PRO C 681 25.90 41.10 8.37
C PRO C 681 24.95 41.42 9.53
N MET C 682 24.55 40.38 10.28
CA MET C 682 23.64 40.52 11.42
C MET C 682 24.38 40.86 12.71
N MET C 683 25.39 40.07 13.02
CA MET C 683 26.19 40.30 14.22
C MET C 683 27.58 40.69 13.74
N PRO C 684 27.81 41.99 13.53
CA PRO C 684 29.09 42.48 13.04
C PRO C 684 30.20 42.56 14.08
N PHE C 685 29.90 43.03 15.28
CA PHE C 685 30.93 43.15 16.28
C PHE C 685 31.62 41.84 16.66
N LEU C 686 30.91 41.01 17.41
CA LEU C 686 31.48 39.74 17.84
C LEU C 686 32.07 38.98 16.65
N THR C 687 31.36 38.97 15.55
CA THR C 687 31.81 38.24 14.39
C THR C 687 33.17 38.71 13.84
N SER C 688 33.53 39.96 14.12
CA SER C 688 34.80 40.49 13.64
C SER C 688 35.88 40.15 14.64
N GLU C 689 35.59 40.41 15.90
CA GLU C 689 36.51 40.11 16.99
C GLU C 689 37.00 38.68 16.82
N LEU C 690 36.05 37.76 16.75
CA LEU C 690 36.40 36.36 16.58
C LEU C 690 37.24 36.12 15.34
N TYR C 691 36.72 36.52 14.18
CA TYR C 691 37.44 36.34 12.90
C TYR C 691 38.87 36.84 12.92
N GLN C 692 39.11 37.92 13.64
CA GLN C 692 40.46 38.47 13.72
C GLN C 692 41.33 37.52 14.53
N ALA C 693 40.85 37.15 15.70
CA ALA C 693 41.57 36.23 16.58
C ALA C 693 41.79 34.90 15.84
N LEU C 694 40.84 34.52 15.01
CA LEU C 694 40.95 33.26 14.27
C LEU C 694 41.95 33.32 13.12
N THR C 695 41.88 34.38 12.32
CA THR C 695 42.75 34.53 11.15
C THR C 695 43.71 35.70 11.08
N GLY C 696 43.66 36.61 12.04
CA GLY C 696 44.57 37.75 12.00
C GLY C 696 44.01 38.95 11.24
N LYS C 697 43.12 38.68 10.28
CA LYS C 697 42.49 39.74 9.49
C LYS C 697 41.87 40.75 10.44
N GLU C 698 42.01 42.04 10.15
CA GLU C 698 41.47 43.07 11.05
C GLU C 698 40.15 43.70 10.59
N GLU C 699 39.69 43.31 9.40
CA GLU C 699 38.42 43.82 8.88
C GLU C 699 37.69 42.79 8.05
N LEU C 700 36.95 41.94 8.77
CA LEU C 700 36.15 40.88 8.17
C LEU C 700 35.18 41.57 7.22
N ALA C 701 34.68 42.72 7.66
CA ALA C 701 33.73 43.50 6.88
C ALA C 701 34.17 43.59 5.43
N LEU C 702 35.48 43.71 5.20
CA LEU C 702 36.01 43.85 3.85
C LEU C 702 36.31 42.53 3.16
N GLU C 703 36.19 41.42 3.90
CA GLU C 703 36.43 40.11 3.32
C GLU C 703 35.35 39.80 2.31
N ALA C 704 35.58 38.82 1.45
CA ALA C 704 34.59 38.46 0.45
C ALA C 704 33.61 37.41 0.93
N TRP C 705 32.39 37.47 0.43
CA TRP C 705 31.34 36.53 0.80
C TRP C 705 31.79 35.13 0.37
N PRO C 706 31.50 34.13 1.20
CA PRO C 706 31.88 32.75 0.88
C PRO C 706 31.08 32.20 -0.29
N GLU C 707 31.68 31.22 -0.97
CA GLU C 707 31.05 30.58 -2.11
C GLU C 707 30.87 29.11 -1.72
N PRO C 708 29.70 28.54 -1.98
CA PRO C 708 29.51 27.14 -1.61
C PRO C 708 30.54 26.21 -2.25
N GLY C 709 31.27 25.47 -1.42
CA GLY C 709 32.25 24.54 -1.93
C GLY C 709 31.60 23.32 -2.57
N GLY C 710 31.85 22.14 -2.03
CA GLY C 710 31.27 20.94 -2.59
C GLY C 710 29.93 20.57 -1.98
N ARG C 711 29.74 19.27 -1.77
CA ARG C 711 28.52 18.70 -1.20
C ARG C 711 28.74 17.18 -1.29
N ASP C 712 28.83 16.49 -0.16
CA ASP C 712 29.07 15.06 -0.22
C ASP C 712 27.80 14.26 0.01
N GLU C 713 27.23 13.73 -1.06
CA GLU C 713 26.02 12.94 -0.94
C GLU C 713 26.12 11.86 0.12
N GLU C 714 26.90 10.81 -0.18
CA GLU C 714 27.07 9.71 0.74
C GLU C 714 27.39 10.25 2.12
N ALA C 715 28.58 10.83 2.30
CA ALA C 715 28.99 11.37 3.58
C ALA C 715 27.84 11.86 4.44
N GLU C 716 26.98 12.74 3.91
CA GLU C 716 25.86 13.26 4.69
C GLU C 716 24.93 12.17 5.16
N ARG C 717 24.71 11.17 4.30
CA ARG C 717 23.83 10.04 4.60
C ARG C 717 24.54 9.07 5.55
N ALA C 718 25.87 9.03 5.46
CA ALA C 718 26.66 8.16 6.32
C ALA C 718 26.57 8.70 7.73
N PHE C 719 26.93 9.97 7.88
CA PHE C 719 26.90 10.62 9.18
C PHE C 719 25.53 10.66 9.83
N GLU C 720 24.47 10.58 9.03
CA GLU C 720 23.13 10.59 9.61
C GLU C 720 23.00 9.26 10.35
N ALA C 721 23.44 8.20 9.69
CA ALA C 721 23.41 6.86 10.26
C ALA C 721 24.01 6.96 11.65
N LEU C 722 25.21 7.54 11.72
CA LEU C 722 25.91 7.71 12.98
C LEU C 722 25.02 8.45 13.98
N LYS C 723 24.62 9.67 13.63
CA LYS C 723 23.75 10.47 14.50
C LYS C 723 22.71 9.58 15.14
N GLN C 724 22.08 8.74 14.33
CA GLN C 724 21.03 7.84 14.81
C GLN C 724 21.50 6.79 15.82
N ALA C 725 22.60 6.12 15.50
CA ALA C 725 23.15 5.13 16.41
C ALA C 725 23.38 5.82 17.74
N VAL C 726 24.04 6.98 17.69
CA VAL C 726 24.34 7.76 18.89
C VAL C 726 23.11 8.16 19.66
N THR C 727 22.12 8.72 18.97
CA THR C 727 20.90 9.13 19.65
C THR C 727 20.15 7.93 20.14
N ALA C 728 20.18 6.84 19.38
CA ALA C 728 19.50 5.62 19.80
C ALA C 728 19.99 5.27 21.19
N VAL C 729 21.30 5.05 21.29
CA VAL C 729 21.93 4.70 22.55
C VAL C 729 21.58 5.69 23.68
N ARG C 730 21.77 6.98 23.43
CA ARG C 730 21.50 7.95 24.49
C ARG C 730 20.04 8.06 24.81
N ALA C 731 19.19 7.49 23.97
CA ALA C 731 17.73 7.52 24.22
C ALA C 731 17.44 6.30 25.07
N LEU C 732 18.16 5.23 24.81
CA LEU C 732 18.00 4.03 25.57
C LEU C 732 18.40 4.37 27.00
N LYS C 733 19.64 4.81 27.21
CA LYS C 733 20.09 5.17 28.55
C LYS C 733 19.05 6.04 29.24
N ALA C 734 18.58 7.06 28.54
CA ALA C 734 17.60 7.95 29.14
C ALA C 734 16.47 7.14 29.76
N GLU C 735 15.78 6.40 28.90
CA GLU C 735 14.65 5.57 29.30
C GLU C 735 15.00 4.57 30.41
N ALA C 736 16.16 3.94 30.31
CA ALA C 736 16.57 2.97 31.31
C ALA C 736 16.81 3.65 32.66
N GLY C 737 16.89 4.98 32.67
CA GLY C 737 17.15 5.68 33.91
C GLY C 737 18.64 5.67 34.27
N LEU C 738 19.47 5.25 33.34
CA LEU C 738 20.92 5.21 33.52
C LEU C 738 21.50 6.63 33.46
N PRO C 739 22.45 6.95 34.36
CA PRO C 739 23.07 8.29 34.38
C PRO C 739 23.82 8.52 33.09
N PRO C 740 23.91 9.78 32.66
CA PRO C 740 24.60 10.20 31.43
C PRO C 740 25.95 9.55 31.16
N ALA C 741 26.92 9.81 32.03
CA ALA C 741 28.27 9.28 31.86
C ALA C 741 28.43 7.78 32.06
N GLN C 742 27.35 7.11 32.48
CA GLN C 742 27.37 5.67 32.73
C GLN C 742 27.99 4.89 31.58
N GLU C 743 28.92 4.00 31.89
CA GLU C 743 29.56 3.16 30.87
C GLU C 743 28.48 2.20 30.37
N VAL C 744 28.50 1.87 29.08
CA VAL C 744 27.47 1.00 28.56
C VAL C 744 27.88 0.16 27.36
N ARG C 745 27.22 -0.98 27.24
CA ARG C 745 27.46 -1.93 26.16
C ARG C 745 26.22 -1.92 25.28
N VAL C 746 26.42 -2.00 23.97
CA VAL C 746 25.30 -2.00 23.06
C VAL C 746 25.62 -2.79 21.80
N TYR C 747 24.59 -3.22 21.10
CA TYR C 747 24.76 -3.97 19.87
C TYR C 747 23.93 -3.32 18.76
N LEU C 748 24.55 -3.10 17.59
CA LEU C 748 23.86 -2.45 16.49
C LEU C 748 23.61 -3.36 15.27
N GLU C 749 22.44 -3.16 14.66
CA GLU C 749 22.00 -3.91 13.47
C GLU C 749 21.52 -2.88 12.43
N GLY C 750 22.00 -2.99 11.19
CA GLY C 750 21.57 -2.04 10.17
C GLY C 750 22.73 -1.33 9.51
N GLU C 751 22.54 -0.07 9.13
CA GLU C 751 23.63 0.69 8.52
C GLU C 751 24.58 1.01 9.68
N THR C 752 25.44 0.06 10.00
CA THR C 752 26.39 0.20 11.11
C THR C 752 27.78 0.56 10.63
N ALA C 753 28.00 0.46 9.32
CA ALA C 753 29.30 0.77 8.75
C ALA C 753 29.89 2.07 9.33
N PRO C 754 29.07 3.14 9.39
CA PRO C 754 29.55 4.40 9.92
C PRO C 754 30.13 4.29 11.33
N VAL C 755 29.39 3.65 12.23
CA VAL C 755 29.83 3.50 13.61
C VAL C 755 31.12 2.68 13.73
N GLU C 756 31.25 1.64 12.91
CA GLU C 756 32.46 0.81 12.95
C GLU C 756 33.69 1.58 12.52
N GLU C 757 33.58 2.30 11.40
CA GLU C 757 34.69 3.09 10.87
C GLU C 757 35.12 4.23 11.77
N ASN C 758 34.18 4.73 12.57
CA ASN C 758 34.45 5.85 13.46
C ASN C 758 34.10 5.46 14.89
N LEU C 759 34.67 4.35 15.36
CA LEU C 759 34.40 3.84 16.71
C LEU C 759 34.48 4.88 17.81
N GLU C 760 35.68 5.40 18.04
CA GLU C 760 35.92 6.39 19.08
C GLU C 760 34.88 7.51 19.17
N VAL C 761 34.48 8.05 18.03
CA VAL C 761 33.48 9.08 18.05
C VAL C 761 32.22 8.46 18.66
N PHE C 762 31.79 7.34 18.09
CA PHE C 762 30.59 6.69 18.60
C PHE C 762 30.70 6.52 20.10
N ARG C 763 31.83 5.99 20.55
CA ARG C 763 32.06 5.78 21.97
C ARG C 763 31.96 7.11 22.71
N PHE C 764 32.83 8.05 22.38
CA PHE C 764 32.78 9.35 23.05
C PHE C 764 31.37 9.96 23.14
N LEU C 765 30.60 9.87 22.05
CA LEU C 765 29.27 10.45 22.01
C LEU C 765 28.16 9.67 22.73
N SER C 766 28.12 8.36 22.54
CA SER C 766 27.09 7.56 23.19
C SER C 766 27.50 7.19 24.60
N ARG C 767 28.80 6.98 24.76
CA ARG C 767 29.38 6.57 26.03
C ARG C 767 29.02 5.10 26.08
N ALA C 768 29.27 4.42 24.96
CA ALA C 768 28.96 3.00 24.83
C ALA C 768 29.98 2.25 24.00
N ASP C 769 30.24 0.99 24.40
CA ASP C 769 31.19 0.12 23.70
C ASP C 769 30.34 -0.82 22.84
N LEU C 770 30.84 -1.20 21.67
CA LEU C 770 30.09 -2.10 20.79
C LEU C 770 30.18 -3.60 21.09
N LEU C 771 29.02 -4.26 21.16
CA LEU C 771 28.98 -5.72 21.40
C LEU C 771 29.04 -6.48 20.09
N PRO C 772 29.96 -7.45 19.98
CA PRO C 772 30.06 -8.20 18.75
C PRO C 772 28.84 -9.08 18.54
N GLU C 773 28.45 -9.80 19.58
CA GLU C 773 27.32 -10.70 19.51
C GLU C 773 26.03 -10.13 20.03
N ARG C 774 24.99 -10.28 19.23
CA ARG C 774 23.67 -9.81 19.56
C ARG C 774 23.16 -10.48 20.84
N PRO C 775 22.69 -9.67 21.82
CA PRO C 775 22.18 -10.18 23.10
C PRO C 775 20.75 -10.72 22.98
N ALA C 776 20.52 -11.92 23.48
CA ALA C 776 19.20 -12.56 23.42
C ALA C 776 18.09 -11.69 23.98
N LYS C 777 18.20 -11.42 25.28
CA LYS C 777 17.27 -10.59 26.04
C LYS C 777 17.87 -9.18 25.97
N ALA C 778 17.04 -8.16 25.91
CA ALA C 778 17.57 -6.81 25.83
C ALA C 778 16.53 -5.71 25.66
N LEU C 779 16.96 -4.48 25.89
CA LEU C 779 16.11 -3.30 25.70
C LEU C 779 16.38 -2.93 24.24
N VAL C 780 15.33 -2.54 23.51
CA VAL C 780 15.50 -2.23 22.10
C VAL C 780 15.10 -0.85 21.67
N LYS C 781 15.89 -0.29 20.77
CA LYS C 781 15.63 1.03 20.21
C LYS C 781 15.65 0.91 18.70
N ALA C 782 14.51 1.19 18.07
CA ALA C 782 14.42 1.11 16.62
C ALA C 782 14.46 2.49 15.99
N MET C 783 15.52 2.73 15.23
CA MET C 783 15.67 3.99 14.55
C MET C 783 15.49 3.62 13.07
N PRO C 784 15.27 4.62 12.20
CA PRO C 784 15.08 4.36 10.77
C PRO C 784 16.16 3.50 10.16
N ARG C 785 17.36 4.05 10.10
CA ARG C 785 18.48 3.35 9.51
C ARG C 785 19.16 2.27 10.36
N VAL C 786 19.20 2.47 11.67
CA VAL C 786 19.87 1.50 12.54
C VAL C 786 19.01 1.12 13.74
N THR C 787 19.30 -0.04 14.35
CA THR C 787 18.59 -0.55 15.52
C THR C 787 19.58 -0.89 16.64
N ALA C 788 19.22 -0.56 17.88
CA ALA C 788 20.12 -0.82 19.00
C ALA C 788 19.55 -1.76 20.06
N ARG C 789 20.39 -2.70 20.51
CA ARG C 789 20.01 -3.67 21.55
C ARG C 789 20.94 -3.52 22.77
N MET C 790 20.35 -3.26 23.93
CA MET C 790 21.15 -3.11 25.15
C MET C 790 20.89 -4.27 26.11
N PRO C 791 21.96 -5.00 26.48
CA PRO C 791 21.87 -6.14 27.40
C PRO C 791 21.23 -5.73 28.71
N LEU C 792 20.54 -6.67 29.35
CA LEU C 792 19.87 -6.39 30.60
C LEU C 792 20.76 -6.37 31.86
N GLU C 793 22.03 -6.00 31.70
CA GLU C 793 22.96 -5.93 32.83
C GLU C 793 22.63 -4.70 33.69
N GLY C 794 22.49 -4.90 35.00
CA GLY C 794 22.22 -3.78 35.89
C GLY C 794 20.78 -3.47 36.23
N LEU C 795 20.57 -2.35 36.92
CA LEU C 795 19.24 -1.92 37.32
C LEU C 795 18.67 -0.93 36.29
N LEU C 796 17.83 -1.45 35.41
CA LEU C 796 17.22 -0.64 34.36
C LEU C 796 15.74 -0.36 34.62
N ASP C 797 15.28 0.79 34.14
CA ASP C 797 13.89 1.19 34.30
C ASP C 797 13.11 0.62 33.12
N VAL C 798 12.68 -0.63 33.25
CA VAL C 798 11.93 -1.27 32.17
C VAL C 798 10.56 -0.64 31.94
N GLU C 799 9.88 -0.25 33.02
CA GLU C 799 8.57 0.39 32.90
C GLU C 799 8.68 1.54 31.89
N GLU C 800 9.71 2.36 32.03
CA GLU C 800 9.90 3.49 31.13
C GLU C 800 10.13 3.00 29.71
N TRP C 801 11.20 2.25 29.50
CA TRP C 801 11.48 1.72 28.18
C TRP C 801 10.21 1.16 27.58
N ARG C 802 9.46 0.41 28.39
CA ARG C 802 8.19 -0.18 27.96
C ARG C 802 7.30 0.93 27.44
N ARG C 803 6.81 1.77 28.34
CA ARG C 803 5.93 2.88 28.00
C ARG C 803 6.35 3.54 26.70
N ARG C 804 7.58 4.03 26.69
CA ARG C 804 8.13 4.68 25.53
C ARG C 804 8.01 3.87 24.25
N GLN C 805 8.28 2.57 24.30
CA GLN C 805 8.16 1.76 23.11
C GLN C 805 6.73 1.34 22.82
N GLU C 806 5.94 1.14 23.87
CA GLU C 806 4.54 0.78 23.69
C GLU C 806 3.88 1.95 23.01
N LYS C 807 4.58 3.08 23.02
CA LYS C 807 4.05 4.30 22.42
C LYS C 807 4.56 4.56 21.03
N ARG C 808 5.73 4.02 20.69
CA ARG C 808 6.27 4.20 19.34
C ARG C 808 5.45 3.35 18.37
N LEU C 809 5.01 2.20 18.87
CA LEU C 809 4.20 1.30 18.09
C LEU C 809 2.87 2.00 17.79
N LYS C 810 2.26 2.56 18.83
CA LYS C 810 0.98 3.28 18.75
C LYS C 810 1.08 4.33 17.66
N GLU C 811 2.32 4.70 17.30
CA GLU C 811 2.55 5.73 16.29
C GLU C 811 2.97 5.17 14.96
N LEU C 812 3.80 4.14 14.99
CA LEU C 812 4.25 3.54 13.75
C LEU C 812 3.10 2.87 12.98
N LEU C 813 2.13 2.30 13.70
CA LEU C 813 1.00 1.67 13.01
C LEU C 813 0.15 2.79 12.46
N ALA C 814 0.03 3.84 13.25
CA ALA C 814 -0.76 5.00 12.85
C ALA C 814 -0.22 5.57 11.54
N LEU C 815 1.10 5.68 11.43
CA LEU C 815 1.73 6.19 10.21
C LEU C 815 1.47 5.23 9.08
N ALA C 816 1.53 3.94 9.40
CA ALA C 816 1.30 2.91 8.41
C ALA C 816 -0.12 3.04 7.91
N GLU C 817 -1.03 3.41 8.80
CA GLU C 817 -2.42 3.57 8.43
C GLU C 817 -2.59 4.68 7.40
N ARG C 818 -2.07 5.87 7.71
CA ARG C 818 -2.17 7.01 6.81
C ARG C 818 -1.66 6.62 5.44
N SER C 819 -0.45 6.10 5.38
CA SER C 819 0.15 5.70 4.12
C SER C 819 -0.74 4.75 3.32
N GLN C 820 -1.19 3.68 3.97
CA GLN C 820 -2.06 2.70 3.33
C GLN C 820 -3.20 3.46 2.66
N ARG C 821 -3.92 4.25 3.44
CA ARG C 821 -5.05 5.02 2.93
C ARG C 821 -4.66 5.86 1.73
N LYS C 822 -3.40 6.31 1.67
CA LYS C 822 -2.94 7.10 0.55
C LYS C 822 -2.67 6.21 -0.66
N LEU C 823 -1.69 5.32 -0.54
CA LEU C 823 -1.35 4.42 -1.63
C LEU C 823 -2.58 3.79 -2.28
N ALA C 824 -3.56 3.42 -1.47
CA ALA C 824 -4.79 2.80 -1.99
C ALA C 824 -5.88 3.84 -2.22
N SER C 825 -5.47 5.09 -2.38
CA SER C 825 -6.42 6.17 -2.61
C SER C 825 -6.70 6.40 -4.09
N PRO C 826 -7.94 6.82 -4.41
CA PRO C 826 -8.33 7.06 -5.81
C PRO C 826 -7.57 8.24 -6.44
N GLY C 827 -6.81 7.95 -7.48
CA GLY C 827 -6.08 9.00 -8.15
C GLY C 827 -4.71 9.32 -7.61
N PHE C 828 -4.53 9.18 -6.31
CA PHE C 828 -3.23 9.45 -5.72
C PHE C 828 -2.16 8.67 -6.46
N ARG C 829 -2.46 7.40 -6.71
CA ARG C 829 -1.54 6.48 -7.39
C ARG C 829 -0.79 7.01 -8.61
N GLU C 830 -1.50 7.73 -9.48
CA GLU C 830 -0.89 8.26 -10.71
C GLU C 830 -0.99 9.78 -10.86
N LYS C 831 -2.06 10.37 -10.35
CA LYS C 831 -2.27 11.81 -10.45
C LYS C 831 -1.25 12.59 -9.59
N ALA C 832 -0.37 11.86 -8.90
CA ALA C 832 0.66 12.47 -8.07
C ALA C 832 2.02 12.14 -8.66
N PRO C 833 3.05 12.93 -8.33
CA PRO C 833 4.43 12.74 -8.82
C PRO C 833 4.93 11.31 -8.73
N LYS C 834 5.67 10.90 -9.76
CA LYS C 834 6.25 9.57 -9.82
C LYS C 834 7.31 9.43 -8.74
N GLU C 835 7.29 10.36 -7.79
CA GLU C 835 8.25 10.40 -6.70
C GLU C 835 7.57 10.42 -5.33
N VAL C 836 6.71 11.41 -5.09
CA VAL C 836 6.01 11.51 -3.81
C VAL C 836 5.18 10.26 -3.61
N VAL C 837 4.92 9.53 -4.69
CA VAL C 837 4.12 8.32 -4.61
C VAL C 837 4.98 7.11 -4.26
N GLU C 838 6.09 6.93 -4.95
CA GLU C 838 6.95 5.79 -4.69
C GLU C 838 7.63 5.90 -3.32
N ALA C 839 7.80 7.12 -2.84
CA ALA C 839 8.42 7.34 -1.54
C ALA C 839 7.41 7.11 -0.42
N GLU C 840 6.19 7.61 -0.61
CA GLU C 840 5.14 7.43 0.38
C GLU C 840 4.87 5.95 0.52
N GLU C 841 5.50 5.19 -0.35
CA GLU C 841 5.37 3.75 -0.39
C GLU C 841 6.53 3.13 0.39
N ALA C 842 7.65 3.82 0.38
CA ALA C 842 8.85 3.38 1.09
C ALA C 842 8.74 3.80 2.54
N ARG C 843 7.70 4.57 2.86
CA ARG C 843 7.47 4.98 4.22
C ARG C 843 6.70 3.84 4.85
N LEU C 844 5.75 3.30 4.10
CA LEU C 844 4.97 2.18 4.58
C LEU C 844 5.92 0.99 4.79
N LYS C 845 6.78 0.77 3.81
CA LYS C 845 7.74 -0.33 3.88
C LYS C 845 8.45 -0.41 5.21
N GLU C 846 8.99 0.71 5.68
CA GLU C 846 9.72 0.70 6.94
C GLU C 846 8.91 1.03 8.18
N ASN C 847 7.78 1.73 8.04
CA ASN C 847 7.01 2.00 9.23
C ASN C 847 6.63 0.66 9.84
N LEU C 848 6.42 -0.34 8.96
CA LEU C 848 6.09 -1.70 9.41
C LEU C 848 7.32 -2.38 10.00
N GLU C 849 8.39 -2.43 9.22
CA GLU C 849 9.63 -3.06 9.66
C GLU C 849 10.01 -2.66 11.06
N GLN C 850 9.88 -1.37 11.36
CA GLN C 850 10.21 -0.88 12.70
C GLN C 850 9.14 -1.33 13.70
N ALA C 851 7.88 -1.05 13.37
CA ALA C 851 6.79 -1.44 14.26
C ALA C 851 6.97 -2.90 14.68
N GLU C 852 7.53 -3.69 13.78
CA GLU C 852 7.77 -5.10 14.06
C GLU C 852 8.87 -5.26 15.08
N ARG C 853 10.04 -4.69 14.83
CA ARG C 853 11.15 -4.80 15.77
C ARG C 853 10.67 -4.44 17.16
N ILE C 854 10.02 -3.28 17.28
CA ILE C 854 9.53 -2.87 18.59
C ILE C 854 8.56 -3.90 19.13
N ARG C 855 7.54 -4.24 18.34
CA ARG C 855 6.54 -5.22 18.77
C ARG C 855 7.21 -6.45 19.36
N GLU C 856 8.15 -7.01 18.63
CA GLU C 856 8.83 -8.21 19.09
C GLU C 856 9.58 -7.95 20.38
N ALA C 857 10.38 -6.90 20.41
CA ALA C 857 11.13 -6.60 21.62
C ALA C 857 10.15 -6.36 22.75
N LEU C 858 9.21 -5.46 22.51
CA LEU C 858 8.22 -5.10 23.48
C LEU C 858 7.53 -6.31 24.14
N SER C 859 7.24 -7.33 23.35
CA SER C 859 6.60 -8.52 23.89
C SER C 859 7.65 -9.44 24.50
N GLN C 860 8.76 -9.62 23.79
CA GLN C 860 9.83 -10.46 24.27
C GLN C 860 10.17 -10.11 25.71
N ILE C 861 10.22 -8.82 26.03
CA ILE C 861 10.55 -8.38 27.39
C ILE C 861 9.58 -8.88 28.45
N GLY C 862 10.10 -9.68 29.38
CA GLY C 862 9.29 -10.24 30.45
C GLY C 862 8.63 -9.19 31.32
N MET D 1 -39.46 -43.70 13.78
CA MET D 1 -38.35 -44.62 13.40
C MET D 1 -37.97 -45.57 14.55
N ASP D 2 -36.99 -45.21 15.36
CA ASP D 2 -36.61 -46.05 16.49
C ASP D 2 -35.59 -45.31 17.36
N LEU D 3 -35.31 -44.09 16.92
CA LEU D 3 -34.39 -43.14 17.55
C LEU D 3 -33.67 -43.37 18.89
N PRO D 4 -32.74 -44.33 18.96
CA PRO D 4 -32.04 -44.48 20.24
C PRO D 4 -30.95 -43.40 20.32
N LYS D 5 -29.96 -43.57 21.20
CA LYS D 5 -28.91 -42.56 21.36
C LYS D 5 -27.84 -42.60 20.27
N ALA D 6 -27.28 -43.80 20.04
CA ALA D 6 -26.27 -43.99 19.02
C ALA D 6 -26.86 -44.85 17.91
N TYR D 7 -26.39 -44.65 16.69
CA TYR D 7 -26.88 -45.40 15.53
C TYR D 7 -26.25 -46.77 15.43
N ASP D 8 -27.06 -47.73 15.00
CA ASP D 8 -26.60 -49.09 14.81
C ASP D 8 -27.07 -49.57 13.46
N PRO D 9 -26.20 -49.53 12.45
CA PRO D 9 -26.60 -49.97 11.11
C PRO D 9 -27.10 -51.42 11.11
N LYS D 10 -26.58 -52.25 12.01
CA LYS D 10 -26.98 -53.64 12.08
C LYS D 10 -28.46 -53.82 12.38
N SER D 11 -29.23 -52.76 12.25
CA SER D 11 -30.66 -52.82 12.52
C SER D 11 -31.36 -52.05 11.41
N VAL D 12 -30.57 -51.48 10.52
CA VAL D 12 -31.12 -50.68 9.43
C VAL D 12 -30.67 -51.18 8.05
N GLU D 13 -29.41 -51.56 7.93
CA GLU D 13 -28.88 -52.02 6.65
C GLU D 13 -29.46 -53.36 6.20
N PRO D 14 -29.43 -54.37 7.08
CA PRO D 14 -29.97 -55.68 6.74
C PRO D 14 -31.29 -55.67 6.00
N LYS D 15 -32.31 -55.05 6.58
CA LYS D 15 -33.61 -55.02 5.95
C LYS D 15 -33.60 -54.35 4.58
N TRP D 16 -33.13 -53.11 4.53
CA TRP D 16 -33.10 -52.40 3.27
C TRP D 16 -32.30 -53.14 2.23
N ALA D 17 -31.27 -53.86 2.68
CA ALA D 17 -30.42 -54.62 1.78
C ALA D 17 -31.24 -55.64 1.02
N GLU D 18 -31.82 -56.57 1.77
CA GLU D 18 -32.61 -57.64 1.16
C GLU D 18 -33.84 -57.10 0.45
N LYS D 19 -34.34 -55.95 0.87
CA LYS D 19 -35.48 -55.41 0.18
C LYS D 19 -35.06 -55.17 -1.27
N TRP D 20 -34.03 -54.34 -1.48
CA TRP D 20 -33.57 -54.07 -2.84
C TRP D 20 -33.04 -55.34 -3.51
N ALA D 21 -32.64 -56.30 -2.69
CA ALA D 21 -32.11 -57.55 -3.22
C ALA D 21 -33.21 -58.27 -3.95
N LYS D 22 -34.33 -58.47 -3.25
CA LYS D 22 -35.48 -59.16 -3.79
C LYS D 22 -36.27 -58.35 -4.79
N ASN D 23 -35.99 -57.07 -4.93
CA ASN D 23 -36.75 -56.24 -5.87
C ASN D 23 -35.89 -55.28 -6.65
N PRO D 24 -34.90 -55.81 -7.36
CA PRO D 24 -33.95 -55.05 -8.17
C PRO D 24 -34.56 -53.90 -8.94
N PHE D 25 -33.74 -52.90 -9.22
CA PHE D 25 -34.18 -51.74 -9.96
C PHE D 25 -34.04 -52.09 -11.43
N VAL D 26 -34.85 -53.03 -11.89
CA VAL D 26 -34.85 -53.50 -13.27
C VAL D 26 -34.98 -52.43 -14.35
N ALA D 27 -34.09 -52.48 -15.34
CA ALA D 27 -34.08 -51.51 -16.43
C ALA D 27 -35.11 -51.81 -17.50
N ASN D 28 -35.54 -50.77 -18.21
CA ASN D 28 -36.50 -50.93 -19.30
C ASN D 28 -36.04 -50.24 -20.57
N PRO D 29 -35.75 -51.01 -21.60
CA PRO D 29 -35.28 -50.55 -22.92
C PRO D 29 -36.07 -49.37 -23.50
N LYS D 30 -37.38 -49.36 -23.28
CA LYS D 30 -38.18 -48.28 -23.84
C LYS D 30 -38.83 -47.41 -22.77
N SER D 31 -38.07 -46.95 -21.80
CA SER D 31 -38.65 -46.10 -20.76
C SER D 31 -38.79 -44.70 -21.33
N GLY D 32 -38.12 -44.45 -22.44
CA GLY D 32 -38.19 -43.14 -23.05
C GLY D 32 -37.63 -42.14 -22.07
N LYS D 33 -36.60 -42.58 -21.35
CA LYS D 33 -35.91 -41.79 -20.34
C LYS D 33 -34.42 -42.03 -20.60
N PRO D 34 -33.65 -40.96 -20.92
CA PRO D 34 -32.21 -41.03 -21.19
C PRO D 34 -31.53 -42.09 -20.34
N PRO D 35 -30.85 -43.04 -20.98
CA PRO D 35 -30.18 -44.09 -20.21
C PRO D 35 -28.73 -43.78 -19.83
N PHE D 36 -28.30 -44.43 -18.74
CA PHE D 36 -26.95 -44.30 -18.24
C PHE D 36 -26.48 -45.74 -18.09
N VAL D 37 -25.49 -46.13 -18.87
CA VAL D 37 -25.07 -47.52 -18.82
C VAL D 37 -23.68 -47.75 -18.26
N ILE D 38 -23.58 -48.76 -17.41
CA ILE D 38 -22.33 -49.14 -16.77
C ILE D 38 -22.26 -50.67 -16.75
N PHE D 39 -21.14 -51.22 -17.19
CA PHE D 39 -20.98 -52.67 -17.16
C PHE D 39 -20.11 -52.93 -15.97
N MET D 40 -20.60 -53.75 -15.06
CA MET D 40 -19.86 -54.09 -13.85
C MET D 40 -18.74 -55.04 -14.18
N PRO D 41 -17.49 -54.68 -13.86
CA PRO D 41 -16.41 -55.61 -14.15
C PRO D 41 -16.73 -56.87 -13.36
N PRO D 42 -17.11 -57.94 -14.06
CA PRO D 42 -17.46 -59.21 -13.42
C PRO D 42 -16.36 -59.84 -12.61
N PRO D 43 -16.52 -59.88 -11.28
CA PRO D 43 -15.51 -60.48 -10.41
C PRO D 43 -15.28 -61.99 -10.66
N ASN D 44 -14.03 -62.39 -10.72
CA ASN D 44 -13.66 -63.79 -10.95
C ASN D 44 -14.20 -64.68 -9.82
N VAL D 45 -14.82 -65.80 -10.20
CA VAL D 45 -15.40 -66.72 -9.24
C VAL D 45 -14.38 -67.50 -8.40
N THR D 46 -13.37 -66.80 -7.89
CA THR D 46 -12.33 -67.40 -7.07
C THR D 46 -12.47 -66.86 -5.65
N GLY D 47 -13.03 -67.66 -4.75
CA GLY D 47 -13.21 -67.19 -3.37
C GLY D 47 -14.23 -66.08 -3.18
N SER D 48 -13.96 -65.15 -2.25
CA SER D 48 -14.86 -64.03 -1.98
C SER D 48 -14.30 -62.70 -2.49
N LEU D 49 -15.00 -61.61 -2.21
CA LEU D 49 -14.52 -60.32 -2.65
C LEU D 49 -13.69 -59.73 -1.52
N HIS D 50 -12.84 -58.77 -1.88
CA HIS D 50 -11.97 -58.08 -0.94
C HIS D 50 -12.26 -56.60 -1.13
N MET D 51 -11.83 -55.78 -0.17
CA MET D 51 -12.09 -54.36 -0.23
C MET D 51 -11.87 -53.69 -1.57
N GLY D 52 -10.97 -54.22 -2.37
CA GLY D 52 -10.72 -53.61 -3.68
C GLY D 52 -12.00 -53.59 -4.49
N HIS D 53 -12.77 -54.66 -4.37
CA HIS D 53 -14.03 -54.79 -5.08
C HIS D 53 -15.02 -53.76 -4.56
N ALA D 54 -15.05 -53.62 -3.23
CA ALA D 54 -15.95 -52.68 -2.57
C ALA D 54 -15.69 -51.27 -3.06
N LEU D 55 -14.42 -50.91 -3.22
CA LEU D 55 -14.11 -49.59 -3.72
C LEU D 55 -14.68 -49.48 -5.12
N ASP D 56 -14.33 -50.48 -5.93
CA ASP D 56 -14.76 -50.55 -7.32
C ASP D 56 -16.29 -50.37 -7.46
N ASN D 57 -17.05 -51.20 -6.77
CA ASN D 57 -18.50 -51.13 -6.83
C ASN D 57 -19.18 -49.95 -6.15
N SER D 58 -18.60 -49.47 -5.05
CA SER D 58 -19.16 -48.33 -4.37
C SER D 58 -19.07 -47.13 -5.29
N LEU D 59 -18.07 -47.12 -6.16
CA LEU D 59 -17.92 -46.02 -7.10
C LEU D 59 -18.99 -46.11 -8.18
N GLN D 60 -19.32 -47.35 -8.57
CA GLN D 60 -20.34 -47.57 -9.59
C GLN D 60 -21.74 -47.30 -9.05
N ASP D 61 -22.08 -47.92 -7.92
CA ASP D 61 -23.39 -47.72 -7.33
C ASP D 61 -23.69 -46.23 -7.18
N ALA D 62 -22.70 -45.47 -6.79
CA ALA D 62 -22.88 -44.04 -6.61
C ALA D 62 -23.20 -43.36 -7.94
N LEU D 63 -22.45 -43.67 -8.99
CA LEU D 63 -22.72 -43.06 -10.30
C LEU D 63 -24.13 -43.46 -10.75
N ILE D 64 -24.51 -44.69 -10.42
CA ILE D 64 -25.84 -45.19 -10.81
C ILE D 64 -26.93 -44.44 -10.06
N ARG D 65 -27.00 -44.63 -8.74
CA ARG D 65 -27.99 -43.98 -7.90
C ARG D 65 -28.09 -42.51 -8.24
N TYR D 66 -26.95 -41.83 -8.30
CA TYR D 66 -26.97 -40.42 -8.64
C TYR D 66 -27.69 -40.28 -9.97
N LYS D 67 -27.04 -40.76 -11.02
CA LYS D 67 -27.60 -40.71 -12.36
C LYS D 67 -29.08 -41.07 -12.42
N ARG D 68 -29.45 -42.17 -11.76
CA ARG D 68 -30.85 -42.60 -11.73
C ARG D 68 -31.73 -41.51 -11.20
N MET D 69 -31.58 -41.19 -9.91
CA MET D 69 -32.41 -40.18 -9.31
C MET D 69 -32.19 -38.84 -9.99
N ARG D 70 -31.23 -38.79 -10.90
CA ARG D 70 -30.96 -37.57 -11.65
C ARG D 70 -31.90 -37.57 -12.86
N GLY D 71 -32.64 -38.67 -13.03
CA GLY D 71 -33.59 -38.79 -14.13
C GLY D 71 -33.23 -39.61 -15.37
N PHE D 72 -32.40 -40.64 -15.19
CA PHE D 72 -31.98 -41.46 -16.30
C PHE D 72 -32.40 -42.90 -16.14
N GLU D 73 -32.06 -43.71 -17.13
CA GLU D 73 -32.35 -45.12 -17.06
C GLU D 73 -31.08 -45.70 -16.49
N ALA D 74 -31.11 -45.93 -15.19
CA ALA D 74 -29.96 -46.48 -14.48
C ALA D 74 -29.79 -47.93 -14.89
N VAL D 75 -28.80 -48.20 -15.71
CA VAL D 75 -28.54 -49.55 -16.15
C VAL D 75 -27.18 -50.01 -15.67
N TRP D 76 -27.16 -50.88 -14.67
CA TRP D 76 -25.92 -51.38 -14.15
C TRP D 76 -26.01 -52.89 -14.26
N LEU D 77 -25.44 -53.41 -15.35
CA LEU D 77 -25.45 -54.84 -15.66
C LEU D 77 -24.42 -55.54 -14.81
N PRO D 78 -24.86 -56.40 -13.91
CA PRO D 78 -23.98 -57.15 -13.02
C PRO D 78 -23.50 -58.43 -13.66
N GLY D 79 -22.66 -59.16 -12.95
CA GLY D 79 -22.15 -60.41 -13.47
C GLY D 79 -20.90 -60.92 -12.78
N THR D 80 -20.41 -62.07 -13.23
CA THR D 80 -19.20 -62.66 -12.66
C THR D 80 -18.41 -63.28 -13.80
N ASP D 81 -17.13 -63.57 -13.56
CA ASP D 81 -16.24 -64.16 -14.57
C ASP D 81 -15.81 -65.57 -14.15
N HIS D 82 -15.73 -66.50 -15.11
CA HIS D 82 -15.32 -67.86 -14.78
C HIS D 82 -13.85 -67.91 -14.40
N ALA D 83 -13.07 -66.94 -14.89
CA ALA D 83 -11.64 -66.80 -14.58
C ALA D 83 -10.67 -67.81 -15.19
N GLY D 84 -11.17 -68.85 -15.85
CA GLY D 84 -10.30 -69.84 -16.47
C GLY D 84 -9.18 -70.37 -15.57
N ILE D 85 -7.94 -70.16 -16.01
CA ILE D 85 -6.76 -70.61 -15.28
C ILE D 85 -6.91 -70.33 -13.80
N ALA D 86 -7.27 -69.08 -13.49
CA ALA D 86 -7.45 -68.63 -12.13
C ALA D 86 -8.31 -69.58 -11.28
N THR D 87 -9.56 -69.76 -11.68
CA THR D 87 -10.49 -70.64 -10.97
C THR D 87 -9.90 -72.04 -10.95
N GLN D 88 -9.47 -72.51 -12.11
CA GLN D 88 -8.85 -73.83 -12.26
C GLN D 88 -7.95 -74.10 -11.06
N VAL D 89 -6.89 -73.31 -10.99
CA VAL D 89 -5.89 -73.40 -9.93
C VAL D 89 -6.54 -73.43 -8.56
N VAL D 90 -7.35 -72.41 -8.26
CA VAL D 90 -8.03 -72.34 -6.97
C VAL D 90 -8.67 -73.66 -6.64
N VAL D 91 -9.43 -74.20 -7.60
CA VAL D 91 -10.12 -75.46 -7.42
C VAL D 91 -9.16 -76.63 -7.20
N GLU D 92 -8.05 -76.63 -7.92
CA GLU D 92 -7.06 -77.69 -7.77
C GLU D 92 -6.55 -77.70 -6.33
N ARG D 93 -6.06 -76.55 -5.88
CA ARG D 93 -5.55 -76.40 -4.53
C ARG D 93 -6.56 -76.84 -3.48
N LEU D 94 -7.83 -76.76 -3.81
CA LEU D 94 -8.85 -77.17 -2.86
C LEU D 94 -8.93 -78.68 -2.83
N LEU D 95 -8.76 -79.29 -4.01
CA LEU D 95 -8.80 -80.74 -4.14
C LEU D 95 -7.56 -81.38 -3.52
N LEU D 96 -6.39 -80.95 -3.99
CA LEU D 96 -5.14 -81.48 -3.47
C LEU D 96 -5.21 -81.58 -1.95
N LYS D 97 -5.62 -80.50 -1.31
CA LYS D 97 -5.73 -80.47 0.13
C LYS D 97 -6.62 -81.61 0.63
N GLU D 98 -7.77 -81.81 0.00
CA GLU D 98 -8.65 -82.90 0.41
C GLU D 98 -8.26 -84.22 -0.24
N GLY D 99 -8.97 -84.60 -1.31
CA GLY D 99 -8.69 -85.84 -2.01
C GLY D 99 -7.35 -85.84 -2.72
N LYS D 100 -7.37 -85.95 -4.05
CA LYS D 100 -6.13 -85.97 -4.81
C LYS D 100 -6.03 -84.94 -5.96
N THR D 101 -5.12 -85.19 -6.89
CA THR D 101 -4.88 -84.28 -8.02
C THR D 101 -6.03 -84.12 -9.00
N ARG D 102 -5.86 -83.16 -9.91
CA ARG D 102 -6.84 -82.87 -10.93
C ARG D 102 -6.94 -84.10 -11.82
N HIS D 103 -5.79 -84.72 -12.09
CA HIS D 103 -5.74 -85.90 -12.94
C HIS D 103 -6.42 -87.13 -12.33
N ASP D 104 -6.48 -87.19 -11.00
CA ASP D 104 -7.13 -88.33 -10.37
C ASP D 104 -8.63 -88.28 -10.69
N LEU D 105 -9.04 -87.19 -11.33
CA LEU D 105 -10.42 -86.99 -11.74
C LEU D 105 -10.41 -86.71 -13.23
N GLY D 106 -11.47 -87.13 -13.92
CA GLY D 106 -11.52 -86.91 -15.35
C GLY D 106 -11.97 -85.51 -15.70
N ARG D 107 -11.70 -85.08 -16.93
CA ARG D 107 -12.11 -83.77 -17.39
C ARG D 107 -13.57 -83.56 -17.01
N GLU D 108 -14.28 -84.66 -16.80
CA GLU D 108 -15.70 -84.62 -16.44
C GLU D 108 -15.93 -84.47 -14.94
N LYS D 109 -15.36 -85.39 -14.17
CA LYS D 109 -15.50 -85.36 -12.72
C LYS D 109 -14.96 -84.06 -12.14
N PHE D 110 -13.83 -83.61 -12.66
CA PHE D 110 -13.20 -82.37 -12.20
C PHE D 110 -14.12 -81.22 -12.59
N LEU D 111 -14.33 -81.06 -13.89
CA LEU D 111 -15.18 -80.00 -14.40
C LEU D 111 -16.49 -79.97 -13.61
N GLU D 112 -16.85 -81.09 -13.00
CA GLU D 112 -18.06 -81.15 -12.20
C GLU D 112 -17.87 -80.25 -10.98
N ARG D 113 -16.86 -80.57 -10.19
CA ARG D 113 -16.57 -79.79 -9.00
C ARG D 113 -16.44 -78.30 -9.32
N VAL D 114 -15.64 -77.96 -10.33
CA VAL D 114 -15.46 -76.56 -10.69
C VAL D 114 -16.78 -75.80 -10.74
N TRP D 115 -17.85 -76.44 -11.22
CA TRP D 115 -19.13 -75.74 -11.26
C TRP D 115 -19.66 -75.62 -9.84
N GLN D 116 -19.59 -76.71 -9.09
CA GLN D 116 -20.04 -76.69 -7.71
C GLN D 116 -19.40 -75.49 -7.05
N TRP D 117 -18.08 -75.33 -7.25
CA TRP D 117 -17.36 -74.20 -6.70
C TRP D 117 -17.97 -72.93 -7.25
N LYS D 118 -17.90 -72.76 -8.57
CA LYS D 118 -18.45 -71.59 -9.25
C LYS D 118 -19.72 -71.12 -8.56
N GLU D 119 -20.61 -72.07 -8.27
CA GLU D 119 -21.87 -71.75 -7.61
C GLU D 119 -21.65 -71.16 -6.22
N GLU D 120 -20.92 -71.88 -5.38
CA GLU D 120 -20.64 -71.43 -4.02
C GLU D 120 -19.95 -70.06 -3.97
N SER D 121 -18.94 -69.87 -4.81
CA SER D 121 -18.22 -68.61 -4.84
C SER D 121 -19.05 -67.49 -5.43
N GLY D 122 -19.59 -67.71 -6.63
CA GLY D 122 -20.39 -66.69 -7.27
C GLY D 122 -21.61 -66.37 -6.43
N GLY D 123 -21.96 -67.29 -5.55
CA GLY D 123 -23.11 -67.08 -4.70
C GLY D 123 -22.75 -66.01 -3.70
N THR D 124 -21.60 -66.19 -3.07
CA THR D 124 -21.10 -65.25 -2.08
C THR D 124 -20.86 -63.88 -2.71
N ILE D 125 -20.18 -63.86 -3.85
CA ILE D 125 -19.89 -62.61 -4.53
C ILE D 125 -21.18 -61.83 -4.79
N LEU D 126 -22.31 -62.55 -4.82
CA LEU D 126 -23.60 -61.89 -5.04
C LEU D 126 -24.05 -61.24 -3.75
N LYS D 127 -24.15 -62.03 -2.70
CA LYS D 127 -24.55 -61.52 -1.38
C LYS D 127 -23.74 -60.25 -1.08
N GLN D 128 -22.42 -60.41 -1.05
CA GLN D 128 -21.51 -59.32 -0.77
C GLN D 128 -21.97 -58.03 -1.46
N LEU D 129 -22.04 -58.05 -2.78
CA LEU D 129 -22.46 -56.86 -3.50
C LEU D 129 -23.82 -56.38 -3.03
N LYS D 130 -24.71 -57.32 -2.70
CA LYS D 130 -26.04 -56.94 -2.24
C LYS D 130 -25.94 -56.22 -0.90
N ARG D 131 -25.38 -56.90 0.09
CA ARG D 131 -25.24 -56.29 1.40
C ARG D 131 -24.49 -54.94 1.36
N LEU D 132 -23.62 -54.74 0.37
CA LEU D 132 -22.93 -53.46 0.28
C LEU D 132 -23.88 -52.44 -0.34
N GLY D 133 -25.11 -52.88 -0.59
CA GLY D 133 -26.12 -52.00 -1.16
C GLY D 133 -25.96 -51.69 -2.62
N ALA D 134 -25.62 -52.71 -3.41
CA ALA D 134 -25.46 -52.54 -4.85
C ALA D 134 -26.84 -52.51 -5.52
N SER D 135 -27.14 -51.42 -6.25
CA SER D 135 -28.43 -51.29 -6.92
C SER D 135 -28.37 -51.74 -8.38
N ALA D 136 -27.64 -52.84 -8.63
CA ALA D 136 -27.48 -53.40 -9.96
C ALA D 136 -28.71 -54.20 -10.42
N ASP D 137 -29.02 -54.10 -11.71
CA ASP D 137 -30.15 -54.82 -12.31
C ASP D 137 -29.92 -56.33 -12.17
N TRP D 138 -30.09 -56.87 -10.97
CA TRP D 138 -29.87 -58.29 -10.75
C TRP D 138 -30.63 -59.21 -11.69
N SER D 139 -31.59 -58.65 -12.41
CA SER D 139 -32.39 -59.43 -13.34
C SER D 139 -31.60 -59.78 -14.60
N ARG D 140 -30.59 -58.97 -14.91
CA ARG D 140 -29.78 -59.21 -16.10
C ARG D 140 -28.41 -59.76 -15.76
N GLU D 141 -28.30 -60.35 -14.58
CA GLU D 141 -27.05 -60.90 -14.12
C GLU D 141 -26.52 -61.92 -15.13
N ALA D 142 -25.29 -61.69 -15.59
CA ALA D 142 -24.63 -62.54 -16.58
C ALA D 142 -23.43 -63.27 -15.99
N PHE D 143 -23.06 -64.39 -16.62
CA PHE D 143 -21.92 -65.20 -16.20
C PHE D 143 -21.17 -65.57 -17.47
N THR D 144 -19.92 -65.15 -17.60
CA THR D 144 -19.13 -65.42 -18.79
C THR D 144 -19.32 -66.79 -19.44
N MET D 145 -19.49 -67.83 -18.63
CA MET D 145 -19.66 -69.17 -19.16
C MET D 145 -21.11 -69.64 -19.07
N ASP D 146 -22.03 -68.71 -19.25
CA ASP D 146 -23.43 -69.07 -19.20
C ASP D 146 -23.98 -69.14 -20.61
N GLU D 147 -25.17 -69.72 -20.71
CA GLU D 147 -25.86 -69.87 -21.96
C GLU D 147 -25.68 -68.69 -22.92
N LYS D 148 -26.28 -67.54 -22.62
CA LYS D 148 -26.21 -66.38 -23.50
C LYS D 148 -24.80 -65.89 -23.85
N ARG D 149 -23.88 -66.01 -22.89
CA ARG D 149 -22.49 -65.56 -23.05
C ARG D 149 -21.66 -66.50 -23.92
N SER D 150 -21.63 -67.77 -23.52
CA SER D 150 -20.88 -68.79 -24.25
C SER D 150 -21.18 -68.63 -25.73
N ARG D 151 -22.40 -68.19 -26.03
CA ARG D 151 -22.82 -67.97 -27.40
C ARG D 151 -22.05 -66.83 -28.05
N ALA D 152 -21.82 -65.76 -27.30
CA ALA D 152 -21.12 -64.61 -27.85
C ALA D 152 -19.66 -64.89 -28.18
N VAL D 153 -19.01 -65.76 -27.43
CA VAL D 153 -17.61 -66.05 -27.72
C VAL D 153 -17.58 -66.82 -29.03
N ARG D 154 -18.27 -67.95 -29.06
CA ARG D 154 -18.36 -68.82 -30.24
C ARG D 154 -18.75 -68.04 -31.48
N TYR D 155 -19.76 -67.21 -31.41
CA TYR D 155 -20.08 -66.45 -32.59
C TYR D 155 -18.84 -65.65 -32.90
N ALA D 156 -18.43 -64.80 -31.95
CA ALA D 156 -17.26 -63.92 -32.08
C ALA D 156 -16.05 -64.58 -32.74
N PHE D 157 -15.71 -65.79 -32.29
CA PHE D 157 -14.57 -66.52 -32.86
C PHE D 157 -14.84 -66.75 -34.34
N SER D 158 -15.92 -67.47 -34.59
CA SER D 158 -16.39 -67.81 -35.92
C SER D 158 -16.31 -66.56 -36.80
N ARG D 159 -16.76 -65.46 -36.25
CA ARG D 159 -16.74 -64.21 -36.99
C ARG D 159 -15.30 -63.85 -37.33
N TYR D 160 -14.39 -64.09 -36.40
CA TYR D 160 -12.97 -63.79 -36.57
C TYR D 160 -12.29 -64.69 -37.60
N TYR D 161 -12.42 -66.01 -37.39
CA TYR D 161 -11.84 -67.00 -38.27
C TYR D 161 -12.15 -66.68 -39.73
N HIS D 162 -13.37 -66.98 -40.14
CA HIS D 162 -13.83 -66.75 -41.50
C HIS D 162 -13.65 -65.30 -41.95
N GLU D 163 -12.88 -64.53 -41.20
CA GLU D 163 -12.69 -63.13 -41.54
C GLU D 163 -11.21 -62.81 -41.71
N GLY D 164 -10.37 -63.75 -41.29
CA GLY D 164 -8.93 -63.59 -41.37
C GLY D 164 -8.39 -63.69 -39.96
N LEU D 165 -8.47 -62.56 -39.26
CA LEU D 165 -8.02 -62.37 -37.89
C LEU D 165 -7.71 -63.60 -37.03
N ALA D 166 -8.62 -64.56 -36.94
CA ALA D 166 -8.31 -65.74 -36.12
C ALA D 166 -7.62 -66.80 -36.97
N TYR D 167 -6.48 -67.32 -36.50
CA TYR D 167 -5.77 -68.35 -37.25
C TYR D 167 -4.99 -69.35 -36.42
N ARG D 168 -4.82 -70.54 -36.98
CA ARG D 168 -4.11 -71.63 -36.34
C ARG D 168 -2.72 -71.64 -36.93
N ALA D 169 -1.71 -72.01 -36.12
CA ALA D 169 -0.32 -72.04 -36.56
C ALA D 169 0.60 -72.42 -35.40
N PRO D 170 1.92 -72.51 -35.66
CA PRO D 170 2.86 -72.86 -34.58
C PRO D 170 3.78 -71.76 -34.02
N ARG D 171 3.37 -70.48 -34.00
CA ARG D 171 4.22 -69.43 -33.43
C ARG D 171 4.73 -69.98 -32.05
N LEU D 172 5.74 -69.35 -31.44
CA LEU D 172 6.26 -69.86 -30.15
C LEU D 172 5.29 -69.50 -29.01
N VAL D 173 5.16 -70.35 -28.01
CA VAL D 173 4.24 -70.05 -26.92
C VAL D 173 4.77 -70.19 -25.49
N ASN D 174 4.38 -69.27 -24.61
CA ASN D 174 4.78 -69.31 -23.21
C ASN D 174 4.04 -70.49 -22.59
N TRP D 175 4.77 -71.52 -22.20
CA TRP D 175 4.14 -72.72 -21.65
C TRP D 175 4.45 -73.01 -20.19
N CYS D 176 3.43 -73.30 -19.40
CA CYS D 176 3.64 -73.61 -17.99
C CYS D 176 3.46 -75.08 -17.72
N PRO D 177 4.58 -75.79 -17.51
CA PRO D 177 4.65 -77.23 -17.23
C PRO D 177 3.79 -77.71 -16.06
N ARG D 178 3.59 -76.83 -15.06
CA ARG D 178 2.79 -77.14 -13.88
C ARG D 178 1.30 -77.32 -14.18
N CYS D 179 0.72 -76.31 -14.80
CA CYS D 179 -0.69 -76.35 -15.13
C CYS D 179 -0.92 -76.72 -16.59
N GLU D 180 0.10 -77.31 -17.20
CA GLU D 180 0.04 -77.75 -18.59
C GLU D 180 -0.90 -76.91 -19.43
N THR D 181 -0.44 -75.76 -19.89
CA THR D 181 -1.25 -74.87 -20.70
C THR D 181 -0.46 -73.65 -21.15
N THR D 182 -0.82 -73.08 -22.30
CA THR D 182 -0.10 -71.92 -22.76
C THR D 182 -0.49 -70.73 -21.87
N LEU D 183 0.17 -69.59 -22.08
CA LEU D 183 -0.12 -68.36 -21.34
C LEU D 183 0.12 -67.22 -22.30
N SER D 184 -0.41 -66.05 -21.97
CA SER D 184 -0.22 -64.88 -22.82
C SER D 184 0.92 -64.12 -22.15
N ASP D 185 1.56 -63.21 -22.88
CA ASP D 185 2.64 -62.44 -22.28
C ASP D 185 2.06 -61.68 -21.09
N LEU D 186 0.84 -61.17 -21.28
CA LEU D 186 0.16 -60.43 -20.22
C LEU D 186 -0.14 -61.33 -19.02
N GLU D 187 0.03 -62.63 -19.16
CA GLU D 187 -0.26 -63.55 -18.08
C GLU D 187 0.99 -64.15 -17.44
N VAL D 188 2.15 -63.81 -17.97
CA VAL D 188 3.40 -64.32 -17.42
C VAL D 188 4.20 -63.16 -16.83
N GLU D 189 4.87 -63.43 -15.71
CA GLU D 189 5.65 -62.41 -15.02
C GLU D 189 7.11 -62.78 -14.83
N THR D 190 7.99 -61.86 -15.25
CA THR D 190 9.43 -62.06 -15.13
C THR D 190 9.88 -61.29 -13.89
N GLU D 191 10.60 -61.96 -13.00
CA GLU D 191 11.08 -61.31 -11.79
C GLU D 191 12.48 -61.77 -11.34
N PRO D 192 13.41 -60.81 -11.22
CA PRO D 192 14.80 -61.06 -10.81
C PRO D 192 15.02 -62.20 -9.83
N THR D 193 15.83 -63.15 -10.26
CA THR D 193 16.18 -64.32 -9.46
C THR D 193 17.67 -64.59 -9.66
N PRO D 194 18.39 -64.96 -8.58
CA PRO D 194 19.82 -65.24 -8.61
C PRO D 194 20.14 -66.44 -9.45
N GLY D 195 21.34 -66.42 -10.03
CA GLY D 195 21.76 -67.54 -10.86
C GLY D 195 23.21 -67.44 -11.25
N LYS D 196 23.59 -68.20 -12.26
CA LYS D 196 24.95 -68.20 -12.74
C LYS D 196 25.03 -68.18 -14.27
N LEU D 197 25.76 -67.19 -14.79
CA LEU D 197 25.96 -66.99 -16.23
C LEU D 197 27.22 -67.71 -16.69
N TYR D 198 27.04 -68.84 -17.37
CA TYR D 198 28.17 -69.65 -17.86
C TYR D 198 28.68 -69.18 -19.22
N THR D 199 30.00 -69.06 -19.35
CA THR D 199 30.61 -68.66 -20.61
C THR D 199 31.22 -69.91 -21.19
N LEU D 200 30.75 -70.30 -22.36
CA LEU D 200 31.25 -71.48 -23.05
C LEU D 200 31.93 -71.01 -24.32
N ARG D 201 32.85 -71.83 -24.81
CA ARG D 201 33.57 -71.48 -26.02
C ARG D 201 33.71 -72.72 -26.84
N TYR D 202 33.68 -72.55 -28.15
CA TYR D 202 33.90 -73.68 -29.02
C TYR D 202 34.45 -73.47 -30.42
N GLU D 203 34.96 -74.59 -30.93
CA GLU D 203 35.61 -74.72 -32.22
C GLU D 203 35.15 -73.78 -33.30
N VAL D 204 35.93 -73.72 -34.36
CA VAL D 204 35.61 -72.90 -35.50
C VAL D 204 36.22 -73.60 -36.71
N GLU D 205 35.54 -73.52 -37.83
CA GLU D 205 35.99 -74.14 -39.07
C GLU D 205 37.31 -73.54 -39.53
N GLY D 206 38.38 -74.32 -39.41
CA GLY D 206 39.70 -73.85 -39.83
C GLY D 206 40.43 -73.04 -38.75
N GLY D 207 39.69 -72.18 -38.05
CA GLY D 207 40.25 -71.34 -36.99
C GLY D 207 40.24 -72.03 -35.64
N GLY D 208 39.71 -71.39 -34.59
CA GLY D 208 39.73 -72.08 -33.32
C GLY D 208 38.83 -71.69 -32.16
N PHE D 209 38.44 -70.43 -32.06
CA PHE D 209 37.63 -70.03 -30.91
C PHE D 209 36.45 -69.10 -31.21
N ILE D 210 35.44 -69.19 -30.35
CA ILE D 210 34.24 -68.37 -30.38
C ILE D 210 33.69 -68.54 -28.97
N GLU D 211 33.40 -67.42 -28.32
CA GLU D 211 32.93 -67.47 -26.95
C GLU D 211 31.48 -67.08 -26.79
N ILE D 212 30.81 -67.74 -25.86
CA ILE D 212 29.38 -67.49 -25.61
C ILE D 212 28.97 -67.32 -24.15
N ALA D 213 28.04 -66.40 -23.93
CA ALA D 213 27.53 -66.12 -22.59
C ALA D 213 26.11 -66.66 -22.48
N THR D 214 25.92 -67.79 -21.81
CA THR D 214 24.56 -68.30 -21.71
C THR D 214 24.13 -68.79 -20.35
N VAL D 215 22.89 -68.45 -20.01
CA VAL D 215 22.28 -68.84 -18.75
C VAL D 215 21.72 -70.25 -18.90
N ARG D 216 21.46 -70.61 -20.15
CA ARG D 216 20.91 -71.90 -20.51
C ARG D 216 21.95 -72.78 -21.21
N PRO D 217 22.72 -73.55 -20.43
CA PRO D 217 23.76 -74.44 -20.98
C PRO D 217 23.21 -75.66 -21.75
N GLU D 218 22.03 -76.16 -21.36
CA GLU D 218 21.44 -77.32 -22.01
C GLU D 218 20.75 -76.96 -23.32
N THR D 219 20.56 -75.67 -23.58
CA THR D 219 19.92 -75.28 -24.82
C THR D 219 20.96 -75.08 -25.91
N VAL D 220 22.17 -75.56 -25.66
CA VAL D 220 23.25 -75.42 -26.66
C VAL D 220 23.05 -76.41 -27.81
N PHE D 221 22.65 -77.63 -27.47
CA PHE D 221 22.43 -78.64 -28.48
C PHE D 221 21.37 -78.16 -29.46
N ALA D 222 20.33 -77.54 -28.95
CA ALA D 222 19.26 -77.04 -29.80
C ALA D 222 19.75 -75.81 -30.58
N ASP D 223 21.05 -75.61 -30.58
CA ASP D 223 21.57 -74.45 -31.27
C ASP D 223 21.39 -74.48 -32.76
N GLN D 224 21.48 -73.30 -33.36
CA GLN D 224 21.33 -73.20 -34.80
C GLN D 224 22.12 -72.02 -35.33
N ALA D 225 22.87 -71.38 -34.45
CA ALA D 225 23.70 -70.25 -34.85
C ALA D 225 24.40 -69.58 -33.67
N ILE D 226 25.22 -68.58 -34.00
CA ILE D 226 25.92 -67.79 -33.03
C ILE D 226 25.72 -66.41 -33.61
N ALA D 227 25.17 -65.53 -32.79
CA ALA D 227 24.88 -64.17 -33.21
C ALA D 227 25.94 -63.21 -32.75
N VAL D 228 26.33 -62.33 -33.66
CA VAL D 228 27.33 -61.34 -33.40
C VAL D 228 26.77 -60.04 -33.93
N HIS D 229 26.91 -58.97 -33.16
CA HIS D 229 26.39 -57.70 -33.63
C HIS D 229 27.01 -57.37 -34.97
N PRO D 230 26.28 -56.68 -35.84
CA PRO D 230 26.77 -56.31 -37.16
C PRO D 230 28.04 -55.46 -37.20
N GLU D 231 28.23 -54.61 -36.21
CA GLU D 231 29.39 -53.72 -36.21
C GLU D 231 30.59 -54.08 -35.32
N ASP D 232 30.43 -55.13 -34.53
CA ASP D 232 31.47 -55.59 -33.59
C ASP D 232 32.73 -56.17 -34.28
N GLU D 233 33.52 -55.28 -34.88
CA GLU D 233 34.75 -55.64 -35.58
C GLU D 233 35.55 -56.76 -34.90
N ARG D 234 35.48 -56.80 -33.59
CA ARG D 234 36.20 -57.79 -32.82
C ARG D 234 35.93 -59.20 -33.32
N TYR D 235 34.98 -59.32 -34.24
CA TYR D 235 34.59 -60.61 -34.82
C TYR D 235 34.83 -60.78 -36.32
N ARG D 236 35.29 -59.72 -36.99
CA ARG D 236 35.53 -59.77 -38.43
C ARG D 236 36.12 -61.08 -38.93
N HIS D 237 37.15 -61.59 -38.27
CA HIS D 237 37.76 -62.83 -38.71
C HIS D 237 36.97 -64.06 -38.25
N LEU D 238 35.78 -63.84 -37.71
CA LEU D 238 34.93 -64.94 -37.25
C LEU D 238 33.54 -64.88 -37.90
N LEU D 239 33.26 -63.75 -38.54
CA LEU D 239 31.98 -63.55 -39.20
C LEU D 239 31.81 -64.43 -40.43
N GLY D 240 30.88 -65.37 -40.33
CA GLY D 240 30.62 -66.25 -41.45
C GLY D 240 31.26 -67.60 -41.31
N LYS D 241 31.88 -67.88 -40.18
CA LYS D 241 32.51 -69.17 -40.02
C LYS D 241 31.54 -70.22 -39.55
N ARG D 242 32.02 -71.23 -38.83
CA ARG D 242 31.13 -72.27 -38.37
C ARG D 242 31.28 -72.46 -36.88
N ALA D 243 31.15 -73.69 -36.39
CA ALA D 243 31.29 -73.95 -34.96
C ALA D 243 30.73 -75.26 -34.50
N ARG D 244 31.60 -76.22 -34.24
CA ARG D 244 31.16 -77.50 -33.72
C ARG D 244 30.37 -77.11 -32.44
N ILE D 245 29.40 -77.93 -32.05
CA ILE D 245 28.66 -77.61 -30.84
C ILE D 245 29.21 -78.43 -29.68
N PRO D 246 29.61 -77.75 -28.62
CA PRO D 246 30.20 -78.27 -27.37
C PRO D 246 29.84 -79.68 -26.95
N LEU D 247 29.94 -80.64 -27.87
CA LEU D 247 29.67 -82.05 -27.58
C LEU D 247 29.06 -82.78 -28.76
N THR D 248 28.73 -82.03 -29.80
CA THR D 248 28.12 -82.63 -30.97
C THR D 248 29.11 -82.94 -32.07
N GLU D 249 28.80 -82.40 -33.24
CA GLU D 249 29.57 -82.51 -34.46
C GLU D 249 28.73 -81.71 -35.45
N VAL D 250 27.90 -80.84 -34.89
CA VAL D 250 27.03 -79.99 -35.70
C VAL D 250 27.74 -78.69 -36.01
N TRP D 251 27.68 -78.27 -37.26
CA TRP D 251 28.34 -77.02 -37.60
C TRP D 251 27.40 -75.87 -37.93
N ILE D 252 27.23 -75.04 -36.90
CA ILE D 252 26.40 -73.84 -36.85
C ILE D 252 27.10 -72.66 -37.52
N PRO D 253 26.34 -71.69 -38.05
CA PRO D 253 26.94 -70.53 -38.70
C PRO D 253 27.05 -69.30 -37.79
N ILE D 254 27.98 -68.41 -38.15
CA ILE D 254 28.22 -67.18 -37.41
C ILE D 254 27.61 -66.02 -38.18
N LEU D 255 26.49 -65.51 -37.68
CA LEU D 255 25.76 -64.42 -38.34
C LEU D 255 25.66 -63.10 -37.55
N ALA D 256 25.43 -62.03 -38.29
CA ALA D 256 25.31 -60.68 -37.72
C ALA D 256 23.86 -60.15 -37.61
N ASP D 257 23.30 -60.18 -36.40
CA ASP D 257 21.94 -59.69 -36.14
C ASP D 257 22.01 -58.51 -35.15
N PRO D 258 21.43 -57.35 -35.51
CA PRO D 258 21.42 -56.15 -34.66
C PRO D 258 20.87 -56.28 -33.23
N ALA D 259 20.28 -57.42 -32.92
CA ALA D 259 19.71 -57.63 -31.59
C ALA D 259 20.76 -58.13 -30.62
N VAL D 260 22.02 -57.96 -30.98
CA VAL D 260 23.12 -58.43 -30.15
C VAL D 260 23.74 -57.29 -29.36
N GLU D 261 23.94 -57.52 -28.07
CA GLU D 261 24.54 -56.53 -27.19
C GLU D 261 26.02 -56.83 -27.06
N LYS D 262 26.83 -56.21 -27.92
CA LYS D 262 28.26 -56.45 -27.94
C LYS D 262 28.91 -56.33 -26.57
N ASP D 263 28.31 -55.55 -25.70
CA ASP D 263 28.88 -55.33 -24.39
C ASP D 263 28.44 -56.31 -23.31
N PHE D 264 27.52 -57.21 -23.65
CA PHE D 264 27.08 -58.20 -22.69
C PHE D 264 27.98 -59.40 -22.89
N GLY D 265 28.64 -59.86 -21.83
CA GLY D 265 29.54 -60.99 -21.94
C GLY D 265 30.31 -60.93 -23.25
N THR D 266 30.65 -62.09 -23.81
CA THR D 266 31.34 -62.14 -25.09
C THR D 266 30.36 -61.55 -26.10
N GLY D 267 30.83 -60.61 -26.93
CA GLY D 267 29.96 -59.96 -27.89
C GLY D 267 29.08 -60.83 -28.82
N ALA D 268 28.97 -62.11 -28.49
CA ALA D 268 28.20 -63.05 -29.29
C ALA D 268 27.38 -64.03 -28.45
N LEU D 269 26.17 -64.32 -28.92
CA LEU D 269 25.28 -65.26 -28.22
C LEU D 269 24.83 -66.43 -29.10
N LYS D 270 24.45 -67.50 -28.42
CA LYS D 270 23.96 -68.68 -29.07
C LYS D 270 22.59 -68.24 -29.62
N VAL D 271 21.99 -69.02 -30.51
CA VAL D 271 20.67 -68.68 -31.04
C VAL D 271 19.90 -69.99 -31.07
N THR D 272 18.87 -70.07 -30.25
CA THR D 272 18.04 -71.27 -30.12
C THR D 272 16.57 -70.91 -30.38
N PRO D 273 16.16 -70.78 -31.65
CA PRO D 273 14.77 -70.43 -31.97
C PRO D 273 13.68 -71.24 -31.27
N ALA D 274 13.96 -72.49 -30.93
CA ALA D 274 12.97 -73.34 -30.29
C ALA D 274 12.92 -73.32 -28.77
N HIS D 275 13.58 -72.36 -28.14
CA HIS D 275 13.55 -72.32 -26.68
C HIS D 275 13.58 -70.91 -26.06
N ASP D 276 13.62 -69.89 -26.90
CA ASP D 276 13.63 -68.52 -26.42
C ASP D 276 13.16 -67.57 -27.51
N PRO D 277 12.21 -66.69 -27.17
CA PRO D 277 11.60 -65.68 -28.04
C PRO D 277 12.57 -64.73 -28.73
N LEU D 278 13.76 -64.56 -28.19
CA LEU D 278 14.71 -63.69 -28.86
C LEU D 278 15.42 -64.52 -29.92
N ASP D 279 15.88 -65.69 -29.51
CA ASP D 279 16.56 -66.60 -30.43
C ASP D 279 15.62 -66.90 -31.60
N TYR D 280 14.34 -67.12 -31.28
CA TYR D 280 13.32 -67.37 -32.28
C TYR D 280 13.21 -66.08 -33.07
N GLU D 281 13.19 -64.97 -32.35
CA GLU D 281 13.12 -63.66 -32.98
C GLU D 281 14.22 -63.63 -34.04
N ILE D 282 15.47 -63.69 -33.58
CA ILE D 282 16.64 -63.69 -34.45
C ILE D 282 16.54 -64.76 -35.53
N GLY D 283 16.38 -66.00 -35.09
CA GLY D 283 16.28 -67.12 -36.00
C GLY D 283 15.46 -66.79 -37.24
N GLU D 284 14.21 -66.41 -37.03
CA GLU D 284 13.32 -66.11 -38.14
C GLU D 284 13.55 -64.73 -38.74
N ARG D 285 14.81 -64.41 -38.99
CA ARG D 285 15.20 -63.12 -39.58
C ARG D 285 16.33 -63.44 -40.52
N HIS D 286 16.79 -64.69 -40.39
CA HIS D 286 17.86 -65.27 -41.18
C HIS D 286 17.32 -66.65 -41.54
N GLY D 287 16.04 -66.85 -41.24
CA GLY D 287 15.38 -68.10 -41.54
C GLY D 287 16.07 -69.36 -41.07
N LEU D 288 16.12 -69.59 -39.77
CA LEU D 288 16.74 -70.80 -39.29
C LEU D 288 15.61 -71.71 -38.88
N LYS D 289 15.79 -73.01 -39.04
CA LYS D 289 14.73 -73.91 -38.66
C LYS D 289 14.85 -74.29 -37.19
N PRO D 290 13.80 -74.05 -36.40
CA PRO D 290 13.88 -74.41 -34.99
C PRO D 290 14.15 -75.89 -34.84
N VAL D 291 14.53 -76.28 -33.64
CA VAL D 291 14.80 -77.66 -33.30
C VAL D 291 14.82 -77.68 -31.80
N SER D 292 14.34 -78.76 -31.20
CA SER D 292 14.29 -78.78 -29.75
C SER D 292 14.90 -79.95 -29.02
N VAL D 293 15.26 -79.67 -27.78
CA VAL D 293 15.86 -80.64 -26.89
C VAL D 293 15.06 -80.77 -25.60
N ILE D 294 13.91 -80.07 -25.53
CA ILE D 294 13.05 -80.12 -24.35
C ILE D 294 11.58 -80.42 -24.68
N ASN D 295 11.03 -81.46 -24.05
CA ASN D 295 9.64 -81.82 -24.26
C ASN D 295 8.79 -81.03 -23.26
N LEU D 296 7.48 -81.06 -23.45
CA LEU D 296 6.58 -80.31 -22.59
C LEU D 296 6.51 -80.70 -21.12
N GLU D 297 7.09 -81.85 -20.76
CA GLU D 297 7.11 -82.27 -19.37
C GLU D 297 8.30 -81.57 -18.73
N GLY D 298 9.06 -80.88 -19.57
CA GLY D 298 10.24 -80.17 -19.12
C GLY D 298 11.42 -81.12 -19.00
N ARG D 299 11.47 -82.13 -19.88
CA ARG D 299 12.56 -83.10 -19.84
C ARG D 299 13.50 -82.89 -21.01
N MET D 300 14.54 -83.72 -21.07
CA MET D 300 15.55 -83.62 -22.11
C MET D 300 15.36 -84.66 -23.21
N GLU D 301 15.14 -84.19 -24.43
CA GLU D 301 14.92 -85.08 -25.56
C GLU D 301 15.20 -84.34 -26.86
N GLY D 302 15.69 -85.07 -27.86
CA GLY D 302 15.98 -84.44 -29.14
C GLY D 302 17.04 -85.18 -29.92
N GLU D 303 17.39 -84.64 -31.08
CA GLU D 303 18.39 -85.24 -31.94
C GLU D 303 19.83 -84.98 -31.47
N ARG D 304 20.14 -83.70 -31.26
CA ARG D 304 21.46 -83.26 -30.79
C ARG D 304 21.83 -83.86 -29.44
N VAL D 305 21.07 -83.54 -28.40
CA VAL D 305 21.36 -84.04 -27.05
C VAL D 305 21.84 -85.48 -27.00
N PRO D 306 22.94 -85.74 -26.28
CA PRO D 306 23.52 -87.08 -26.14
C PRO D 306 22.88 -87.81 -24.96
N GLU D 307 22.85 -89.14 -25.02
CA GLU D 307 22.25 -89.93 -23.94
C GLU D 307 22.86 -89.59 -22.58
N ALA D 308 22.42 -90.29 -21.54
CA ALA D 308 22.90 -90.06 -20.18
C ALA D 308 22.62 -88.60 -19.83
N LEU D 309 22.30 -87.83 -20.87
CA LEU D 309 21.97 -86.42 -20.77
C LEU D 309 20.56 -86.30 -21.36
N ARG D 310 20.30 -87.11 -22.39
CA ARG D 310 18.99 -87.14 -23.05
C ARG D 310 18.05 -88.02 -22.23
N GLY D 311 17.67 -87.53 -21.06
CA GLY D 311 16.78 -88.27 -20.20
C GLY D 311 16.07 -87.38 -19.20
N LEU D 312 16.49 -87.48 -17.94
CA LEU D 312 15.89 -86.73 -16.83
C LEU D 312 15.66 -85.23 -17.05
N ASP D 313 15.22 -84.59 -15.97
CA ASP D 313 14.90 -83.17 -15.87
C ASP D 313 15.50 -82.19 -16.89
N ARG D 314 15.06 -80.93 -16.77
CA ARG D 314 15.52 -79.84 -17.63
C ARG D 314 16.63 -79.14 -16.85
N PHE D 315 16.44 -79.08 -15.53
CA PHE D 315 17.38 -78.44 -14.61
C PHE D 315 18.44 -79.43 -14.15
N GLU D 316 18.02 -80.62 -13.76
CA GLU D 316 18.96 -81.65 -13.33
C GLU D 316 19.63 -82.25 -14.55
N ALA D 317 19.71 -81.43 -15.59
CA ALA D 317 20.33 -81.80 -16.85
C ALA D 317 21.27 -80.64 -17.13
N ARG D 318 20.91 -79.48 -16.59
CA ARG D 318 21.69 -78.26 -16.73
C ARG D 318 22.88 -78.37 -15.78
N ARG D 319 22.57 -78.61 -14.51
CA ARG D 319 23.60 -78.74 -13.47
C ARG D 319 24.50 -79.93 -13.75
N LYS D 320 24.22 -80.63 -14.84
CA LYS D 320 25.01 -81.79 -15.25
C LYS D 320 25.71 -81.44 -16.55
N ALA D 321 24.94 -80.97 -17.52
CA ALA D 321 25.48 -80.59 -18.83
C ALA D 321 26.70 -79.69 -18.67
N VAL D 322 26.76 -78.99 -17.54
CA VAL D 322 27.87 -78.10 -17.25
C VAL D 322 29.15 -78.94 -17.16
N GLU D 323 29.09 -80.04 -16.42
CA GLU D 323 30.24 -80.92 -16.24
C GLU D 323 30.85 -81.40 -17.54
N LEU D 324 30.04 -82.06 -18.35
CA LEU D 324 30.52 -82.58 -19.63
C LEU D 324 31.16 -81.46 -20.44
N PHE D 325 30.96 -80.22 -19.98
CA PHE D 325 31.51 -79.04 -20.65
C PHE D 325 32.90 -78.67 -20.13
N ARG D 326 33.01 -78.42 -18.82
CA ARG D 326 34.29 -78.07 -18.22
C ARG D 326 35.23 -79.28 -18.28
N GLU D 327 34.73 -80.41 -17.78
CA GLU D 327 35.50 -81.64 -17.77
C GLU D 327 35.99 -82.00 -19.18
N ALA D 328 35.29 -81.53 -20.21
CA ALA D 328 35.69 -81.80 -21.59
C ALA D 328 36.49 -80.60 -22.09
N GLY D 329 36.54 -79.57 -21.24
CA GLY D 329 37.29 -78.35 -21.52
C GLY D 329 36.69 -77.26 -22.39
N HIS D 330 35.40 -76.99 -22.24
CA HIS D 330 34.75 -75.97 -23.07
C HIS D 330 34.18 -74.88 -22.20
N LEU D 331 34.12 -75.14 -20.90
CA LEU D 331 33.62 -74.17 -19.93
C LEU D 331 34.76 -73.24 -19.57
N VAL D 332 34.55 -71.95 -19.74
CA VAL D 332 35.62 -70.99 -19.46
C VAL D 332 35.39 -69.92 -18.39
N LYS D 333 34.21 -69.85 -17.79
CA LYS D 333 33.96 -68.83 -16.79
C LYS D 333 32.58 -68.96 -16.14
N GLU D 334 32.53 -69.61 -14.99
CA GLU D 334 31.28 -69.80 -14.27
C GLU D 334 31.05 -68.70 -13.24
N GLU D 335 30.57 -67.55 -13.69
CA GLU D 335 30.33 -66.43 -12.78
C GLU D 335 28.91 -66.45 -12.21
N ASP D 336 28.51 -65.36 -11.57
CA ASP D 336 27.16 -65.26 -11.00
C ASP D 336 26.36 -64.26 -11.80
N TYR D 337 25.08 -64.56 -11.99
CA TYR D 337 24.23 -63.67 -12.74
C TYR D 337 22.87 -63.46 -12.08
N THR D 338 22.34 -62.26 -12.25
CA THR D 338 21.04 -61.89 -11.70
C THR D 338 20.07 -62.00 -12.89
N ILE D 339 19.43 -63.17 -13.02
CA ILE D 339 18.52 -63.46 -14.13
C ILE D 339 17.13 -62.84 -14.08
N ALA D 340 16.65 -62.40 -15.24
CA ALA D 340 15.30 -61.83 -15.34
C ALA D 340 14.36 -63.02 -15.57
N LEU D 341 14.47 -64.01 -14.69
CA LEU D 341 13.68 -65.24 -14.73
C LEU D 341 12.16 -65.05 -14.91
N ALA D 342 11.57 -65.79 -15.85
CA ALA D 342 10.13 -65.71 -16.12
C ALA D 342 9.36 -66.86 -15.49
N THR D 343 8.17 -66.52 -14.98
CA THR D 343 7.31 -67.50 -14.33
C THR D 343 5.83 -67.35 -14.63
N CYS D 344 5.07 -68.36 -14.22
CA CYS D 344 3.63 -68.40 -14.40
C CYS D 344 2.97 -67.54 -13.33
N SER D 345 2.33 -66.45 -13.76
CA SER D 345 1.68 -65.56 -12.82
C SER D 345 0.86 -66.30 -11.75
N ARG D 346 0.02 -67.22 -12.19
CA ARG D 346 -0.86 -67.95 -11.27
C ARG D 346 -0.24 -69.05 -10.41
N CYS D 347 0.50 -69.98 -11.01
CA CYS D 347 1.08 -71.08 -10.22
C CYS D 347 2.50 -70.78 -9.78
N GLY D 348 3.14 -69.80 -10.42
CA GLY D 348 4.49 -69.42 -10.04
C GLY D 348 5.67 -70.17 -10.66
N THR D 349 5.43 -71.41 -11.05
CA THR D 349 6.48 -72.24 -11.66
C THR D 349 7.17 -71.46 -12.78
N PRO D 350 8.44 -71.78 -13.04
CA PRO D 350 9.14 -71.06 -14.12
C PRO D 350 8.66 -71.60 -15.48
N ILE D 351 8.27 -70.70 -16.37
CA ILE D 351 7.77 -71.13 -17.67
C ILE D 351 8.86 -71.72 -18.58
N GLU D 352 8.41 -72.50 -19.56
CA GLU D 352 9.28 -73.12 -20.54
C GLU D 352 8.85 -72.49 -21.86
N TYR D 353 9.45 -72.90 -22.96
CA TYR D 353 9.03 -72.36 -24.24
C TYR D 353 8.80 -73.51 -25.21
N ALA D 354 8.09 -73.24 -26.32
CA ALA D 354 7.81 -74.28 -27.28
C ALA D 354 7.03 -73.83 -28.51
N ILE D 355 7.29 -74.50 -29.63
CA ILE D 355 6.59 -74.24 -30.88
C ILE D 355 5.49 -75.29 -30.82
N PHE D 356 4.26 -74.80 -30.71
CA PHE D 356 3.06 -75.60 -30.56
C PHE D 356 2.09 -75.00 -31.56
N PRO D 357 1.17 -75.81 -32.09
CA PRO D 357 0.22 -75.20 -33.05
C PRO D 357 -0.96 -74.72 -32.18
N GLN D 358 -1.17 -73.40 -32.13
CA GLN D 358 -2.23 -72.78 -31.31
C GLN D 358 -3.11 -71.84 -32.12
N TRP D 359 -4.00 -71.13 -31.42
CA TRP D 359 -4.90 -70.19 -32.07
C TRP D 359 -4.45 -68.77 -31.79
N TRP D 360 -4.25 -68.00 -32.86
CA TRP D 360 -3.75 -66.64 -32.74
C TRP D 360 -4.68 -65.60 -33.33
N LEU D 361 -4.54 -64.36 -32.87
CA LEU D 361 -5.41 -63.32 -33.38
C LEU D 361 -4.61 -62.12 -33.87
N ARG D 362 -4.70 -61.81 -35.17
CA ARG D 362 -3.97 -60.68 -35.73
C ARG D 362 -4.37 -59.38 -35.05
N MET D 363 -3.66 -59.01 -34.00
CA MET D 363 -3.96 -57.79 -33.25
C MET D 363 -3.58 -56.56 -34.07
N ARG D 364 -2.42 -56.65 -34.67
CA ARG D 364 -1.87 -55.56 -35.47
C ARG D 364 -2.98 -54.78 -36.24
N PRO D 365 -3.91 -55.49 -36.90
CA PRO D 365 -4.98 -54.83 -37.65
C PRO D 365 -6.13 -54.25 -36.82
N LEU D 366 -6.62 -55.03 -35.87
CA LEU D 366 -7.71 -54.63 -34.98
C LEU D 366 -7.28 -53.40 -34.19
N ALA D 367 -6.07 -53.48 -33.67
CA ALA D 367 -5.46 -52.42 -32.87
C ALA D 367 -5.64 -51.09 -33.56
N GLU D 368 -5.39 -51.06 -34.86
CA GLU D 368 -5.53 -49.82 -35.61
C GLU D 368 -6.99 -49.41 -35.75
N GLU D 369 -7.88 -50.40 -35.74
CA GLU D 369 -9.31 -50.12 -35.85
C GLU D 369 -9.68 -49.23 -34.66
N VAL D 370 -9.18 -49.62 -33.47
CA VAL D 370 -9.44 -48.91 -32.22
C VAL D 370 -8.73 -47.55 -32.20
N LEU D 371 -7.41 -47.58 -32.37
CA LEU D 371 -6.60 -46.35 -32.37
C LEU D 371 -7.25 -45.28 -33.24
N LYS D 372 -7.85 -45.72 -34.35
CA LYS D 372 -8.52 -44.79 -35.24
C LYS D 372 -9.49 -43.97 -34.39
N GLY D 373 -10.17 -44.66 -33.47
CA GLY D 373 -11.13 -44.00 -32.60
C GLY D 373 -10.51 -43.07 -31.56
N LEU D 374 -9.72 -43.65 -30.65
CA LEU D 374 -9.08 -42.87 -29.59
C LEU D 374 -8.45 -41.64 -30.21
N ARG D 375 -7.75 -41.85 -31.32
CA ARG D 375 -7.09 -40.76 -32.03
C ARG D 375 -8.10 -39.69 -32.43
N ARG D 376 -9.28 -40.13 -32.82
CA ARG D 376 -10.35 -39.23 -33.24
C ARG D 376 -10.96 -38.50 -32.06
N GLY D 377 -10.78 -39.07 -30.87
CA GLY D 377 -11.33 -38.46 -29.68
C GLY D 377 -12.65 -39.11 -29.33
N ASP D 378 -12.70 -40.42 -29.44
CA ASP D 378 -13.91 -41.17 -29.14
C ASP D 378 -14.03 -41.30 -27.64
N ILE D 379 -13.29 -42.24 -27.08
CA ILE D 379 -13.33 -42.48 -25.65
C ILE D 379 -12.57 -41.40 -24.86
N ALA D 380 -13.01 -41.14 -23.63
CA ALA D 380 -12.37 -40.16 -22.76
C ALA D 380 -11.94 -40.85 -21.47
N PHE D 381 -10.76 -40.51 -21.01
CA PHE D 381 -10.23 -41.12 -19.81
C PHE D 381 -10.27 -40.18 -18.61
N VAL D 382 -10.52 -40.75 -17.43
CA VAL D 382 -10.60 -39.97 -16.19
C VAL D 382 -9.23 -39.54 -15.70
N PRO D 383 -8.42 -40.43 -15.08
CA PRO D 383 -7.20 -39.71 -14.76
C PRO D 383 -6.61 -39.06 -16.03
N GLU D 384 -7.06 -39.52 -17.19
CA GLU D 384 -6.64 -38.93 -18.48
C GLU D 384 -5.21 -39.19 -18.90
N ARG D 385 -4.32 -39.25 -17.91
CA ARG D 385 -2.94 -39.53 -18.23
C ARG D 385 -2.97 -40.92 -18.85
N TRP D 386 -4.02 -41.67 -18.56
CA TRP D 386 -4.18 -43.03 -19.05
C TRP D 386 -4.48 -43.21 -20.54
N LYS D 387 -4.93 -42.15 -21.20
CA LYS D 387 -5.21 -42.31 -22.60
C LYS D 387 -3.96 -42.83 -23.30
N LYS D 388 -2.81 -42.26 -22.96
CA LYS D 388 -1.57 -42.67 -23.60
C LYS D 388 -1.08 -44.05 -23.18
N VAL D 389 -1.20 -44.39 -21.91
CA VAL D 389 -0.77 -45.72 -21.49
C VAL D 389 -1.52 -46.73 -22.36
N ASN D 390 -2.69 -46.31 -22.83
CA ASN D 390 -3.57 -47.13 -23.66
C ASN D 390 -3.15 -47.03 -25.13
N MET D 391 -3.18 -45.82 -25.67
CA MET D 391 -2.80 -45.61 -27.05
C MET D 391 -1.38 -46.05 -27.37
N ASP D 392 -0.67 -46.61 -26.40
CA ASP D 392 0.67 -47.07 -26.68
C ASP D 392 0.66 -48.57 -26.67
N TRP D 393 0.04 -49.16 -25.66
CA TRP D 393 -0.03 -50.60 -25.58
C TRP D 393 -0.64 -51.09 -26.89
N LEU D 394 -1.53 -50.29 -27.45
CA LEU D 394 -2.19 -50.61 -28.72
C LEU D 394 -1.24 -50.24 -29.85
N GLU D 395 -0.63 -49.08 -29.72
CA GLU D 395 0.32 -48.56 -30.70
C GLU D 395 1.31 -49.61 -31.21
N ASN D 396 1.57 -50.63 -30.40
CA ASN D 396 2.48 -51.69 -30.77
C ASN D 396 2.15 -53.01 -30.09
N VAL D 397 1.20 -53.74 -30.66
CA VAL D 397 0.78 -55.02 -30.08
C VAL D 397 1.32 -56.19 -30.90
N LYS D 398 1.27 -57.38 -30.32
CA LYS D 398 1.74 -58.58 -30.99
C LYS D 398 0.60 -59.59 -30.94
N ASP D 399 0.48 -60.43 -31.97
CA ASP D 399 -0.59 -61.42 -32.03
C ASP D 399 -0.76 -62.19 -30.72
N TRP D 400 -2.02 -62.42 -30.38
CA TRP D 400 -2.39 -63.04 -29.13
C TRP D 400 -2.78 -64.52 -29.12
N ASN D 401 -2.05 -65.32 -28.36
CA ASN D 401 -2.30 -66.75 -28.26
C ASN D 401 -3.64 -67.00 -27.56
N ILE D 402 -4.70 -67.06 -28.37
CA ILE D 402 -6.07 -67.27 -27.92
C ILE D 402 -6.41 -68.66 -27.35
N SER D 403 -5.66 -69.69 -27.73
CA SER D 403 -5.90 -71.07 -27.25
C SER D 403 -5.45 -71.23 -25.81
N ARG D 404 -5.71 -72.42 -25.25
CA ARG D 404 -5.32 -72.73 -23.88
C ARG D 404 -5.70 -74.16 -23.58
N GLN D 405 -4.79 -74.92 -22.96
CA GLN D 405 -5.04 -76.32 -22.66
C GLN D 405 -5.70 -76.60 -21.31
N LEU D 406 -6.55 -75.68 -20.85
CA LEU D 406 -7.25 -75.83 -19.56
C LEU D 406 -8.47 -76.75 -19.61
N TRP D 407 -9.07 -76.99 -18.45
CA TRP D 407 -10.26 -77.82 -18.36
C TRP D 407 -11.48 -76.99 -17.96
N TRP D 408 -11.32 -75.68 -17.88
CA TRP D 408 -12.43 -74.82 -17.47
C TRP D 408 -13.11 -74.19 -18.67
N GLY D 409 -12.56 -73.05 -19.13
CA GLY D 409 -13.12 -72.29 -20.24
C GLY D 409 -14.04 -72.82 -21.34
N HIS D 410 -14.24 -71.96 -22.33
CA HIS D 410 -15.07 -72.26 -23.48
C HIS D 410 -14.35 -73.10 -24.53
N GLN D 411 -14.83 -74.32 -24.80
CA GLN D 411 -14.21 -75.18 -25.82
C GLN D 411 -14.30 -74.55 -27.21
N ILE D 412 -13.18 -74.05 -27.72
CA ILE D 412 -13.18 -73.41 -29.03
C ILE D 412 -13.94 -74.28 -30.05
N PRO D 413 -14.64 -73.61 -31.00
CA PRO D 413 -15.47 -74.14 -32.08
C PRO D 413 -14.73 -74.48 -33.37
N ALA D 414 -13.74 -75.35 -33.28
CA ALA D 414 -12.98 -75.74 -34.46
C ALA D 414 -12.99 -77.26 -34.56
N TRP D 415 -13.16 -77.72 -35.80
CA TRP D 415 -13.23 -79.13 -36.10
C TRP D 415 -12.17 -79.47 -37.15
N TYR D 416 -11.34 -80.46 -36.88
CA TYR D 416 -10.25 -80.90 -37.78
C TYR D 416 -10.54 -82.27 -38.38
N CYS D 417 -10.46 -82.40 -39.71
CA CYS D 417 -10.73 -83.69 -40.34
C CYS D 417 -9.63 -84.70 -40.05
N GLU D 418 -10.03 -85.91 -39.67
CA GLU D 418 -9.07 -86.98 -39.36
C GLU D 418 -8.52 -87.59 -40.66
N ASP D 419 -8.92 -87.00 -41.80
CA ASP D 419 -8.50 -87.50 -43.09
C ASP D 419 -7.67 -86.50 -43.89
N CYS D 420 -8.10 -85.24 -43.99
CA CYS D 420 -7.30 -84.28 -44.74
C CYS D 420 -6.71 -83.22 -43.83
N GLN D 421 -6.79 -83.50 -42.52
CA GLN D 421 -6.25 -82.61 -41.47
C GLN D 421 -6.79 -81.19 -41.58
N ALA D 422 -8.00 -81.07 -42.12
CA ALA D 422 -8.62 -79.77 -42.33
C ALA D 422 -9.34 -79.21 -41.14
N VAL D 423 -9.24 -77.89 -41.02
CA VAL D 423 -9.88 -77.16 -39.95
C VAL D 423 -11.25 -76.74 -40.43
N ASN D 424 -12.26 -77.15 -39.66
CA ASN D 424 -13.65 -76.84 -39.95
C ASN D 424 -14.22 -76.06 -38.77
N VAL D 425 -14.54 -74.79 -39.03
CA VAL D 425 -15.11 -73.92 -38.02
C VAL D 425 -16.41 -73.32 -38.56
N PRO D 426 -17.53 -73.59 -37.86
CA PRO D 426 -18.85 -73.10 -38.27
C PRO D 426 -18.80 -71.73 -38.91
N ARG D 427 -19.63 -71.52 -39.93
CA ARG D 427 -19.67 -70.24 -40.64
C ARG D 427 -20.38 -69.25 -39.74
N PRO D 428 -20.18 -67.94 -39.95
CA PRO D 428 -20.83 -66.94 -39.10
C PRO D 428 -22.34 -67.14 -38.95
N GLU D 429 -23.05 -66.89 -40.06
CA GLU D 429 -24.49 -66.99 -40.10
C GLU D 429 -25.05 -68.36 -39.78
N ARG D 430 -24.31 -69.17 -39.04
CA ARG D 430 -24.77 -70.50 -38.67
C ARG D 430 -23.96 -70.94 -37.48
N TYR D 431 -23.12 -70.03 -37.01
CA TYR D 431 -22.20 -70.23 -35.88
C TYR D 431 -22.67 -71.25 -34.84
N LEU D 432 -23.98 -71.36 -34.70
CA LEU D 432 -24.60 -72.25 -33.73
C LEU D 432 -24.50 -73.72 -34.14
N GLU D 433 -24.32 -73.94 -35.44
CA GLU D 433 -24.23 -75.28 -36.03
C GLU D 433 -22.90 -75.98 -35.81
N ASP D 434 -22.94 -77.30 -35.76
CA ASP D 434 -21.74 -78.12 -35.54
C ASP D 434 -21.23 -78.87 -36.76
N PRO D 435 -20.75 -78.15 -37.81
CA PRO D 435 -20.24 -78.77 -39.03
C PRO D 435 -19.89 -80.25 -38.91
N THR D 436 -20.38 -81.02 -39.88
CA THR D 436 -20.16 -82.46 -39.89
C THR D 436 -19.54 -83.05 -41.19
N SER D 437 -18.77 -82.23 -41.91
CA SER D 437 -18.11 -82.65 -43.15
C SER D 437 -16.94 -81.73 -43.55
N CYS D 438 -15.75 -82.31 -43.74
CA CYS D 438 -14.62 -81.48 -44.16
C CYS D 438 -15.08 -80.71 -45.38
N GLU D 439 -15.01 -79.39 -45.35
CA GLU D 439 -15.43 -78.58 -46.48
C GLU D 439 -14.37 -78.46 -47.57
N ALA D 440 -13.42 -79.40 -47.57
CA ALA D 440 -12.33 -79.45 -48.54
C ALA D 440 -12.23 -80.88 -49.07
N CYS D 441 -12.12 -81.80 -48.11
CA CYS D 441 -12.05 -83.23 -48.38
C CYS D 441 -13.45 -83.79 -48.56
N GLY D 442 -14.33 -83.57 -47.59
CA GLY D 442 -15.70 -84.05 -47.69
C GLY D 442 -16.00 -85.12 -46.66
N SER D 443 -14.95 -85.62 -46.02
CA SER D 443 -15.10 -86.67 -45.02
C SER D 443 -16.01 -86.31 -43.84
N PRO D 444 -16.70 -87.31 -43.32
CA PRO D 444 -17.63 -87.23 -42.19
C PRO D 444 -16.97 -87.50 -40.84
N ARG D 445 -15.67 -87.81 -40.85
CA ARG D 445 -14.94 -88.11 -39.62
C ARG D 445 -14.21 -86.89 -39.02
N LEU D 446 -14.98 -85.92 -38.53
CA LEU D 446 -14.39 -84.72 -37.95
C LEU D 446 -14.06 -84.82 -36.47
N LYS D 447 -13.18 -83.91 -36.04
CA LYS D 447 -12.70 -83.81 -34.67
C LYS D 447 -12.69 -82.35 -34.20
N ARG D 448 -13.05 -82.13 -32.93
CA ARG D 448 -13.12 -80.80 -32.36
C ARG D 448 -11.95 -80.47 -31.43
N ASP D 449 -11.39 -79.28 -31.60
CA ASP D 449 -10.27 -78.82 -30.77
C ASP D 449 -10.71 -79.03 -29.31
N GLU D 450 -9.87 -79.67 -28.49
CA GLU D 450 -10.25 -79.85 -27.08
C GLU D 450 -9.77 -78.65 -26.26
N ASP D 451 -9.23 -77.67 -26.98
CA ASP D 451 -8.73 -76.46 -26.37
C ASP D 451 -9.84 -75.53 -25.94
N VAL D 452 -9.55 -74.77 -24.89
CA VAL D 452 -10.43 -73.79 -24.26
C VAL D 452 -9.97 -72.37 -24.59
N PHE D 453 -10.89 -71.42 -24.68
CA PHE D 453 -10.45 -70.07 -24.95
C PHE D 453 -9.84 -69.42 -23.70
N ASP D 454 -9.18 -68.29 -23.91
CA ASP D 454 -8.52 -67.50 -22.86
C ASP D 454 -9.56 -66.67 -22.12
N THR D 455 -9.64 -66.80 -20.80
CA THR D 455 -10.62 -66.01 -20.04
C THR D 455 -10.71 -64.62 -20.63
N TRP D 456 -9.56 -63.98 -20.78
CA TRP D 456 -9.56 -62.62 -21.31
C TRP D 456 -10.13 -62.53 -22.73
N PHE D 457 -10.27 -63.68 -23.40
CA PHE D 457 -10.84 -63.68 -24.74
C PHE D 457 -12.37 -63.49 -24.63
N SER D 458 -12.95 -63.96 -23.52
CA SER D 458 -14.40 -63.84 -23.25
C SER D 458 -14.73 -62.52 -22.57
N SER D 459 -13.89 -62.11 -21.63
CA SER D 459 -14.10 -60.85 -20.93
C SER D 459 -14.05 -59.73 -21.93
N ALA D 460 -13.33 -59.95 -23.03
CA ALA D 460 -13.22 -58.92 -24.07
C ALA D 460 -14.62 -58.58 -24.56
N LEU D 461 -15.49 -59.59 -24.56
CA LEU D 461 -16.88 -59.45 -25.00
C LEU D 461 -17.82 -59.30 -23.78
N TRP D 462 -18.14 -58.06 -23.42
CA TRP D 462 -19.00 -57.82 -22.28
C TRP D 462 -19.86 -56.63 -22.64
N PRO D 463 -19.26 -55.62 -23.28
CA PRO D 463 -20.09 -54.47 -23.67
C PRO D 463 -21.19 -54.97 -24.63
N LEU D 464 -21.11 -56.26 -24.98
CA LEU D 464 -22.05 -56.90 -25.89
C LEU D 464 -22.70 -58.10 -25.20
N SER D 465 -21.86 -59.04 -24.80
CA SER D 465 -22.29 -60.25 -24.12
C SER D 465 -23.42 -60.08 -23.07
N THR D 466 -23.49 -58.91 -22.46
CA THR D 466 -24.49 -58.61 -21.42
C THR D 466 -25.80 -58.16 -22.03
N LEU D 467 -25.70 -57.61 -23.24
CA LEU D 467 -26.86 -57.12 -23.98
C LEU D 467 -27.22 -58.10 -25.12
N GLY D 468 -26.96 -59.40 -24.90
CA GLY D 468 -27.25 -60.43 -25.88
C GLY D 468 -26.80 -60.20 -27.32
N TRP D 469 -25.63 -59.57 -27.51
CA TRP D 469 -25.08 -59.27 -28.84
C TRP D 469 -24.78 -60.51 -29.63
N PRO D 470 -24.64 -61.66 -28.98
CA PRO D 470 -24.39 -62.75 -29.92
C PRO D 470 -25.49 -62.65 -31.01
N GLU D 471 -26.62 -62.02 -30.65
CA GLU D 471 -27.82 -61.77 -31.49
C GLU D 471 -27.97 -60.30 -31.92
N GLU D 472 -29.14 -59.72 -31.72
CA GLU D 472 -29.35 -58.32 -32.08
C GLU D 472 -30.47 -57.67 -31.28
N THR D 473 -30.47 -57.99 -29.99
CA THR D 473 -31.44 -57.51 -29.03
C THR D 473 -31.73 -56.01 -29.07
N GLU D 474 -32.72 -55.61 -28.28
CA GLU D 474 -33.18 -54.23 -28.15
C GLU D 474 -32.41 -53.51 -27.04
N ASP D 475 -31.95 -54.28 -26.04
CA ASP D 475 -31.13 -53.72 -24.97
C ASP D 475 -29.93 -53.19 -25.73
N LEU D 476 -29.22 -54.12 -26.36
CA LEU D 476 -28.05 -53.82 -27.18
C LEU D 476 -28.28 -52.62 -28.10
N LYS D 477 -29.53 -52.30 -28.36
CA LYS D 477 -29.82 -51.18 -29.25
C LYS D 477 -29.92 -49.88 -28.45
N ALA D 478 -30.45 -50.00 -27.24
CA ALA D 478 -30.66 -48.87 -26.35
C ALA D 478 -29.46 -48.61 -25.44
N PHE D 479 -28.88 -49.70 -24.96
CA PHE D 479 -27.75 -49.63 -24.04
C PHE D 479 -26.36 -50.01 -24.59
N TYR D 480 -26.03 -49.69 -25.84
CA TYR D 480 -24.69 -50.12 -26.24
C TYR D 480 -23.58 -49.15 -25.87
N PRO D 481 -23.40 -48.08 -26.66
CA PRO D 481 -22.29 -47.24 -26.20
C PRO D 481 -22.44 -47.03 -24.69
N GLY D 482 -21.68 -47.80 -23.90
CA GLY D 482 -21.72 -47.69 -22.46
C GLY D 482 -21.30 -46.27 -22.12
N ASP D 483 -21.83 -45.71 -21.04
CA ASP D 483 -21.48 -44.34 -20.69
C ASP D 483 -20.17 -44.22 -19.91
N VAL D 484 -20.02 -44.99 -18.85
CA VAL D 484 -18.81 -44.90 -18.06
C VAL D 484 -18.32 -46.28 -17.66
N LEU D 485 -17.06 -46.60 -18.01
CA LEU D 485 -16.51 -47.90 -17.64
C LEU D 485 -15.61 -47.71 -16.43
N VAL D 486 -16.01 -48.32 -15.32
CA VAL D 486 -15.28 -48.20 -14.07
C VAL D 486 -14.51 -49.45 -13.71
N THR D 487 -13.21 -49.26 -13.50
CA THR D 487 -12.33 -50.37 -13.15
C THR D 487 -10.98 -49.85 -12.66
N GLY D 488 -10.22 -50.73 -12.03
CA GLY D 488 -8.92 -50.35 -11.54
C GLY D 488 -7.87 -50.58 -12.61
N TYR D 489 -7.19 -49.51 -13.02
CA TYR D 489 -6.13 -49.57 -14.03
C TYR D 489 -5.35 -50.87 -14.12
N ASP D 490 -5.38 -51.70 -13.08
CA ASP D 490 -4.60 -52.94 -13.12
C ASP D 490 -4.97 -53.87 -14.28
N ILE D 491 -6.08 -53.63 -14.95
CA ILE D 491 -6.48 -54.45 -16.10
C ILE D 491 -6.89 -53.54 -17.25
N LEU D 492 -6.09 -52.49 -17.48
CA LEU D 492 -6.35 -51.54 -18.55
C LEU D 492 -5.87 -52.14 -19.86
N PHE D 493 -5.05 -53.17 -19.73
CA PHE D 493 -4.50 -53.84 -20.90
C PHE D 493 -5.25 -55.11 -21.14
N LEU D 494 -5.21 -56.03 -20.18
CA LEU D 494 -5.89 -57.28 -20.37
C LEU D 494 -7.42 -57.26 -20.33
N TRP D 495 -8.02 -56.07 -20.31
CA TRP D 495 -9.47 -55.98 -20.34
C TRP D 495 -9.98 -54.74 -21.07
N VAL D 496 -9.75 -53.57 -20.50
CA VAL D 496 -10.22 -52.35 -21.14
C VAL D 496 -9.86 -52.25 -22.61
N SER D 497 -8.68 -52.73 -22.97
CA SER D 497 -8.23 -52.68 -24.37
C SER D 497 -8.95 -53.77 -25.16
N ARG D 498 -8.90 -54.98 -24.64
CA ARG D 498 -9.57 -56.12 -25.25
C ARG D 498 -11.01 -55.79 -25.63
N MET D 499 -11.71 -55.00 -24.81
CA MET D 499 -13.10 -54.63 -25.11
C MET D 499 -13.06 -53.54 -26.15
N GLU D 500 -12.23 -52.53 -25.93
CA GLU D 500 -12.10 -51.44 -26.88
C GLU D 500 -12.00 -51.98 -28.28
N VAL D 501 -11.29 -53.09 -28.44
CA VAL D 501 -11.13 -53.68 -29.77
C VAL D 501 -12.38 -54.46 -30.18
N SER D 502 -12.69 -55.54 -29.46
CA SER D 502 -13.85 -56.36 -29.80
C SER D 502 -15.12 -55.53 -30.03
N GLY D 503 -15.16 -54.32 -29.50
CA GLY D 503 -16.32 -53.51 -29.69
C GLY D 503 -16.16 -52.53 -30.83
N TYR D 504 -14.94 -52.32 -31.28
CA TYR D 504 -14.74 -51.40 -32.39
C TYR D 504 -14.75 -52.21 -33.66
N HIS D 505 -14.58 -53.52 -33.50
CA HIS D 505 -14.53 -54.41 -34.64
C HIS D 505 -15.88 -55.02 -34.98
N PHE D 506 -16.64 -55.37 -33.95
CA PHE D 506 -17.94 -55.96 -34.17
C PHE D 506 -19.05 -54.92 -34.30
N MET D 507 -18.76 -53.68 -33.88
CA MET D 507 -19.70 -52.56 -33.97
C MET D 507 -18.84 -51.39 -34.37
N GLY D 508 -19.32 -50.56 -35.29
CA GLY D 508 -18.50 -49.45 -35.74
C GLY D 508 -18.25 -48.36 -34.70
N GLU D 509 -18.43 -48.67 -33.41
CA GLU D 509 -18.24 -47.65 -32.39
C GLU D 509 -17.72 -48.14 -31.03
N ARG D 510 -17.26 -47.18 -30.24
CA ARG D 510 -16.71 -47.45 -28.92
C ARG D 510 -17.67 -48.18 -27.99
N PRO D 511 -17.17 -49.17 -27.24
CA PRO D 511 -17.99 -49.94 -26.30
C PRO D 511 -18.40 -49.12 -25.06
N PHE D 512 -17.73 -48.00 -24.84
CA PHE D 512 -18.03 -47.07 -23.75
C PHE D 512 -17.51 -45.70 -24.14
N LYS D 513 -18.07 -44.64 -23.54
CA LYS D 513 -17.68 -43.26 -23.87
C LYS D 513 -16.63 -42.65 -22.93
N THR D 514 -16.53 -43.21 -21.71
CA THR D 514 -15.58 -42.73 -20.71
C THR D 514 -15.08 -43.87 -19.85
N VAL D 515 -13.77 -44.07 -19.83
CA VAL D 515 -13.19 -45.12 -19.00
C VAL D 515 -12.73 -44.38 -17.77
N LEU D 516 -13.13 -44.90 -16.61
CA LEU D 516 -12.78 -44.28 -15.34
C LEU D 516 -11.99 -45.23 -14.44
N LEU D 517 -10.68 -45.04 -14.46
CA LEU D 517 -9.76 -45.87 -13.68
C LEU D 517 -9.43 -45.25 -12.34
N HIS D 518 -9.71 -46.01 -11.28
CA HIS D 518 -9.44 -45.57 -9.93
C HIS D 518 -8.18 -46.32 -9.52
N GLY D 519 -7.57 -45.95 -8.41
CA GLY D 519 -6.37 -46.65 -7.98
C GLY D 519 -6.72 -47.99 -7.38
N LEU D 520 -5.75 -48.64 -6.74
CA LEU D 520 -5.99 -49.93 -6.12
C LEU D 520 -5.89 -49.76 -4.62
N VAL D 521 -6.62 -50.56 -3.85
CA VAL D 521 -6.50 -50.43 -2.41
C VAL D 521 -5.36 -51.38 -2.07
N LEU D 522 -4.48 -50.95 -1.17
CA LEU D 522 -3.32 -51.75 -0.77
C LEU D 522 -3.38 -52.01 0.73
N ASP D 523 -2.57 -52.95 1.20
CA ASP D 523 -2.55 -53.28 2.62
C ASP D 523 -1.69 -52.26 3.36
N GLU D 524 -1.62 -52.36 4.70
CA GLU D 524 -0.86 -51.42 5.50
C GLU D 524 0.50 -51.14 4.89
N LYS D 525 1.13 -52.17 4.35
CA LYS D 525 2.45 -52.04 3.73
C LYS D 525 2.46 -51.19 2.46
N GLY D 526 1.34 -51.14 1.76
CA GLY D 526 1.28 -50.37 0.54
C GLY D 526 1.41 -51.31 -0.63
N GLN D 527 1.12 -52.56 -0.38
CA GLN D 527 1.20 -53.59 -1.41
C GLN D 527 -0.21 -53.94 -1.88
N LYS D 528 -0.45 -53.78 -3.18
CA LYS D 528 -1.75 -54.06 -3.77
C LYS D 528 -2.48 -55.22 -3.10
N MET D 529 -3.77 -55.03 -2.85
CA MET D 529 -4.61 -56.04 -2.23
C MET D 529 -5.09 -57.01 -3.30
N SER D 530 -4.55 -58.22 -3.26
CA SER D 530 -4.87 -59.28 -4.20
C SER D 530 -4.91 -60.59 -3.44
N LYS D 531 -5.75 -61.53 -3.90
CA LYS D 531 -5.88 -62.81 -3.22
C LYS D 531 -4.57 -63.59 -3.22
N SER D 532 -3.76 -63.40 -4.26
CA SER D 532 -2.48 -64.08 -4.39
C SER D 532 -1.53 -63.71 -3.25
N LYS D 533 -1.32 -62.40 -3.07
CA LYS D 533 -0.44 -61.89 -2.02
C LYS D 533 -0.92 -62.22 -0.60
N GLY D 534 -2.12 -62.79 -0.48
CA GLY D 534 -2.66 -63.15 0.82
C GLY D 534 -3.04 -61.96 1.70
N ASN D 535 -3.00 -60.76 1.13
CA ASN D 535 -3.32 -59.55 1.87
C ASN D 535 -4.78 -59.12 1.70
N VAL D 536 -5.73 -60.02 1.85
CA VAL D 536 -7.13 -59.65 1.65
C VAL D 536 -7.94 -59.45 2.92
N ILE D 537 -8.91 -58.54 2.82
CA ILE D 537 -9.83 -58.25 3.91
C ILE D 537 -11.22 -58.22 3.32
N ASP D 538 -12.12 -59.01 3.92
CA ASP D 538 -13.49 -59.11 3.45
C ASP D 538 -14.26 -57.81 3.71
N PRO D 539 -14.75 -57.16 2.65
CA PRO D 539 -15.49 -55.92 2.86
C PRO D 539 -16.58 -56.11 3.91
N LEU D 540 -17.08 -57.34 4.03
CA LEU D 540 -18.12 -57.65 5.00
C LEU D 540 -17.59 -57.65 6.41
N GLU D 541 -16.32 -57.99 6.58
CA GLU D 541 -15.69 -57.99 7.89
C GLU D 541 -15.80 -56.56 8.41
N MET D 542 -15.62 -55.62 7.49
CA MET D 542 -15.69 -54.21 7.80
C MET D 542 -17.13 -53.75 8.02
N VAL D 543 -18.06 -54.12 7.14
CA VAL D 543 -19.45 -53.66 7.32
C VAL D 543 -19.93 -54.00 8.71
N GLU D 544 -19.54 -55.18 9.20
CA GLU D 544 -19.94 -55.59 10.52
C GLU D 544 -19.32 -54.66 11.54
N ARG D 545 -18.05 -54.36 11.33
CA ARG D 545 -17.31 -53.49 12.23
C ARG D 545 -17.71 -52.02 12.20
N TYR D 546 -17.94 -51.46 11.02
CA TYR D 546 -18.31 -50.04 10.90
C TYR D 546 -19.61 -49.79 10.16
N GLY D 547 -20.03 -50.75 9.33
CA GLY D 547 -21.25 -50.58 8.57
C GLY D 547 -21.00 -50.28 7.10
N ALA D 548 -21.76 -50.92 6.23
CA ALA D 548 -21.61 -50.71 4.80
C ALA D 548 -21.63 -49.24 4.36
N ASP D 549 -22.36 -48.38 5.07
CA ASP D 549 -22.37 -46.97 4.68
C ASP D 549 -21.02 -46.35 5.01
N ALA D 550 -20.45 -46.74 6.14
CA ALA D 550 -19.15 -46.21 6.53
C ALA D 550 -18.15 -46.61 5.47
N LEU D 551 -18.15 -47.90 5.15
CA LEU D 551 -17.25 -48.49 4.17
C LEU D 551 -17.31 -47.80 2.82
N ARG D 552 -18.52 -47.57 2.32
CA ARG D 552 -18.68 -46.91 1.03
C ARG D 552 -18.11 -45.51 1.09
N PHE D 553 -18.49 -44.76 2.13
CA PHE D 553 -18.04 -43.38 2.29
C PHE D 553 -16.53 -43.25 2.49
N ALA D 554 -15.97 -44.15 3.30
CA ALA D 554 -14.53 -44.14 3.53
C ALA D 554 -13.86 -44.25 2.16
N LEU D 555 -14.13 -45.36 1.47
CA LEU D 555 -13.55 -45.62 0.15
C LEU D 555 -13.76 -44.55 -0.91
N ILE D 556 -14.96 -43.99 -1.02
CA ILE D 556 -15.15 -42.95 -2.04
C ILE D 556 -14.32 -41.73 -1.69
N TYR D 557 -14.31 -41.44 -0.40
CA TYR D 557 -13.58 -40.30 0.14
C TYR D 557 -12.09 -40.38 -0.26
N LEU D 558 -11.54 -41.59 -0.20
CA LEU D 558 -10.13 -41.84 -0.53
C LEU D 558 -9.84 -42.03 -2.02
N ALA D 559 -10.86 -42.33 -2.83
CA ALA D 559 -10.64 -42.52 -4.26
C ALA D 559 -10.42 -41.16 -4.92
N THR D 560 -9.34 -40.49 -4.54
CA THR D 560 -9.03 -39.18 -5.08
C THR D 560 -8.15 -39.20 -6.32
N GLY D 561 -8.70 -38.75 -7.45
CA GLY D 561 -7.97 -38.70 -8.71
C GLY D 561 -7.24 -39.94 -9.20
N GLY D 562 -7.85 -41.10 -9.03
CA GLY D 562 -7.22 -42.32 -9.48
C GLY D 562 -5.91 -42.58 -8.78
N GLN D 563 -5.89 -42.30 -7.48
CA GLN D 563 -4.71 -42.53 -6.68
C GLN D 563 -4.97 -43.82 -5.93
N ASP D 564 -3.92 -44.51 -5.51
CA ASP D 564 -4.15 -45.76 -4.79
C ASP D 564 -4.77 -45.45 -3.44
N ILE D 565 -4.98 -46.49 -2.62
CA ILE D 565 -5.58 -46.32 -1.31
C ILE D 565 -5.03 -47.27 -0.25
N ARG D 566 -4.09 -46.81 0.56
CA ARG D 566 -3.56 -47.70 1.58
C ARG D 566 -4.59 -47.90 2.69
N LEU D 567 -4.77 -49.16 3.09
CA LEU D 567 -5.71 -49.47 4.16
C LEU D 567 -5.28 -48.71 5.41
N ASP D 568 -6.23 -48.02 6.04
CA ASP D 568 -5.96 -47.22 7.24
C ASP D 568 -7.25 -47.06 8.06
N LEU D 569 -7.59 -48.09 8.83
CA LEU D 569 -8.82 -48.07 9.64
C LEU D 569 -9.37 -46.73 10.09
N ARG D 570 -8.51 -45.82 10.54
CA ARG D 570 -8.93 -44.51 11.00
C ARG D 570 -9.97 -43.92 10.05
N TRP D 571 -9.77 -44.13 8.75
CA TRP D 571 -10.71 -43.60 7.77
C TRP D 571 -12.10 -44.24 7.84
N LEU D 572 -12.14 -45.50 8.29
CA LEU D 572 -13.41 -46.18 8.45
C LEU D 572 -14.07 -45.54 9.66
N GLU D 573 -13.26 -45.31 10.70
CA GLU D 573 -13.74 -44.67 11.92
C GLU D 573 -14.28 -43.32 11.51
N MET D 574 -13.45 -42.59 10.78
CA MET D 574 -13.83 -41.28 10.30
C MET D 574 -15.24 -41.35 9.72
N ALA D 575 -15.48 -42.32 8.85
CA ALA D 575 -16.77 -42.48 8.21
C ALA D 575 -17.90 -42.95 9.14
N ARG D 576 -17.65 -43.99 9.94
CA ARG D 576 -18.66 -44.49 10.86
C ARG D 576 -19.19 -43.32 11.66
N ASN D 577 -18.27 -42.53 12.17
CA ASN D 577 -18.60 -41.36 12.96
C ASN D 577 -19.45 -40.38 12.18
N PHE D 578 -19.09 -40.12 10.92
CA PHE D 578 -19.88 -39.19 10.13
C PHE D 578 -21.29 -39.72 9.93
N ALA D 579 -21.44 -41.04 9.90
CA ALA D 579 -22.76 -41.64 9.75
C ALA D 579 -23.50 -41.30 11.03
N ASN D 580 -22.92 -41.71 12.15
CA ASN D 580 -23.55 -41.44 13.43
C ASN D 580 -23.90 -39.98 13.58
N LYS D 581 -23.01 -39.10 13.15
CA LYS D 581 -23.28 -37.68 13.25
C LYS D 581 -24.54 -37.34 12.50
N LEU D 582 -24.60 -37.73 11.22
CA LEU D 582 -25.77 -37.45 10.39
C LEU D 582 -27.02 -37.94 11.10
N TYR D 583 -27.00 -39.21 11.44
CA TYR D 583 -28.09 -39.84 12.15
C TYR D 583 -28.65 -38.84 13.15
N ASN D 584 -27.78 -38.38 14.06
CA ASN D 584 -28.16 -37.43 15.10
C ASN D 584 -28.84 -36.17 14.62
N ALA D 585 -28.30 -35.51 13.61
CA ALA D 585 -28.96 -34.32 13.12
C ALA D 585 -30.40 -34.72 12.82
N ALA D 586 -30.57 -35.86 12.17
CA ALA D 586 -31.91 -36.35 11.83
C ALA D 586 -32.62 -36.67 13.14
N ARG D 587 -31.98 -37.50 13.96
CA ARG D 587 -32.48 -37.91 15.27
C ARG D 587 -33.01 -36.69 16.01
N PHE D 588 -32.30 -35.58 15.89
CA PHE D 588 -32.73 -34.36 16.54
C PHE D 588 -34.03 -33.92 15.88
N VAL D 589 -33.94 -33.46 14.63
CA VAL D 589 -35.11 -32.98 13.90
C VAL D 589 -36.36 -33.83 14.10
N LEU D 590 -36.19 -35.14 14.27
CA LEU D 590 -37.34 -36.01 14.49
C LEU D 590 -37.88 -35.74 15.89
N LEU D 591 -37.08 -36.04 16.91
CA LEU D 591 -37.50 -35.80 18.28
C LEU D 591 -37.99 -34.37 18.43
N SER D 592 -37.48 -33.47 17.59
CA SER D 592 -37.86 -32.07 17.63
C SER D 592 -39.31 -31.84 17.22
N ARG D 593 -39.66 -32.13 15.96
CA ARG D 593 -41.03 -31.92 15.50
C ARG D 593 -42.02 -32.79 16.30
N GLU D 594 -41.48 -33.56 17.24
CA GLU D 594 -42.27 -34.42 18.11
C GLU D 594 -43.59 -33.78 18.50
N GLY D 595 -43.65 -33.19 19.70
CA GLY D 595 -44.86 -32.54 20.16
C GLY D 595 -44.81 -31.03 19.98
N PHE D 596 -44.13 -30.61 18.91
CA PHE D 596 -43.96 -29.20 18.61
C PHE D 596 -45.23 -28.40 18.79
N GLN D 597 -45.15 -27.39 19.64
CA GLN D 597 -46.25 -26.49 19.93
C GLN D 597 -46.00 -25.20 19.14
N ALA D 598 -46.53 -25.11 17.93
CA ALA D 598 -46.33 -23.91 17.13
C ALA D 598 -46.83 -22.68 17.87
N LYS D 599 -45.93 -21.73 18.14
CA LYS D 599 -46.30 -20.51 18.84
C LYS D 599 -46.31 -19.34 17.87
N GLU D 600 -45.77 -19.58 16.68
CA GLU D 600 -45.72 -18.56 15.64
C GLU D 600 -44.80 -18.99 14.49
N ASP D 601 -44.97 -18.34 13.34
CA ASP D 601 -44.18 -18.64 12.16
C ASP D 601 -43.45 -17.36 11.76
N THR D 602 -42.13 -17.34 11.97
CA THR D 602 -41.33 -16.16 11.64
C THR D 602 -39.96 -16.52 11.09
N PRO D 603 -39.59 -15.93 9.95
CA PRO D 603 -38.30 -16.19 9.33
C PRO D 603 -37.10 -15.68 10.14
N THR D 604 -36.22 -16.60 10.57
CA THR D 604 -35.04 -16.21 11.32
C THR D 604 -33.88 -16.00 10.35
N LEU D 605 -32.73 -15.56 10.84
CA LEU D 605 -31.57 -15.35 9.96
C LEU D 605 -30.97 -16.69 9.65
N ALA D 606 -30.80 -17.48 10.71
CA ALA D 606 -30.24 -18.81 10.57
C ALA D 606 -31.03 -19.55 9.50
N ASP D 607 -32.35 -19.44 9.57
CA ASP D 607 -33.20 -20.07 8.59
C ASP D 607 -32.77 -19.58 7.20
N ARG D 608 -32.99 -18.30 6.94
CA ARG D 608 -32.62 -17.73 5.63
C ARG D 608 -31.21 -18.13 5.20
N PHE D 609 -30.35 -18.41 6.17
CA PHE D 609 -28.96 -18.78 5.90
C PHE D 609 -28.78 -20.21 5.41
N MET D 610 -29.01 -21.18 6.30
CA MET D 610 -28.84 -22.58 5.94
C MET D 610 -29.43 -22.83 4.57
N ARG D 611 -30.49 -22.10 4.24
CA ARG D 611 -31.13 -22.24 2.94
C ARG D 611 -30.17 -21.86 1.83
N SER D 612 -29.55 -20.69 1.96
CA SER D 612 -28.61 -20.21 0.95
C SER D 612 -27.39 -21.11 0.91
N ARG D 613 -26.99 -21.61 2.07
CA ARG D 613 -25.84 -22.50 2.10
C ARG D 613 -26.14 -23.81 1.36
N LEU D 614 -27.37 -24.30 1.47
CA LEU D 614 -27.74 -25.54 0.79
C LEU D 614 -27.56 -25.32 -0.69
N SER D 615 -28.10 -24.20 -1.20
CA SER D 615 -27.98 -23.89 -2.61
C SER D 615 -26.54 -24.11 -3.09
N ARG D 616 -25.55 -23.66 -2.32
CA ARG D 616 -24.16 -23.88 -2.71
C ARG D 616 -23.94 -25.37 -2.71
N GLY D 617 -24.16 -25.98 -1.55
CA GLY D 617 -23.98 -27.41 -1.38
C GLY D 617 -24.48 -28.21 -2.56
N VAL D 618 -25.73 -27.96 -2.95
CA VAL D 618 -26.34 -28.64 -4.08
C VAL D 618 -25.54 -28.38 -5.34
N GLU D 619 -25.35 -27.11 -5.66
CA GLU D 619 -24.62 -26.77 -6.86
C GLU D 619 -23.21 -27.34 -6.87
N GLU D 620 -22.44 -27.06 -5.82
CA GLU D 620 -21.06 -27.54 -5.74
C GLU D 620 -21.01 -29.06 -5.84
N ILE D 621 -21.88 -29.76 -5.11
CA ILE D 621 -21.86 -31.22 -5.12
C ILE D 621 -22.34 -31.86 -6.42
N THR D 622 -23.42 -31.35 -6.99
CA THR D 622 -23.91 -31.90 -8.24
C THR D 622 -22.81 -31.71 -9.28
N ALA D 623 -22.23 -30.52 -9.32
CA ALA D 623 -21.16 -30.21 -10.26
C ALA D 623 -20.00 -31.21 -10.18
N LEU D 624 -19.71 -31.70 -8.98
CA LEU D 624 -18.63 -32.66 -8.81
C LEU D 624 -19.03 -34.00 -9.39
N TYR D 625 -20.25 -34.43 -9.10
CA TYR D 625 -20.70 -35.69 -9.64
C TYR D 625 -20.60 -35.55 -11.15
N GLU D 626 -21.11 -34.43 -11.66
CA GLU D 626 -21.06 -34.15 -13.09
C GLU D 626 -19.61 -33.83 -13.45
N ALA D 627 -18.70 -34.74 -13.14
CA ALA D 627 -17.28 -34.54 -13.42
C ALA D 627 -16.59 -35.79 -12.94
N LEU D 628 -17.36 -36.67 -12.33
CA LEU D 628 -16.82 -37.92 -11.86
C LEU D 628 -15.86 -37.76 -10.70
N ASP D 629 -15.88 -36.59 -10.04
CA ASP D 629 -14.99 -36.35 -8.90
C ASP D 629 -15.72 -36.61 -7.60
N LEU D 630 -16.15 -37.85 -7.42
CA LEU D 630 -16.90 -38.21 -6.24
C LEU D 630 -16.18 -38.01 -4.93
N ALA D 631 -14.93 -38.45 -4.85
CA ALA D 631 -14.13 -38.31 -3.62
C ALA D 631 -14.15 -36.88 -3.07
N GLN D 632 -14.23 -35.90 -3.95
CA GLN D 632 -14.26 -34.51 -3.53
C GLN D 632 -15.66 -34.20 -3.01
N ALA D 633 -16.67 -34.66 -3.74
CA ALA D 633 -18.04 -34.45 -3.33
C ALA D 633 -18.21 -35.15 -1.98
N ALA D 634 -17.42 -36.19 -1.75
CA ALA D 634 -17.51 -36.92 -0.51
C ALA D 634 -17.19 -36.03 0.68
N ARG D 635 -16.11 -35.27 0.58
CA ARG D 635 -15.72 -34.40 1.68
C ARG D 635 -16.45 -33.07 1.63
N GLU D 636 -16.78 -32.63 0.42
CA GLU D 636 -17.47 -31.37 0.25
C GLU D 636 -18.80 -31.40 1.01
N VAL D 637 -19.46 -32.56 0.97
CA VAL D 637 -20.75 -32.73 1.63
C VAL D 637 -20.54 -32.96 3.12
N TYR D 638 -19.41 -33.55 3.46
CA TYR D 638 -19.07 -33.80 4.87
C TYR D 638 -19.22 -32.46 5.55
N GLU D 639 -18.56 -31.45 4.97
CA GLU D 639 -18.63 -30.09 5.49
C GLU D 639 -20.07 -29.65 5.57
N LEU D 640 -20.73 -29.52 4.43
CA LEU D 640 -22.12 -29.08 4.39
C LEU D 640 -22.94 -29.62 5.56
N VAL D 641 -22.90 -30.95 5.75
CA VAL D 641 -23.64 -31.59 6.83
C VAL D 641 -23.14 -31.23 8.22
N TRP D 642 -21.85 -31.45 8.47
CA TRP D 642 -21.23 -31.20 9.78
C TRP D 642 -20.98 -29.73 10.13
N SER D 643 -19.96 -29.17 9.52
CA SER D 643 -19.56 -27.79 9.75
C SER D 643 -20.61 -26.70 9.60
N GLU D 644 -21.63 -26.94 8.78
CA GLU D 644 -22.70 -25.95 8.61
C GLU D 644 -23.97 -26.40 9.34
N PHE D 645 -24.76 -27.22 8.66
CA PHE D 645 -25.99 -27.73 9.24
C PHE D 645 -25.87 -28.08 10.72
N CYS D 646 -25.05 -29.05 11.07
CA CYS D 646 -24.89 -29.46 12.45
C CYS D 646 -24.27 -28.46 13.43
N ASP D 647 -23.06 -28.00 13.14
CA ASP D 647 -22.36 -27.05 14.00
C ASP D 647 -23.05 -25.71 14.19
N TRP D 648 -23.69 -25.22 13.14
CA TRP D 648 -24.34 -23.92 13.26
C TRP D 648 -25.85 -23.85 13.14
N TYR D 649 -26.42 -24.20 11.99
CA TYR D 649 -27.85 -24.07 11.88
C TYR D 649 -28.63 -24.88 12.89
N LEU D 650 -28.31 -26.17 12.97
CA LEU D 650 -28.99 -27.02 13.91
C LEU D 650 -28.93 -26.41 15.33
N GLU D 651 -27.89 -25.62 15.61
CA GLU D 651 -27.72 -24.99 16.93
C GLU D 651 -28.45 -23.67 17.04
N ALA D 652 -28.19 -22.78 16.08
CA ALA D 652 -28.82 -21.48 16.05
C ALA D 652 -30.34 -21.63 16.03
N ALA D 653 -30.79 -22.84 15.69
CA ALA D 653 -32.22 -23.12 15.61
C ALA D 653 -32.83 -23.57 16.94
N LYS D 654 -32.05 -24.22 17.78
CA LYS D 654 -32.54 -24.71 19.08
C LYS D 654 -33.43 -23.71 19.82
N PRO D 655 -33.00 -22.44 19.95
CA PRO D 655 -33.84 -21.47 20.66
C PRO D 655 -35.16 -21.24 19.93
N ALA D 656 -35.09 -20.80 18.68
CA ALA D 656 -36.28 -20.53 17.88
C ALA D 656 -37.32 -21.66 17.95
N LEU D 657 -36.84 -22.88 18.18
CA LEU D 657 -37.74 -24.02 18.28
C LEU D 657 -38.48 -24.01 19.62
N LYS D 658 -37.74 -23.69 20.69
CA LYS D 658 -38.33 -23.62 22.03
C LYS D 658 -39.28 -22.43 22.11
N ALA D 659 -39.04 -21.43 21.27
CA ALA D 659 -39.92 -20.27 21.19
C ALA D 659 -41.08 -20.68 20.31
N GLY D 660 -41.08 -21.94 19.90
CA GLY D 660 -42.13 -22.50 19.05
C GLY D 660 -42.24 -21.90 17.65
N ASN D 661 -41.11 -21.54 17.04
CA ASN D 661 -41.17 -20.97 15.70
C ASN D 661 -41.38 -22.06 14.66
N ALA D 662 -42.48 -21.97 13.93
CA ALA D 662 -42.79 -22.95 12.90
C ALA D 662 -41.74 -22.92 11.78
N HIS D 663 -41.36 -21.73 11.32
CA HIS D 663 -40.39 -21.58 10.24
C HIS D 663 -39.08 -22.33 10.49
N THR D 664 -38.56 -22.28 11.71
CA THR D 664 -37.32 -23.00 11.99
C THR D 664 -37.53 -24.53 11.88
N LEU D 665 -38.60 -25.07 12.46
CA LEU D 665 -38.84 -26.51 12.36
C LEU D 665 -39.08 -26.84 10.89
N ARG D 666 -39.95 -26.06 10.26
CA ARG D 666 -40.28 -26.22 8.86
C ARG D 666 -38.96 -26.39 8.10
N THR D 667 -38.17 -25.33 8.09
CA THR D 667 -36.88 -25.31 7.39
C THR D 667 -35.92 -26.42 7.77
N LEU D 668 -35.85 -26.77 9.05
CA LEU D 668 -34.94 -27.83 9.46
C LEU D 668 -35.28 -29.12 8.75
N GLU D 669 -36.56 -29.29 8.41
CA GLU D 669 -37.00 -30.51 7.74
C GLU D 669 -36.72 -30.47 6.25
N GLU D 670 -37.14 -29.39 5.59
CA GLU D 670 -36.91 -29.26 4.16
C GLU D 670 -35.43 -29.42 3.83
N VAL D 671 -34.59 -28.97 4.75
CA VAL D 671 -33.14 -29.03 4.58
C VAL D 671 -32.57 -30.43 4.83
N LEU D 672 -32.98 -31.08 5.92
CA LEU D 672 -32.47 -32.41 6.21
C LEU D 672 -32.80 -33.31 5.03
N ALA D 673 -33.99 -33.11 4.49
CA ALA D 673 -34.46 -33.87 3.34
C ALA D 673 -33.40 -33.75 2.26
N VAL D 674 -33.34 -32.57 1.64
CA VAL D 674 -32.38 -32.29 0.59
C VAL D 674 -31.03 -32.88 0.92
N LEU D 675 -30.52 -32.60 2.11
CA LEU D 675 -29.22 -33.15 2.47
C LEU D 675 -29.22 -34.66 2.33
N LEU D 676 -30.25 -35.30 2.86
CA LEU D 676 -30.36 -36.75 2.76
C LEU D 676 -30.28 -37.24 1.30
N LYS D 677 -30.80 -36.47 0.36
CA LYS D 677 -30.73 -36.86 -1.04
C LYS D 677 -29.28 -36.87 -1.51
N LEU D 678 -28.60 -35.75 -1.33
CA LEU D 678 -27.21 -35.62 -1.75
C LEU D 678 -26.30 -36.72 -1.24
N LEU D 679 -26.51 -37.09 0.02
CA LEU D 679 -25.69 -38.11 0.67
C LEU D 679 -25.98 -39.53 0.22
N HIS D 680 -27.22 -39.76 -0.20
CA HIS D 680 -27.66 -41.10 -0.61
C HIS D 680 -26.74 -41.95 -1.52
N PRO D 681 -26.35 -41.41 -2.70
CA PRO D 681 -25.48 -42.12 -3.64
C PRO D 681 -24.32 -42.81 -2.92
N MET D 682 -23.86 -42.18 -1.83
CA MET D 682 -22.76 -42.69 -1.03
C MET D 682 -23.18 -43.56 0.16
N MET D 683 -24.14 -43.09 0.92
CA MET D 683 -24.60 -43.85 2.08
C MET D 683 -26.08 -44.10 1.87
N PRO D 684 -26.40 -45.10 1.04
CA PRO D 684 -27.75 -45.52 0.68
C PRO D 684 -28.65 -46.02 1.80
N PHE D 685 -28.15 -46.92 2.64
CA PHE D 685 -28.97 -47.47 3.72
C PHE D 685 -29.50 -46.46 4.73
N LEU D 686 -28.63 -46.00 5.61
CA LEU D 686 -28.99 -45.04 6.63
C LEU D 686 -29.73 -43.84 6.08
N THR D 687 -29.33 -43.40 4.90
CA THR D 687 -29.96 -42.26 4.29
C THR D 687 -31.39 -42.55 3.82
N SER D 688 -31.69 -43.81 3.51
CA SER D 688 -33.03 -44.19 3.06
C SER D 688 -33.91 -44.25 4.30
N GLU D 689 -33.40 -44.95 5.30
CA GLU D 689 -34.07 -45.10 6.58
C GLU D 689 -34.54 -43.74 7.11
N LEU D 690 -33.59 -42.81 7.26
CA LEU D 690 -33.93 -41.48 7.74
C LEU D 690 -34.94 -40.78 6.85
N TYR D 691 -34.74 -40.83 5.54
CA TYR D 691 -35.65 -40.15 4.63
C TYR D 691 -37.07 -40.61 4.82
N GLN D 692 -37.22 -41.90 5.06
CA GLN D 692 -38.54 -42.45 5.26
C GLN D 692 -39.18 -41.91 6.52
N ALA D 693 -38.40 -41.89 7.60
CA ALA D 693 -38.89 -41.37 8.89
C ALA D 693 -39.23 -39.88 8.84
N LEU D 694 -38.51 -39.13 8.02
CA LEU D 694 -38.76 -37.71 7.90
C LEU D 694 -39.88 -37.34 6.95
N THR D 695 -39.94 -38.03 5.82
CA THR D 695 -40.95 -37.75 4.79
C THR D 695 -42.03 -38.79 4.59
N GLY D 696 -41.78 -40.01 5.03
CA GLY D 696 -42.77 -41.05 4.85
C GLY D 696 -42.51 -41.84 3.57
N LYS D 697 -41.76 -41.24 2.63
CA LYS D 697 -41.41 -41.92 1.37
C LYS D 697 -40.66 -43.20 1.75
N GLU D 698 -40.77 -44.23 0.92
CA GLU D 698 -40.11 -45.47 1.24
C GLU D 698 -38.96 -45.80 0.30
N GLU D 699 -38.82 -45.03 -0.76
CA GLU D 699 -37.73 -45.27 -1.69
C GLU D 699 -37.08 -43.95 -2.12
N LEU D 700 -36.17 -43.48 -1.28
CA LEU D 700 -35.43 -42.26 -1.52
C LEU D 700 -34.70 -42.42 -2.85
N ALA D 701 -34.25 -43.66 -3.10
CA ALA D 701 -33.52 -44.01 -4.32
C ALA D 701 -34.20 -43.54 -5.61
N LEU D 702 -35.52 -43.50 -5.60
CA LEU D 702 -36.26 -43.09 -6.78
C LEU D 702 -36.54 -41.61 -6.82
N GLU D 703 -36.41 -40.93 -5.68
CA GLU D 703 -36.65 -39.50 -5.60
C GLU D 703 -35.82 -38.70 -6.59
N ALA D 704 -36.20 -37.46 -6.84
CA ALA D 704 -35.46 -36.63 -7.78
C ALA D 704 -34.32 -35.87 -7.14
N TRP D 705 -33.23 -35.71 -7.88
CA TRP D 705 -32.07 -34.99 -7.36
C TRP D 705 -32.44 -33.53 -7.13
N PRO D 706 -31.94 -32.94 -6.03
CA PRO D 706 -32.14 -31.57 -5.57
C PRO D 706 -31.70 -30.53 -6.59
N GLU D 707 -32.44 -29.45 -6.69
CA GLU D 707 -32.08 -28.39 -7.62
C GLU D 707 -31.67 -27.18 -6.80
N PRO D 708 -30.58 -26.50 -7.17
CA PRO D 708 -30.18 -25.33 -6.38
C PRO D 708 -31.34 -24.36 -6.27
N GLY D 709 -31.59 -23.87 -5.07
CA GLY D 709 -32.69 -22.94 -4.88
C GLY D 709 -32.23 -21.57 -4.44
N GLY D 710 -32.20 -21.37 -3.13
CA GLY D 710 -31.79 -20.11 -2.55
C GLY D 710 -30.49 -19.51 -3.07
N ARG D 711 -30.01 -18.49 -2.34
CA ARG D 711 -28.79 -17.78 -2.67
C ARG D 711 -28.87 -16.37 -2.08
N ASP D 712 -29.14 -16.27 -0.78
CA ASP D 712 -29.23 -14.95 -0.15
C ASP D 712 -27.84 -14.39 0.16
N GLU D 713 -27.43 -13.36 -0.58
CA GLU D 713 -26.12 -12.76 -0.37
C GLU D 713 -25.99 -12.13 1.02
N GLU D 714 -26.98 -11.33 1.40
CA GLU D 714 -26.96 -10.69 2.71
C GLU D 714 -26.76 -11.75 3.79
N ALA D 715 -27.84 -12.47 4.08
CA ALA D 715 -27.82 -13.53 5.09
C ALA D 715 -26.45 -14.19 5.34
N GLU D 716 -25.86 -14.78 4.30
CA GLU D 716 -24.56 -15.44 4.45
C GLU D 716 -23.57 -14.46 5.06
N ARG D 717 -23.68 -13.21 4.65
CA ARG D 717 -22.83 -12.11 5.11
C ARG D 717 -23.15 -11.71 6.55
N ALA D 718 -24.43 -11.52 6.83
CA ALA D 718 -24.88 -11.15 8.16
C ALA D 718 -24.48 -12.28 9.11
N PHE D 719 -25.08 -13.44 8.91
CA PHE D 719 -24.80 -14.60 9.74
C PHE D 719 -23.31 -14.84 9.99
N GLU D 720 -22.44 -14.27 9.17
CA GLU D 720 -21.01 -14.46 9.37
C GLU D 720 -20.57 -13.66 10.57
N ALA D 721 -20.97 -12.39 10.59
CA ALA D 721 -20.63 -11.51 11.70
C ALA D 721 -21.12 -12.19 12.98
N LEU D 722 -22.31 -12.79 12.89
CA LEU D 722 -22.92 -13.50 14.03
C LEU D 722 -21.93 -14.60 14.43
N LYS D 723 -21.48 -15.35 13.43
CA LYS D 723 -20.54 -16.44 13.63
C LYS D 723 -19.29 -15.92 14.32
N GLN D 724 -18.70 -14.86 13.76
CA GLN D 724 -17.49 -14.27 14.32
C GLN D 724 -17.68 -13.78 15.75
N ALA D 725 -18.69 -12.94 15.95
CA ALA D 725 -18.98 -12.45 17.28
C ALA D 725 -18.99 -13.66 18.22
N VAL D 726 -19.89 -14.60 17.96
CA VAL D 726 -20.00 -15.81 18.78
C VAL D 726 -18.67 -16.53 19.06
N THR D 727 -17.88 -16.78 18.03
CA THR D 727 -16.62 -17.47 18.26
C THR D 727 -15.61 -16.56 18.94
N ALA D 728 -15.66 -15.26 18.69
CA ALA D 728 -14.75 -14.32 19.35
C ALA D 728 -14.95 -14.49 20.87
N VAL D 729 -16.20 -14.41 21.29
CA VAL D 729 -16.56 -14.58 22.69
C VAL D 729 -16.13 -15.97 23.15
N ARG D 730 -16.54 -17.01 22.42
CA ARG D 730 -16.19 -18.38 22.80
C ARG D 730 -14.70 -18.47 23.09
N ALA D 731 -13.91 -17.79 22.27
CA ALA D 731 -12.46 -17.81 22.39
C ALA D 731 -11.98 -16.96 23.55
N LEU D 732 -12.62 -15.82 23.74
CA LEU D 732 -12.24 -14.95 24.84
C LEU D 732 -12.37 -15.73 26.14
N LYS D 733 -13.58 -16.22 26.41
CA LYS D 733 -13.85 -17.00 27.62
C LYS D 733 -12.79 -18.08 27.77
N ALA D 734 -12.39 -18.66 26.64
CA ALA D 734 -11.39 -19.71 26.64
C ALA D 734 -10.08 -19.20 27.22
N GLU D 735 -9.45 -18.28 26.49
CA GLU D 735 -8.20 -17.68 26.90
C GLU D 735 -8.26 -17.21 28.36
N ALA D 736 -9.36 -16.53 28.71
CA ALA D 736 -9.56 -16.01 30.06
C ALA D 736 -9.66 -17.07 31.14
N GLY D 737 -9.94 -18.31 30.73
CA GLY D 737 -10.06 -19.40 31.69
C GLY D 737 -11.44 -19.53 32.31
N LEU D 738 -12.43 -18.88 31.71
CA LEU D 738 -13.80 -18.95 32.21
C LEU D 738 -14.52 -20.20 31.73
N PRO D 739 -15.13 -20.95 32.65
CA PRO D 739 -15.87 -22.17 32.35
C PRO D 739 -16.97 -21.86 31.36
N PRO D 740 -17.05 -22.65 30.28
CA PRO D 740 -18.06 -22.42 29.25
C PRO D 740 -19.45 -22.16 29.83
N ALA D 741 -19.75 -22.80 30.96
CA ALA D 741 -21.05 -22.66 31.61
C ALA D 741 -21.32 -21.25 32.14
N GLN D 742 -20.36 -20.72 32.89
CA GLN D 742 -20.42 -19.39 33.49
C GLN D 742 -20.82 -18.28 32.51
N GLU D 743 -21.87 -17.53 32.85
CA GLU D 743 -22.34 -16.43 31.99
C GLU D 743 -21.39 -15.25 32.13
N VAL D 744 -21.18 -14.53 31.04
CA VAL D 744 -20.33 -13.37 31.07
C VAL D 744 -21.04 -12.37 30.22
N ARG D 745 -20.71 -11.11 30.41
CA ARG D 745 -21.33 -10.06 29.63
C ARG D 745 -20.21 -9.46 28.81
N VAL D 746 -20.41 -9.32 27.50
CA VAL D 746 -19.38 -8.77 26.64
C VAL D 746 -19.91 -7.65 25.75
N TYR D 747 -19.05 -6.69 25.48
CA TYR D 747 -19.43 -5.56 24.65
C TYR D 747 -19.00 -5.83 23.24
N LEU D 748 -19.83 -5.44 22.27
CA LEU D 748 -19.47 -5.65 20.87
C LEU D 748 -19.46 -4.36 20.08
N GLU D 749 -18.50 -4.23 19.18
CA GLU D 749 -18.40 -3.06 18.34
C GLU D 749 -17.97 -3.49 16.95
N GLY D 750 -18.68 -2.97 15.95
CA GLY D 750 -18.41 -3.30 14.57
C GLY D 750 -19.72 -3.67 13.91
N GLU D 751 -19.68 -4.65 13.00
CA GLU D 751 -20.89 -5.12 12.34
C GLU D 751 -21.60 -5.99 13.37
N THR D 752 -22.49 -5.35 14.15
CA THR D 752 -23.22 -6.00 15.22
C THR D 752 -24.73 -6.13 15.01
N ALA D 753 -25.21 -5.73 13.84
CA ALA D 753 -26.62 -5.84 13.53
C ALA D 753 -27.07 -7.27 13.86
N PRO D 754 -26.33 -8.27 13.33
CA PRO D 754 -26.67 -9.67 13.59
C PRO D 754 -26.97 -9.99 15.05
N VAL D 755 -25.93 -10.09 15.88
CA VAL D 755 -26.15 -10.41 17.30
C VAL D 755 -27.36 -9.70 17.87
N GLU D 756 -27.44 -8.39 17.66
CA GLU D 756 -28.55 -7.60 18.17
C GLU D 756 -29.91 -8.26 17.92
N GLU D 757 -30.26 -8.38 16.64
CA GLU D 757 -31.54 -8.96 16.21
C GLU D 757 -31.78 -10.40 16.66
N ASN D 758 -30.80 -11.26 16.45
CA ASN D 758 -30.93 -12.66 16.84
C ASN D 758 -30.26 -12.83 18.21
N LEU D 759 -30.54 -11.87 19.09
CA LEU D 759 -30.01 -11.81 20.44
C LEU D 759 -29.98 -13.14 21.19
N GLU D 760 -31.14 -13.72 21.43
CA GLU D 760 -31.24 -14.98 22.14
C GLU D 760 -30.32 -16.06 21.54
N VAL D 761 -30.27 -16.12 20.22
CA VAL D 761 -29.42 -17.09 19.54
C VAL D 761 -27.99 -16.91 19.99
N PHE D 762 -27.53 -15.66 19.94
CA PHE D 762 -26.18 -15.31 20.34
C PHE D 762 -25.83 -15.77 21.75
N ARG D 763 -26.66 -15.41 22.72
CA ARG D 763 -26.38 -15.80 24.10
C ARG D 763 -26.39 -17.31 24.31
N PHE D 764 -27.16 -18.03 23.50
CA PHE D 764 -27.22 -19.47 23.64
C PHE D 764 -25.95 -20.17 23.16
N LEU D 765 -25.36 -19.60 22.11
CA LEU D 765 -24.16 -20.19 21.53
C LEU D 765 -22.92 -19.78 22.33
N SER D 766 -22.78 -18.48 22.55
CA SER D 766 -21.66 -17.90 23.28
C SER D 766 -21.67 -18.20 24.78
N ARG D 767 -22.86 -18.12 25.36
CA ARG D 767 -23.05 -18.31 26.80
C ARG D 767 -22.56 -16.99 27.39
N ALA D 768 -23.12 -15.88 26.87
CA ALA D 768 -22.77 -14.53 27.30
C ALA D 768 -23.85 -13.49 26.99
N ASP D 769 -24.01 -12.51 27.88
CA ASP D 769 -24.99 -11.42 27.73
C ASP D 769 -24.43 -10.23 26.97
N LEU D 770 -25.23 -9.65 26.08
CA LEU D 770 -24.77 -8.52 25.30
C LEU D 770 -24.56 -7.30 26.20
N LEU D 771 -23.38 -6.71 26.11
CA LEU D 771 -23.02 -5.53 26.92
C LEU D 771 -23.24 -4.24 26.10
N PRO D 772 -24.17 -3.39 26.55
CA PRO D 772 -24.47 -2.13 25.85
C PRO D 772 -23.43 -1.00 25.97
N GLU D 773 -22.64 -1.00 27.05
CA GLU D 773 -21.64 0.07 27.25
C GLU D 773 -20.19 -0.36 27.22
N ARG D 774 -19.43 0.22 26.29
CA ARG D 774 -18.02 -0.09 26.15
C ARG D 774 -17.29 0.00 27.47
N PRO D 775 -16.80 -1.13 27.99
CA PRO D 775 -16.08 -1.08 29.28
C PRO D 775 -14.73 -0.38 29.15
N ALA D 776 -14.39 0.39 30.18
CA ALA D 776 -13.15 1.15 30.21
C ALA D 776 -11.89 0.31 29.98
N LYS D 777 -11.68 -0.65 30.87
CA LYS D 777 -10.53 -1.56 30.82
C LYS D 777 -11.04 -2.97 30.57
N ALA D 778 -10.57 -3.61 29.50
CA ALA D 778 -11.07 -4.94 29.21
C ALA D 778 -10.19 -5.77 28.31
N LEU D 779 -10.56 -7.06 28.22
CA LEU D 779 -9.88 -8.02 27.37
C LEU D 779 -10.53 -7.84 26.02
N VAL D 780 -9.76 -8.01 24.95
CA VAL D 780 -10.32 -7.82 23.61
C VAL D 780 -9.97 -8.98 22.69
N LYS D 781 -10.85 -9.24 21.74
CA LYS D 781 -10.63 -10.26 20.72
C LYS D 781 -11.02 -9.54 19.44
N ALA D 782 -10.08 -9.44 18.51
CA ALA D 782 -10.36 -8.73 17.27
C ALA D 782 -10.63 -9.66 16.09
N MET D 783 -11.78 -9.44 15.48
CA MET D 783 -12.23 -10.20 14.32
C MET D 783 -12.21 -9.23 13.16
N PRO D 784 -12.44 -9.75 11.93
CA PRO D 784 -12.43 -8.88 10.75
C PRO D 784 -13.65 -7.97 10.65
N ARG D 785 -14.82 -8.52 10.94
CA ARG D 785 -16.06 -7.75 10.84
C ARG D 785 -16.59 -7.18 12.15
N VAL D 786 -16.28 -7.84 13.27
CA VAL D 786 -16.74 -7.38 14.57
C VAL D 786 -15.61 -7.50 15.58
N THR D 787 -15.71 -6.72 16.66
CA THR D 787 -14.71 -6.76 17.74
C THR D 787 -15.45 -6.94 19.07
N ALA D 788 -14.86 -7.71 19.97
CA ALA D 788 -15.46 -7.96 21.27
C ALA D 788 -14.58 -7.55 22.44
N ARG D 789 -15.11 -6.67 23.28
CA ARG D 789 -14.41 -6.19 24.45
C ARG D 789 -15.12 -6.73 25.69
N MET D 790 -14.42 -7.55 26.46
CA MET D 790 -14.97 -8.17 27.67
C MET D 790 -14.39 -7.49 28.90
N PRO D 791 -15.25 -6.93 29.77
CA PRO D 791 -14.89 -6.21 31.00
C PRO D 791 -13.86 -6.92 31.87
N LEU D 792 -12.77 -6.22 32.13
CA LEU D 792 -11.70 -6.74 32.95
C LEU D 792 -12.18 -6.80 34.41
N GLU D 793 -13.00 -7.80 34.72
CA GLU D 793 -13.55 -7.95 36.07
C GLU D 793 -13.12 -9.22 36.81
N GLY D 794 -12.65 -9.01 38.03
CA GLY D 794 -12.24 -10.12 38.88
C GLY D 794 -11.16 -11.03 38.37
N LEU D 795 -11.33 -12.32 38.65
CA LEU D 795 -10.37 -13.35 38.28
C LEU D 795 -10.40 -13.74 36.80
N LEU D 796 -9.28 -13.51 36.12
CA LEU D 796 -9.16 -13.83 34.70
C LEU D 796 -7.73 -14.24 34.42
N ASP D 797 -7.53 -15.21 33.53
CA ASP D 797 -6.18 -15.66 33.19
C ASP D 797 -5.59 -14.69 32.19
N VAL D 798 -5.46 -13.44 32.62
CA VAL D 798 -4.96 -12.39 31.76
C VAL D 798 -3.64 -12.74 31.05
N GLU D 799 -2.71 -13.39 31.75
CA GLU D 799 -1.44 -13.74 31.12
C GLU D 799 -1.66 -14.62 29.87
N GLU D 800 -2.67 -15.48 29.91
CA GLU D 800 -2.96 -16.36 28.77
C GLU D 800 -3.55 -15.52 27.66
N TRP D 801 -4.47 -14.63 28.03
CA TRP D 801 -5.07 -13.77 27.04
C TRP D 801 -3.96 -12.98 26.35
N ARG D 802 -3.17 -12.22 27.11
CA ARG D 802 -2.11 -11.42 26.53
C ARG D 802 -1.16 -12.25 25.69
N ARG D 803 -0.87 -13.46 26.14
CA ARG D 803 0.04 -14.34 25.40
C ARG D 803 -0.52 -14.57 24.01
N ARG D 804 -1.82 -14.80 23.94
CA ARG D 804 -2.46 -15.03 22.66
C ARG D 804 -2.48 -13.79 21.79
N GLN D 805 -3.18 -12.74 22.21
CA GLN D 805 -3.25 -11.50 21.44
C GLN D 805 -1.88 -11.00 21.04
N GLU D 806 -0.89 -11.32 21.84
CA GLU D 806 0.47 -10.90 21.56
C GLU D 806 0.87 -11.60 20.26
N LYS D 807 0.58 -12.89 20.17
CA LYS D 807 0.91 -13.68 18.98
C LYS D 807 0.11 -13.21 17.77
N ARG D 808 -1.17 -12.91 17.96
CA ARG D 808 -2.00 -12.47 16.86
C ARG D 808 -1.41 -11.24 16.21
N LEU D 809 -0.90 -10.36 17.05
CA LEU D 809 -0.31 -9.11 16.60
C LEU D 809 0.97 -9.39 15.80
N LYS D 810 1.74 -10.39 16.25
CA LYS D 810 2.98 -10.77 15.55
C LYS D 810 2.49 -11.12 14.16
N GLU D 811 1.50 -12.02 14.11
CA GLU D 811 0.91 -12.52 12.86
C GLU D 811 0.30 -11.45 11.99
N LEU D 812 -0.53 -10.60 12.57
CA LEU D 812 -1.18 -9.55 11.80
C LEU D 812 -0.21 -8.60 11.08
N LEU D 813 0.84 -8.17 11.76
CA LEU D 813 1.80 -7.28 11.10
C LEU D 813 2.38 -8.05 9.94
N ALA D 814 2.92 -9.24 10.23
CA ALA D 814 3.50 -10.12 9.23
C ALA D 814 2.65 -10.20 7.95
N LEU D 815 1.34 -10.13 8.10
CA LEU D 815 0.46 -10.20 6.95
C LEU D 815 0.39 -8.85 6.25
N ALA D 816 0.32 -7.78 7.04
CA ALA D 816 0.27 -6.44 6.47
C ALA D 816 1.57 -6.18 5.72
N GLU D 817 2.64 -6.86 6.14
CA GLU D 817 3.93 -6.69 5.49
C GLU D 817 3.87 -7.30 4.11
N ARG D 818 3.13 -8.40 3.98
CA ARG D 818 2.97 -9.09 2.70
C ARG D 818 2.11 -8.26 1.76
N SER D 819 0.88 -7.99 2.18
CA SER D 819 -0.04 -7.17 1.39
C SER D 819 0.67 -5.91 0.91
N GLN D 820 1.56 -5.38 1.74
CA GLN D 820 2.31 -4.18 1.40
C GLN D 820 3.36 -4.52 0.36
N ARG D 821 4.10 -5.61 0.58
CA ARG D 821 5.15 -6.06 -0.33
C ARG D 821 4.58 -6.33 -1.70
N LYS D 822 3.42 -6.99 -1.73
CA LYS D 822 2.76 -7.29 -2.98
C LYS D 822 2.35 -5.99 -3.66
N LEU D 823 1.49 -5.22 -3.02
CA LEU D 823 1.03 -3.94 -3.58
C LEU D 823 2.16 -3.09 -4.19
N ALA D 824 3.37 -3.23 -3.66
CA ALA D 824 4.52 -2.47 -4.14
C ALA D 824 5.18 -3.14 -5.34
N SER D 825 5.31 -4.46 -5.26
CA SER D 825 5.94 -5.28 -6.32
C SER D 825 5.64 -4.74 -7.73
N PRO D 826 6.68 -4.68 -8.58
CA PRO D 826 6.53 -4.20 -9.96
C PRO D 826 5.59 -5.10 -10.75
N GLY D 827 4.53 -4.50 -11.30
CA GLY D 827 3.62 -5.29 -12.09
C GLY D 827 2.34 -5.68 -11.38
N PHE D 828 2.46 -6.34 -10.23
CA PHE D 828 1.28 -6.75 -9.50
C PHE D 828 0.22 -5.66 -9.52
N ARG D 829 0.62 -4.45 -9.14
CA ARG D 829 -0.27 -3.30 -9.07
C ARG D 829 -1.22 -3.20 -10.28
N GLU D 830 -0.72 -3.48 -11.48
CA GLU D 830 -1.53 -3.37 -12.69
C GLU D 830 -1.57 -4.60 -13.61
N LYS D 831 -0.80 -5.63 -13.28
CA LYS D 831 -0.78 -6.84 -14.10
C LYS D 831 -1.71 -7.94 -13.61
N ALA D 832 -2.47 -7.65 -12.56
CA ALA D 832 -3.42 -8.62 -12.03
C ALA D 832 -4.80 -7.99 -12.04
N PRO D 833 -5.85 -8.82 -12.06
CA PRO D 833 -7.25 -8.37 -12.08
C PRO D 833 -7.62 -7.44 -10.93
N LYS D 834 -8.30 -6.34 -11.25
CA LYS D 834 -8.71 -5.37 -10.24
C LYS D 834 -9.19 -6.15 -9.03
N GLU D 835 -10.08 -7.10 -9.29
CA GLU D 835 -10.65 -7.95 -8.25
C GLU D 835 -9.62 -8.43 -7.23
N VAL D 836 -8.39 -8.64 -7.68
CA VAL D 836 -7.32 -9.11 -6.82
C VAL D 836 -6.54 -7.98 -6.15
N VAL D 837 -6.31 -6.90 -6.89
CA VAL D 837 -5.57 -5.76 -6.34
C VAL D 837 -6.36 -5.04 -5.27
N GLU D 838 -7.67 -4.94 -5.47
CA GLU D 838 -8.54 -4.27 -4.50
C GLU D 838 -8.97 -5.20 -3.38
N ALA D 839 -8.34 -6.36 -3.30
CA ALA D 839 -8.63 -7.33 -2.25
C ALA D 839 -7.41 -7.33 -1.36
N GLU D 840 -6.24 -7.17 -1.97
CA GLU D 840 -5.00 -7.13 -1.23
C GLU D 840 -4.96 -5.76 -0.59
N GLU D 841 -5.54 -4.77 -1.25
CA GLU D 841 -5.60 -3.43 -0.68
C GLU D 841 -6.51 -3.50 0.52
N ALA D 842 -7.64 -4.18 0.36
CA ALA D 842 -8.60 -4.33 1.44
C ALA D 842 -7.95 -5.07 2.61
N ARG D 843 -7.28 -6.17 2.31
CA ARG D 843 -6.62 -6.96 3.34
C ARG D 843 -5.76 -6.03 4.19
N LEU D 844 -4.83 -5.34 3.54
CA LEU D 844 -3.95 -4.43 4.25
C LEU D 844 -4.75 -3.53 5.17
N LYS D 845 -5.77 -2.88 4.62
CA LYS D 845 -6.60 -1.96 5.39
C LYS D 845 -7.03 -2.50 6.75
N GLU D 846 -7.69 -3.65 6.76
CA GLU D 846 -8.18 -4.23 8.00
C GLU D 846 -7.14 -4.95 8.84
N ASN D 847 -6.07 -5.43 8.22
CA ASN D 847 -5.04 -6.11 8.97
C ASN D 847 -4.47 -5.15 10.01
N LEU D 848 -4.10 -3.95 9.57
CA LEU D 848 -3.56 -2.94 10.47
C LEU D 848 -4.64 -2.57 11.48
N GLU D 849 -5.84 -2.31 10.96
CA GLU D 849 -7.00 -1.95 11.76
C GLU D 849 -7.18 -2.84 13.00
N GLN D 850 -7.01 -4.14 12.82
CA GLN D 850 -7.14 -5.10 13.90
C GLN D 850 -5.90 -4.96 14.77
N ALA D 851 -4.74 -5.08 14.14
CA ALA D 851 -3.48 -4.98 14.84
C ALA D 851 -3.47 -3.82 15.81
N GLU D 852 -4.21 -2.76 15.47
CA GLU D 852 -4.31 -1.59 16.34
C GLU D 852 -5.06 -1.96 17.61
N ARG D 853 -6.36 -2.23 17.48
CA ARG D 853 -7.19 -2.58 18.61
C ARG D 853 -6.46 -3.59 19.52
N ILE D 854 -5.83 -4.59 18.91
CA ILE D 854 -5.12 -5.58 19.69
C ILE D 854 -3.94 -4.93 20.40
N ARG D 855 -3.28 -3.99 19.72
CA ARG D 855 -2.15 -3.30 20.31
C ARG D 855 -2.69 -2.50 21.50
N GLU D 856 -3.59 -1.56 21.21
CA GLU D 856 -4.18 -0.75 22.25
C GLU D 856 -4.66 -1.61 23.42
N ALA D 857 -5.04 -2.84 23.12
CA ALA D 857 -5.49 -3.72 24.19
C ALA D 857 -4.29 -4.16 25.01
N LEU D 858 -3.30 -4.77 24.35
CA LEU D 858 -2.12 -5.24 25.05
C LEU D 858 -1.44 -4.09 25.78
N SER D 859 -1.70 -2.89 25.27
CA SER D 859 -1.14 -1.65 25.82
C SER D 859 -1.76 -1.31 27.17
N GLN D 860 -3.08 -1.08 27.20
CA GLN D 860 -3.80 -0.75 28.42
C GLN D 860 -3.69 -1.82 29.51
N ILE D 861 -3.48 -3.08 29.11
CA ILE D 861 -3.40 -4.14 30.10
C ILE D 861 -2.01 -4.22 30.74
N GLY D 862 -2.00 -4.29 32.06
CA GLY D 862 -0.74 -4.38 32.79
C GLY D 862 0.02 -5.68 32.52
#